data_5U03
#
_entry.id   5U03
#
loop_
_entity.id
_entity.type
_entity.pdbx_description
1 polymer 'CTP synthase 1'
2 non-polymer "ADENOSINE-5'-TRIPHOSPHATE"
3 non-polymer "URIDINE 5'-TRIPHOSPHATE"
#
_entity_poly.entity_id   1
_entity_poly.type   'polypeptide(L)'
_entity_poly.pdbx_seq_one_letter_code
;MKYILVTGGVISGIGKGIIASSVGTILKSCGLHVTSIKIDPYINIDAGTFSPYEHGEVFVLDDGGEVDLDLGNYERFLDI
RLTKDNNLTTGKIYQYVINKERKGDYLGKTVQVVPHITDAIQEWVMRQALIPVDEDGLEPQVCVIELGGTVGDIESMPFI
EAFRQFQFKVKRENFCNIHVSLVPQPSSTGEQKTKPTQNSVRELRGLGLSPDLVVCRCSNPLDTSVKEKISMFCHVEPEQ
VICVHDVSSIYRVPLLLEEQGVVDYFLRRLDLPIERQPRKMLMKWKEMADRYDRLLETCSIALVGKYTKFSDSYASVIKA
LEHSALAINHKLEIKYIDSADLEPITSQEEPVRYHEAWQKLCSAHGVLVPGGFGVRGTEGKIQAIAWARNQKKPFLGVCL
GMQLAVVEFSRNVLGWQDANSTEFDPTTSHPVVVDMPEHNPGQMGGTMRLGKRRTLFQTKNSVMRKLYGDADYLEERHRH
RFEVNPVWKKCLEEQGLKFVGQDVEGERMEIVELEDHPFFVGVQYHPEFLSRPIKPSPPYFGLLLASVGRLSHYLQKGCR
LSPRDTYSDRSGSSSPDSEITELKFPSINHD
;
_entity_poly.pdbx_strand_id   A,B,C,D
#
loop_
_chem_comp.id
_chem_comp.type
_chem_comp.name
_chem_comp.formula
ATP non-polymer ADENOSINE-5'-TRIPHOSPHATE 'C10 H16 N5 O13 P3'
UTP non-polymer 'URIDINE 5'-TRIPHOSPHATE' 'C9 H15 N2 O15 P3'
#
# COMPACT_ATOMS: atom_id res chain seq x y z
N MET A 1 20.61 -22.46 15.13
CA MET A 1 20.16 -21.21 15.81
C MET A 1 18.70 -21.00 15.56
N LYS A 2 17.94 -20.79 16.65
CA LYS A 2 16.54 -20.49 16.55
C LYS A 2 16.50 -19.00 16.40
N TYR A 3 15.67 -18.49 15.47
CA TYR A 3 15.63 -17.06 15.33
C TYR A 3 14.27 -16.56 15.68
N ILE A 4 14.13 -16.09 16.94
CA ILE A 4 12.87 -15.61 17.42
C ILE A 4 12.88 -14.14 17.14
N LEU A 5 12.06 -13.71 16.15
CA LEU A 5 12.05 -12.32 15.80
C LEU A 5 10.95 -11.64 16.54
N VAL A 6 11.28 -10.56 17.25
CA VAL A 6 10.26 -9.85 17.98
C VAL A 6 9.91 -8.64 17.18
N THR A 7 8.66 -8.62 16.67
CA THR A 7 8.18 -7.47 15.95
C THR A 7 7.06 -6.89 16.75
N GLY A 8 6.52 -5.73 16.32
CA GLY A 8 5.40 -5.17 17.01
C GLY A 8 4.86 -4.03 16.21
N GLY A 9 3.61 -3.61 16.51
CA GLY A 9 3.08 -2.49 15.79
C GLY A 9 2.36 -1.56 16.74
N VAL A 10 1.62 -0.61 16.13
CA VAL A 10 0.72 0.32 16.75
C VAL A 10 1.43 1.43 17.44
N ILE A 11 2.36 1.13 18.38
CA ILE A 11 2.99 2.22 19.07
C ILE A 11 4.24 1.71 19.70
N SER A 12 5.25 2.60 19.83
CA SER A 12 6.48 2.24 20.47
C SER A 12 6.17 2.22 21.94
N GLY A 13 6.97 1.48 22.73
CA GLY A 13 6.78 1.49 24.15
C GLY A 13 5.78 0.43 24.48
N ILE A 14 5.51 -0.45 23.50
CA ILE A 14 4.55 -1.50 23.63
C ILE A 14 5.10 -2.55 24.55
N GLY A 15 6.43 -2.74 24.56
CA GLY A 15 6.99 -3.62 25.56
C GLY A 15 7.67 -4.78 24.90
N LYS A 16 8.24 -4.55 23.71
CA LYS A 16 8.89 -5.61 22.98
C LYS A 16 10.09 -6.06 23.76
N GLY A 17 10.92 -5.13 24.25
CA GLY A 17 12.09 -5.52 25.00
C GLY A 17 11.69 -6.16 26.29
N ILE A 18 10.52 -5.81 26.84
CA ILE A 18 10.10 -6.38 28.07
C ILE A 18 9.82 -7.84 27.87
N ILE A 19 9.10 -8.17 26.78
CA ILE A 19 8.76 -9.54 26.51
C ILE A 19 10.01 -10.26 26.12
N ALA A 20 10.89 -9.60 25.36
CA ALA A 20 12.07 -10.27 24.88
C ALA A 20 12.87 -10.71 26.06
N SER A 21 13.02 -9.84 27.08
CA SER A 21 13.83 -10.15 28.23
C SER A 21 13.18 -11.22 29.03
N SER A 22 11.83 -11.22 29.09
CA SER A 22 11.12 -12.21 29.84
C SER A 22 11.31 -13.56 29.21
N VAL A 23 11.23 -13.63 27.87
CA VAL A 23 11.31 -14.90 27.22
C VAL A 23 12.74 -15.33 27.29
N GLY A 24 13.65 -14.36 27.18
CA GLY A 24 15.04 -14.70 27.10
C GLY A 24 15.41 -15.46 28.32
N THR A 25 15.03 -14.95 29.52
CA THR A 25 15.44 -15.56 30.75
C THR A 25 14.75 -16.87 30.91
N ILE A 26 13.54 -16.97 30.34
CA ILE A 26 12.85 -18.21 30.37
C ILE A 26 13.62 -19.22 29.59
N LEU A 27 14.11 -18.84 28.39
CA LEU A 27 14.80 -19.78 27.56
C LEU A 27 16.09 -20.20 28.20
N LYS A 28 16.72 -19.28 28.96
CA LYS A 28 17.92 -19.60 29.68
C LYS A 28 17.58 -20.58 30.76
N SER A 29 16.44 -20.39 31.44
CA SER A 29 16.02 -21.30 32.46
C SER A 29 15.83 -22.66 31.86
N CYS A 30 15.24 -22.70 30.66
CA CYS A 30 15.03 -23.93 29.94
C CYS A 30 16.34 -24.60 29.74
N GLY A 31 17.42 -23.82 29.50
CA GLY A 31 18.74 -24.38 29.49
C GLY A 31 19.38 -24.08 28.17
N LEU A 32 18.87 -23.06 27.46
CA LEU A 32 19.39 -22.71 26.17
C LEU A 32 20.44 -21.65 26.34
N HIS A 33 21.44 -21.66 25.42
CA HIS A 33 22.40 -20.59 25.32
C HIS A 33 21.69 -19.49 24.58
N VAL A 34 21.22 -18.47 25.32
CA VAL A 34 20.41 -17.47 24.71
C VAL A 34 21.26 -16.28 24.36
N THR A 35 21.05 -15.72 23.16
CA THR A 35 21.72 -14.51 22.76
C THR A 35 20.67 -13.60 22.19
N SER A 36 21.04 -12.39 21.74
CA SER A 36 20.02 -11.52 21.22
C SER A 36 20.63 -10.47 20.36
N ILE A 37 19.82 -9.89 19.45
CA ILE A 37 20.25 -8.80 18.61
C ILE A 37 19.18 -7.75 18.67
N LYS A 38 19.59 -6.49 18.92
CA LYS A 38 18.68 -5.37 18.92
C LYS A 38 18.91 -4.61 17.65
N ILE A 39 17.89 -4.60 16.77
CA ILE A 39 18.05 -3.89 15.53
C ILE A 39 17.31 -2.59 15.65
N ASP A 40 18.05 -1.46 15.59
CA ASP A 40 17.43 -0.16 15.72
C ASP A 40 17.41 0.44 14.36
N PRO A 41 16.24 0.79 13.91
CA PRO A 41 16.05 1.29 12.58
C PRO A 41 16.88 2.53 12.41
N TYR A 42 17.20 3.20 13.52
CA TYR A 42 17.96 4.41 13.60
C TYR A 42 18.95 4.62 12.51
N ILE A 43 18.84 5.82 11.92
CA ILE A 43 19.66 6.34 10.86
C ILE A 43 20.98 6.68 11.44
N ASN A 44 21.02 6.98 12.76
CA ASN A 44 22.21 7.41 13.41
C ASN A 44 22.92 6.22 13.93
N ILE A 45 24.09 6.47 14.56
CA ILE A 45 24.86 5.40 15.07
C ILE A 45 25.28 5.96 16.39
N ASP A 46 25.39 5.07 17.40
CA ASP A 46 25.91 5.43 18.67
C ASP A 46 24.84 6.16 19.43
N ALA A 47 24.21 5.42 20.37
CA ALA A 47 23.15 5.85 21.24
C ALA A 47 23.70 6.80 22.24
N GLY A 48 25.04 6.80 22.39
CA GLY A 48 25.69 7.60 23.40
C GLY A 48 25.53 9.06 23.10
N THR A 49 25.18 9.42 21.84
CA THR A 49 24.99 10.79 21.46
C THR A 49 23.57 11.26 21.73
N PHE A 50 22.66 10.34 22.10
CA PHE A 50 21.26 10.63 22.30
C PHE A 50 21.04 11.16 23.69
N SER A 51 19.93 11.90 23.90
CA SER A 51 19.63 12.52 25.15
C SER A 51 19.02 11.50 26.06
N PRO A 52 19.43 11.52 27.30
CA PRO A 52 18.81 10.70 28.31
C PRO A 52 17.42 11.10 28.67
N TYR A 53 16.98 12.31 28.28
CA TYR A 53 15.62 12.67 28.59
C TYR A 53 14.82 12.20 27.42
N GLU A 54 15.42 12.36 26.23
CA GLU A 54 14.74 11.93 25.04
C GLU A 54 14.40 10.47 25.06
N HIS A 55 15.35 9.64 25.55
CA HIS A 55 15.20 8.22 25.53
C HIS A 55 15.46 7.57 26.83
N GLY A 56 16.63 7.89 27.43
CA GLY A 56 16.92 7.29 28.68
C GLY A 56 18.36 6.93 28.66
N GLU A 57 18.74 6.04 29.59
CA GLU A 57 20.11 5.68 29.82
C GLU A 57 20.70 5.09 28.59
N VAL A 58 22.00 5.34 28.41
CA VAL A 58 22.76 4.68 27.40
C VAL A 58 23.52 3.65 28.15
N PHE A 59 23.19 2.38 27.91
CA PHE A 59 23.81 1.34 28.68
C PHE A 59 25.20 1.21 28.15
N VAL A 60 26.18 1.05 29.05
CA VAL A 60 27.53 0.96 28.62
C VAL A 60 27.85 -0.49 28.64
N LEU A 61 28.43 -0.98 27.55
CA LEU A 61 28.70 -2.38 27.47
C LEU A 61 30.11 -2.57 27.93
N ASP A 62 30.53 -3.84 28.06
CA ASP A 62 31.84 -4.14 28.53
C ASP A 62 32.84 -3.50 27.62
N ASP A 63 32.53 -3.44 26.31
CA ASP A 63 33.49 -2.96 25.36
C ASP A 63 33.31 -1.49 25.17
N GLY A 64 32.58 -0.83 26.09
CA GLY A 64 32.40 0.60 25.98
C GLY A 64 31.33 0.88 24.99
N GLY A 65 30.54 -0.15 24.63
CA GLY A 65 29.47 0.09 23.71
C GLY A 65 28.51 1.06 24.32
N GLU A 66 27.93 1.94 23.48
CA GLU A 66 27.04 2.94 23.97
C GLU A 66 25.71 2.56 23.40
N VAL A 67 24.89 1.82 24.17
CA VAL A 67 23.76 1.23 23.52
C VAL A 67 22.52 1.51 24.33
N ASP A 68 21.38 0.97 23.87
CA ASP A 68 20.10 1.11 24.46
C ASP A 68 20.07 0.26 25.70
N LEU A 69 19.34 0.75 26.70
CA LEU A 69 19.21 0.19 28.01
C LEU A 69 18.59 -1.18 27.96
N ASP A 70 17.81 -1.48 26.91
CA ASP A 70 17.11 -2.73 26.85
C ASP A 70 18.13 -3.83 26.84
N LEU A 71 19.34 -3.54 26.34
CA LEU A 71 20.36 -4.56 26.30
C LEU A 71 20.89 -4.76 27.69
N GLY A 72 20.86 -3.69 28.51
CA GLY A 72 21.22 -3.83 29.89
C GLY A 72 20.15 -4.61 30.58
N ASN A 73 18.88 -4.45 30.14
CA ASN A 73 17.80 -5.18 30.74
C ASN A 73 18.04 -6.63 30.45
N TYR A 74 18.55 -6.91 29.24
CA TYR A 74 18.80 -8.28 28.88
C TYR A 74 19.88 -8.81 29.76
N GLU A 75 20.87 -7.97 30.09
CA GLU A 75 21.93 -8.39 30.96
C GLU A 75 21.49 -8.45 32.40
N ARG A 76 20.34 -7.85 32.74
CA ARG A 76 19.81 -8.09 34.06
C ARG A 76 19.16 -9.43 34.14
N PHE A 77 18.31 -9.74 33.14
CA PHE A 77 17.61 -11.00 33.01
C PHE A 77 18.48 -12.18 32.68
N LEU A 78 19.59 -11.97 31.93
CA LEU A 78 20.50 -13.04 31.55
C LEU A 78 21.89 -12.58 31.89
N ASP A 79 22.79 -13.53 32.23
CA ASP A 79 24.11 -13.21 32.70
C ASP A 79 24.98 -12.87 31.54
N ILE A 80 24.52 -13.29 30.35
CA ILE A 80 25.11 -13.07 29.06
C ILE A 80 25.73 -11.71 29.01
N ARG A 81 26.80 -11.58 28.21
CA ARG A 81 27.48 -10.33 28.06
C ARG A 81 27.28 -9.90 26.63
N LEU A 82 26.90 -8.64 26.41
CA LEU A 82 26.67 -8.19 25.08
C LEU A 82 27.75 -7.25 24.67
N THR A 83 27.97 -7.12 23.36
CA THR A 83 28.99 -6.27 22.80
C THR A 83 28.32 -5.39 21.80
N LYS A 84 29.07 -4.47 21.18
CA LYS A 84 28.52 -3.52 20.24
C LYS A 84 27.97 -4.28 19.08
N ASP A 85 28.45 -5.52 18.88
CA ASP A 85 28.03 -6.26 17.73
C ASP A 85 26.57 -6.54 17.86
N ASN A 86 26.08 -6.63 19.10
CA ASN A 86 24.70 -6.93 19.37
C ASN A 86 23.75 -5.79 19.12
N ASN A 87 24.23 -4.61 18.68
CA ASN A 87 23.31 -3.53 18.40
C ASN A 87 23.65 -2.89 17.09
N LEU A 88 22.72 -2.97 16.12
CA LEU A 88 23.00 -2.49 14.79
C LEU A 88 22.07 -1.36 14.49
N THR A 89 22.57 -0.37 13.72
CA THR A 89 21.70 0.65 13.21
C THR A 89 21.92 0.72 11.74
N THR A 90 21.02 1.44 11.04
CA THR A 90 21.05 1.55 9.61
C THR A 90 22.12 2.52 9.24
N GLY A 91 22.43 3.46 10.14
CA GLY A 91 23.55 4.32 9.97
C GLY A 91 24.79 3.49 9.90
N LYS A 92 24.89 2.51 10.82
CA LYS A 92 26.02 1.63 10.83
C LYS A 92 26.08 0.93 9.50
N ILE A 93 24.96 0.33 9.07
CA ILE A 93 24.93 -0.41 7.84
C ILE A 93 25.30 0.45 6.68
N TYR A 94 24.77 1.70 6.63
CA TYR A 94 25.10 2.58 5.55
C TYR A 94 26.59 2.65 5.38
N GLN A 95 27.30 3.08 6.44
CA GLN A 95 28.70 3.35 6.27
C GLN A 95 29.37 2.07 5.88
N TYR A 96 28.96 0.95 6.48
CA TYR A 96 29.57 -0.31 6.21
C TYR A 96 29.50 -0.60 4.75
N VAL A 97 28.30 -0.55 4.16
CA VAL A 97 28.11 -0.91 2.78
C VAL A 97 28.79 0.09 1.91
N ILE A 98 28.66 1.39 2.26
CA ILE A 98 29.23 2.43 1.46
C ILE A 98 30.70 2.18 1.33
N ASN A 99 31.35 1.76 2.44
CA ASN A 99 32.75 1.47 2.40
C ASN A 99 32.99 0.42 1.38
N LYS A 100 32.18 -0.66 1.40
CA LYS A 100 32.42 -1.75 0.50
C LYS A 100 32.17 -1.30 -0.90
N GLU A 101 31.24 -0.33 -1.07
CA GLU A 101 31.00 0.20 -2.38
C GLU A 101 32.25 0.85 -2.89
N ARG A 102 32.93 1.62 -2.02
CA ARG A 102 34.10 2.34 -2.41
C ARG A 102 35.17 1.35 -2.74
N LYS A 103 35.19 0.23 -2.00
CA LYS A 103 36.15 -0.83 -2.17
C LYS A 103 35.93 -1.51 -3.50
N GLY A 104 34.77 -1.31 -4.14
CA GLY A 104 34.55 -2.00 -5.38
C GLY A 104 34.15 -3.42 -5.13
N ASP A 105 33.63 -3.72 -3.93
CA ASP A 105 33.33 -5.07 -3.57
C ASP A 105 32.13 -5.50 -4.36
N TYR A 106 31.41 -4.51 -4.92
CA TYR A 106 30.23 -4.73 -5.73
C TYR A 106 30.54 -4.49 -7.18
N LEU A 107 31.84 -4.50 -7.56
CA LEU A 107 32.22 -4.32 -8.93
C LEU A 107 31.87 -2.94 -9.40
N GLY A 108 31.69 -2.00 -8.46
CA GLY A 108 31.36 -0.66 -8.85
C GLY A 108 29.94 -0.57 -9.28
N LYS A 109 29.15 -1.63 -9.07
CA LYS A 109 27.82 -1.60 -9.60
C LYS A 109 26.95 -1.07 -8.51
N THR A 110 25.76 -0.55 -8.88
CA THR A 110 24.88 -0.03 -7.87
C THR A 110 24.46 -1.18 -7.02
N VAL A 111 24.27 -0.93 -5.71
CA VAL A 111 23.71 -1.92 -4.85
C VAL A 111 22.31 -1.50 -4.56
N GLN A 112 21.43 -2.49 -4.25
CA GLN A 112 20.07 -2.13 -3.97
C GLN A 112 19.68 -2.79 -2.68
N VAL A 113 18.56 -2.30 -2.10
CA VAL A 113 18.07 -2.87 -0.87
C VAL A 113 17.99 -4.34 -1.12
N VAL A 114 17.33 -4.72 -2.22
CA VAL A 114 17.26 -6.11 -2.56
C VAL A 114 18.05 -6.25 -3.82
N PRO A 115 18.97 -7.16 -3.90
CA PRO A 115 19.26 -8.11 -2.85
C PRO A 115 20.29 -7.64 -1.85
N HIS A 116 21.04 -6.56 -2.13
CA HIS A 116 22.31 -6.35 -1.50
C HIS A 116 22.20 -6.03 -0.04
N ILE A 117 21.25 -5.18 0.36
CA ILE A 117 21.19 -4.74 1.72
C ILE A 117 20.60 -5.83 2.55
N THR A 118 19.56 -6.49 2.03
CA THR A 118 18.89 -7.54 2.74
C THR A 118 19.84 -8.69 2.92
N ASP A 119 20.77 -8.88 1.99
CA ASP A 119 21.79 -9.89 2.16
C ASP A 119 22.71 -9.48 3.26
N ALA A 120 23.13 -8.21 3.27
CA ALA A 120 24.02 -7.74 4.30
C ALA A 120 23.35 -7.94 5.63
N ILE A 121 22.05 -7.65 5.71
CA ILE A 121 21.32 -7.81 6.94
C ILE A 121 21.42 -9.23 7.40
N GLN A 122 21.17 -10.18 6.49
CA GLN A 122 21.19 -11.57 6.84
C GLN A 122 22.57 -11.95 7.28
N GLU A 123 23.60 -11.35 6.65
CA GLU A 123 24.94 -11.60 7.03
C GLU A 123 25.14 -11.19 8.45
N TRP A 124 24.68 -9.99 8.81
CA TRP A 124 24.82 -9.47 10.14
C TRP A 124 24.23 -10.43 11.11
N VAL A 125 23.04 -10.98 10.78
CA VAL A 125 22.39 -11.93 11.64
C VAL A 125 23.35 -13.03 11.96
N MET A 126 24.03 -13.57 10.95
CA MET A 126 24.95 -14.64 11.18
C MET A 126 26.17 -14.15 11.89
N ARG A 127 26.58 -12.89 11.63
CA ARG A 127 27.80 -12.41 12.22
C ARG A 127 27.69 -12.46 13.71
N GLN A 128 26.49 -12.14 14.22
CA GLN A 128 26.23 -12.13 15.63
C GLN A 128 25.70 -13.45 16.10
N ALA A 129 25.06 -14.20 15.18
CA ALA A 129 24.53 -15.48 15.55
C ALA A 129 25.67 -16.34 16.01
N LEU A 130 26.83 -16.20 15.34
CA LEU A 130 27.98 -17.01 15.60
C LEU A 130 28.74 -16.58 16.83
N ILE A 131 28.30 -15.51 17.54
CA ILE A 131 29.05 -15.03 18.67
C ILE A 131 28.41 -15.50 19.94
N PRO A 132 29.15 -16.26 20.70
CA PRO A 132 28.66 -16.65 21.99
C PRO A 132 28.62 -15.52 22.94
N VAL A 133 27.66 -15.56 23.90
CA VAL A 133 27.59 -14.42 24.76
C VAL A 133 27.55 -14.97 26.13
N ASP A 134 28.41 -15.97 26.39
CA ASP A 134 28.48 -16.68 27.64
C ASP A 134 29.90 -17.13 27.79
N GLU A 135 30.19 -17.73 28.95
CA GLU A 135 31.53 -18.22 29.18
C GLU A 135 31.69 -19.38 28.24
N ASP A 136 30.56 -20.07 27.95
CA ASP A 136 30.51 -21.17 27.03
C ASP A 136 30.75 -20.60 25.67
N GLY A 137 31.94 -20.86 25.07
CA GLY A 137 32.15 -20.25 23.78
C GLY A 137 31.52 -21.10 22.72
N LEU A 138 30.18 -21.18 22.75
CA LEU A 138 29.50 -22.01 21.80
C LEU A 138 28.42 -21.18 21.17
N GLU A 139 28.25 -21.32 19.84
CA GLU A 139 27.19 -20.63 19.16
C GLU A 139 25.92 -20.81 19.93
N PRO A 140 25.33 -19.71 20.29
CA PRO A 140 24.12 -19.75 21.09
C PRO A 140 23.08 -20.55 20.39
N GLN A 141 22.12 -21.12 21.16
CA GLN A 141 21.13 -21.99 20.61
C GLN A 141 19.94 -21.22 20.13
N VAL A 142 19.71 -20.02 20.71
CA VAL A 142 18.57 -19.25 20.29
C VAL A 142 18.92 -17.79 20.33
N CYS A 143 18.50 -17.05 19.29
CA CYS A 143 18.75 -15.64 19.26
C CYS A 143 17.43 -14.95 19.22
N VAL A 144 17.18 -14.05 20.19
CA VAL A 144 15.96 -13.29 20.15
C VAL A 144 16.32 -11.96 19.57
N ILE A 145 15.56 -11.53 18.53
CA ILE A 145 15.93 -10.33 17.86
C ILE A 145 14.88 -9.30 18.13
N GLU A 146 15.28 -8.20 18.80
CA GLU A 146 14.36 -7.14 19.00
C GLU A 146 14.43 -6.24 17.82
N LEU A 147 13.41 -6.31 16.95
CA LEU A 147 13.38 -5.46 15.81
C LEU A 147 12.63 -4.23 16.20
N GLY A 148 13.33 -3.08 16.20
CA GLY A 148 12.72 -1.87 16.66
C GLY A 148 11.86 -1.35 15.55
N GLY A 149 11.15 -0.23 15.83
CA GLY A 149 10.26 0.33 14.86
C GLY A 149 8.93 -0.33 15.04
N THR A 150 7.94 0.10 14.23
CA THR A 150 6.66 -0.53 14.25
C THR A 150 6.36 -0.93 12.85
N VAL A 151 5.40 -1.86 12.67
CA VAL A 151 5.06 -2.29 11.35
C VAL A 151 4.50 -1.10 10.65
N GLY A 152 5.07 -0.79 9.47
CA GLY A 152 4.58 0.31 8.68
C GLY A 152 5.66 1.32 8.56
N ASP A 153 6.71 1.22 9.40
CA ASP A 153 7.77 2.20 9.34
C ASP A 153 8.70 1.80 8.24
N ILE A 154 8.96 2.74 7.32
CA ILE A 154 9.85 2.54 6.22
C ILE A 154 11.23 2.21 6.74
N GLU A 155 11.55 2.68 7.96
CA GLU A 155 12.86 2.50 8.52
C GLU A 155 13.18 1.06 8.69
N SER A 156 12.15 0.21 8.85
CA SER A 156 12.30 -1.19 9.14
C SER A 156 12.00 -2.06 7.95
N MET A 157 11.54 -1.51 6.82
CA MET A 157 11.06 -2.34 5.75
C MET A 157 12.16 -3.18 5.19
N PRO A 158 13.34 -2.66 5.01
CA PRO A 158 14.41 -3.50 4.53
C PRO A 158 14.57 -4.75 5.32
N PHE A 159 14.28 -4.72 6.63
CA PHE A 159 14.48 -5.88 7.45
C PHE A 159 13.31 -6.80 7.32
N ILE A 160 12.11 -6.25 7.04
CA ILE A 160 10.97 -7.09 6.83
C ILE A 160 11.27 -8.02 5.70
N GLU A 161 11.87 -7.50 4.62
CA GLU A 161 12.18 -8.31 3.48
C GLU A 161 13.27 -9.27 3.83
N ALA A 162 14.32 -8.78 4.50
CA ALA A 162 15.43 -9.64 4.81
C ALA A 162 14.91 -10.84 5.53
N PHE A 163 14.08 -10.64 6.56
CA PHE A 163 13.58 -11.70 7.37
C PHE A 163 12.58 -12.53 6.63
N ARG A 164 11.79 -11.91 5.73
CA ARG A 164 10.77 -12.64 5.05
C ARG A 164 11.43 -13.78 4.34
N GLN A 165 12.53 -13.52 3.62
CA GLN A 165 13.23 -14.51 2.86
C GLN A 165 14.04 -15.39 3.76
N PHE A 166 14.68 -14.79 4.79
CA PHE A 166 15.57 -15.43 5.71
C PHE A 166 14.90 -16.60 6.36
N GLN A 167 13.63 -16.42 6.77
CA GLN A 167 12.96 -17.44 7.53
C GLN A 167 12.81 -18.65 6.67
N PHE A 168 12.96 -18.50 5.34
CA PHE A 168 12.87 -19.62 4.45
C PHE A 168 14.24 -20.17 4.16
N LYS A 169 15.31 -19.37 4.34
CA LYS A 169 16.63 -19.93 4.20
C LYS A 169 16.91 -20.78 5.39
N VAL A 170 16.31 -20.46 6.54
CA VAL A 170 16.46 -21.30 7.68
C VAL A 170 15.25 -22.15 7.70
N LYS A 171 15.18 -23.13 8.61
CA LYS A 171 14.04 -24.01 8.57
C LYS A 171 12.93 -23.33 9.32
N ARG A 172 11.70 -23.82 9.09
CA ARG A 172 10.51 -23.29 9.72
C ARG A 172 10.73 -23.29 11.19
N GLU A 173 11.20 -24.43 11.73
CA GLU A 173 11.31 -24.60 13.14
C GLU A 173 12.47 -23.80 13.65
N ASN A 174 13.25 -23.17 12.76
CA ASN A 174 14.37 -22.40 13.24
C ASN A 174 14.03 -20.93 13.25
N PHE A 175 12.74 -20.56 13.11
CA PHE A 175 12.43 -19.18 13.05
C PHE A 175 11.08 -19.02 13.69
N CYS A 176 10.92 -17.99 14.52
CA CYS A 176 9.65 -17.80 15.18
C CYS A 176 9.29 -16.36 15.02
N ASN A 177 8.00 -16.09 14.68
CA ASN A 177 7.60 -14.73 14.50
C ASN A 177 6.78 -14.34 15.69
N ILE A 178 7.32 -13.42 16.52
CA ILE A 178 6.58 -12.90 17.63
C ILE A 178 6.11 -11.54 17.22
N HIS A 179 4.80 -11.27 17.39
CA HIS A 179 4.31 -9.97 17.06
C HIS A 179 3.65 -9.41 18.27
N VAL A 180 4.11 -8.23 18.72
CA VAL A 180 3.52 -7.63 19.87
C VAL A 180 2.56 -6.60 19.38
N SER A 181 1.34 -6.56 19.95
CA SER A 181 0.39 -5.56 19.50
C SER A 181 -0.23 -4.93 20.71
N LEU A 182 -1.33 -4.18 20.49
CA LEU A 182 -1.90 -3.40 21.53
C LEU A 182 -3.39 -3.60 21.55
N VAL A 183 -3.95 -3.81 22.75
CA VAL A 183 -5.37 -3.83 22.90
C VAL A 183 -5.68 -2.62 23.72
N PRO A 184 -6.01 -1.54 23.06
CA PRO A 184 -6.36 -0.34 23.77
C PRO A 184 -7.72 -0.43 24.39
N GLN A 185 -8.00 0.40 25.39
CA GLN A 185 -9.28 0.32 26.05
C GLN A 185 -9.62 1.70 26.52
N PRO A 186 -10.56 2.32 25.86
CA PRO A 186 -10.93 3.66 26.27
C PRO A 186 -11.48 3.62 27.65
N SER A 187 -11.32 4.71 28.42
CA SER A 187 -11.91 4.78 29.72
C SER A 187 -13.31 5.22 29.60
N SER A 188 -13.68 5.80 28.44
CA SER A 188 -15.00 6.32 28.27
C SER A 188 -15.94 5.20 27.97
N THR A 189 -15.42 4.08 27.41
CA THR A 189 -16.26 2.98 27.07
C THR A 189 -15.86 1.78 27.85
N GLY A 190 -14.55 1.55 27.99
CA GLY A 190 -14.08 0.36 28.67
C GLY A 190 -14.10 -0.78 27.70
N GLU A 191 -14.29 -0.51 26.40
CA GLU A 191 -14.36 -1.59 25.46
C GLU A 191 -12.98 -1.88 24.98
N GLN A 192 -12.60 -3.17 25.04
CA GLN A 192 -11.30 -3.61 24.58
C GLN A 192 -11.35 -3.65 23.09
N LYS A 193 -10.42 -2.93 22.43
CA LYS A 193 -10.46 -2.86 20.99
C LYS A 193 -9.37 -3.72 20.42
N THR A 194 -9.73 -4.47 19.36
CA THR A 194 -8.91 -5.42 18.67
C THR A 194 -8.53 -4.94 17.30
N LYS A 195 -9.31 -3.99 16.74
CA LYS A 195 -9.09 -3.49 15.40
C LYS A 195 -7.69 -3.01 15.20
N PRO A 196 -7.10 -2.27 16.10
CA PRO A 196 -5.76 -1.84 15.86
C PRO A 196 -4.84 -3.01 15.62
N THR A 197 -5.05 -4.11 16.36
CA THR A 197 -4.24 -5.28 16.20
C THR A 197 -4.53 -5.88 14.86
N GLN A 198 -5.82 -5.92 14.50
CA GLN A 198 -6.22 -6.48 13.24
C GLN A 198 -5.52 -5.73 12.16
N ASN A 199 -5.36 -4.42 12.33
CA ASN A 199 -4.75 -3.61 11.32
C ASN A 199 -3.30 -3.97 11.22
N SER A 200 -2.61 -4.03 12.37
CA SER A 200 -1.19 -4.27 12.36
C SER A 200 -0.92 -5.62 11.77
N VAL A 201 -1.65 -6.65 12.22
CA VAL A 201 -1.37 -8.00 11.83
C VAL A 201 -1.66 -8.14 10.37
N ARG A 202 -2.78 -7.56 9.92
CA ARG A 202 -3.18 -7.65 8.55
C ARG A 202 -2.07 -7.09 7.70
N GLU A 203 -1.54 -5.92 8.10
CA GLU A 203 -0.50 -5.28 7.36
C GLU A 203 0.71 -6.16 7.36
N LEU A 204 1.01 -6.77 8.51
CA LEU A 204 2.18 -7.60 8.62
C LEU A 204 2.05 -8.77 7.69
N ARG A 205 0.86 -9.40 7.66
CA ARG A 205 0.68 -10.55 6.82
C ARG A 205 0.66 -10.11 5.39
N GLY A 206 0.32 -8.83 5.14
CA GLY A 206 0.42 -8.29 3.82
C GLY A 206 1.86 -8.29 3.43
N LEU A 207 2.71 -7.78 4.33
CA LEU A 207 4.13 -7.69 4.13
C LEU A 207 4.67 -9.06 3.87
N GLY A 208 4.04 -10.11 4.44
CA GLY A 208 4.50 -11.43 4.14
C GLY A 208 4.94 -12.14 5.37
N LEU A 209 4.68 -11.56 6.56
CA LEU A 209 5.12 -12.25 7.75
C LEU A 209 3.91 -12.61 8.55
N SER A 210 3.96 -13.79 9.22
CA SER A 210 2.79 -14.25 9.92
C SER A 210 3.27 -14.69 11.27
N PRO A 211 2.77 -14.03 12.28
CA PRO A 211 3.10 -14.33 13.65
C PRO A 211 2.83 -15.74 14.03
N ASP A 212 3.74 -16.34 14.83
CA ASP A 212 3.50 -17.63 15.41
C ASP A 212 2.81 -17.41 16.72
N LEU A 213 3.15 -16.31 17.42
CA LEU A 213 2.45 -15.93 18.61
C LEU A 213 2.21 -14.46 18.54
N VAL A 214 1.06 -14.01 19.06
CA VAL A 214 0.79 -12.61 19.06
C VAL A 214 0.69 -12.18 20.48
N VAL A 215 1.60 -11.29 20.92
CA VAL A 215 1.53 -10.82 22.27
C VAL A 215 0.58 -9.67 22.24
N CYS A 216 -0.39 -9.66 23.18
CA CYS A 216 -1.32 -8.59 23.17
C CYS A 216 -1.11 -7.78 24.40
N ARG A 217 -0.70 -6.51 24.22
CA ARG A 217 -0.56 -5.65 25.35
C ARG A 217 -1.96 -5.29 25.73
N CYS A 218 -2.41 -5.78 26.89
CA CYS A 218 -3.77 -5.59 27.31
C CYS A 218 -3.70 -4.75 28.54
N SER A 219 -4.81 -4.07 28.91
CA SER A 219 -4.82 -3.35 30.16
C SER A 219 -5.15 -4.35 31.21
N ASN A 220 -6.43 -4.77 31.26
CA ASN A 220 -6.87 -5.85 32.08
C ASN A 220 -6.89 -7.05 31.20
N PRO A 221 -7.05 -8.22 31.74
CA PRO A 221 -7.07 -9.38 30.89
C PRO A 221 -8.19 -9.31 29.91
N LEU A 222 -8.03 -9.98 28.75
CA LEU A 222 -9.07 -10.06 27.78
C LEU A 222 -10.06 -11.09 28.22
N ASP A 223 -11.32 -10.95 27.77
CA ASP A 223 -12.30 -11.94 28.05
C ASP A 223 -12.26 -12.91 26.91
N THR A 224 -13.10 -13.96 26.97
CA THR A 224 -12.98 -15.05 26.05
C THR A 224 -13.39 -14.55 24.70
N SER A 225 -14.53 -13.84 24.64
CA SER A 225 -15.12 -13.50 23.38
C SER A 225 -14.16 -12.67 22.59
N VAL A 226 -13.37 -11.82 23.27
CA VAL A 226 -12.42 -10.99 22.59
C VAL A 226 -11.38 -11.85 21.94
N LYS A 227 -10.86 -12.82 22.70
CA LYS A 227 -9.82 -13.71 22.30
C LYS A 227 -10.30 -14.50 21.11
N GLU A 228 -11.60 -14.85 21.12
CA GLU A 228 -12.17 -15.68 20.11
C GLU A 228 -12.29 -14.88 18.84
N LYS A 229 -12.65 -13.59 18.98
CA LYS A 229 -12.72 -12.69 17.85
C LYS A 229 -11.37 -12.54 17.23
N ILE A 230 -10.33 -12.38 18.06
CA ILE A 230 -9.00 -12.16 17.58
C ILE A 230 -8.61 -13.38 16.83
N SER A 231 -8.84 -14.55 17.45
CA SER A 231 -8.55 -15.83 16.88
C SER A 231 -9.10 -15.86 15.47
N MET A 232 -10.37 -15.48 15.29
CA MET A 232 -10.94 -15.52 13.98
C MET A 232 -10.26 -14.53 13.08
N PHE A 233 -10.12 -13.27 13.52
CA PHE A 233 -9.60 -12.22 12.68
C PHE A 233 -8.21 -12.51 12.19
N CYS A 234 -7.35 -13.08 13.05
CA CYS A 234 -5.99 -13.44 12.76
C CYS A 234 -5.84 -14.86 12.29
N HIS A 235 -6.86 -15.70 12.47
CA HIS A 235 -6.77 -17.08 12.05
C HIS A 235 -5.68 -17.77 12.80
N VAL A 236 -5.65 -17.57 14.13
CA VAL A 236 -4.62 -18.09 14.98
C VAL A 236 -5.36 -18.77 16.10
N GLU A 237 -4.68 -19.61 16.90
CA GLU A 237 -5.36 -20.29 17.97
C GLU A 237 -5.46 -19.31 19.10
N PRO A 238 -6.45 -19.47 19.93
CA PRO A 238 -6.56 -18.66 21.12
C PRO A 238 -5.40 -18.88 22.04
N GLU A 239 -4.67 -19.99 21.87
CA GLU A 239 -3.44 -20.17 22.57
C GLU A 239 -2.50 -19.11 22.11
N GLN A 240 -2.42 -18.93 20.77
CA GLN A 240 -1.55 -17.99 20.13
C GLN A 240 -1.99 -16.58 20.43
N VAL A 241 -3.27 -16.38 20.81
CA VAL A 241 -3.66 -15.08 21.30
C VAL A 241 -3.19 -14.99 22.71
N ILE A 242 -2.08 -14.25 22.93
CA ILE A 242 -1.49 -14.17 24.24
C ILE A 242 -1.89 -12.86 24.81
N CYS A 243 -2.68 -12.86 25.91
CA CYS A 243 -2.96 -11.60 26.52
C CYS A 243 -1.98 -11.37 27.63
N VAL A 244 -1.20 -10.28 27.51
CA VAL A 244 -0.31 -9.92 28.57
C VAL A 244 -0.86 -8.63 29.09
N HIS A 245 -1.64 -8.72 30.18
CA HIS A 245 -2.24 -7.56 30.78
C HIS A 245 -1.18 -6.78 31.50
N ASP A 246 -1.50 -5.52 31.83
CA ASP A 246 -0.53 -4.66 32.45
C ASP A 246 -0.30 -5.21 33.82
N VAL A 247 0.98 -5.22 34.24
CA VAL A 247 1.32 -5.74 35.53
C VAL A 247 1.90 -4.63 36.32
N SER A 248 1.81 -4.73 37.65
CA SER A 248 2.33 -3.72 38.52
C SER A 248 3.82 -3.72 38.41
N SER A 249 4.44 -4.88 38.09
CA SER A 249 5.87 -4.87 37.91
C SER A 249 6.27 -5.98 37.00
N ILE A 250 7.37 -5.74 36.27
CA ILE A 250 7.78 -6.46 35.09
C ILE A 250 7.98 -7.90 35.45
N TYR A 251 8.42 -8.13 36.68
CA TYR A 251 8.78 -9.41 37.20
C TYR A 251 7.61 -10.37 37.13
N ARG A 252 6.38 -9.85 36.97
CA ARG A 252 5.20 -10.66 36.91
C ARG A 252 5.01 -11.27 35.55
N VAL A 253 5.70 -10.74 34.52
CA VAL A 253 5.47 -11.14 33.16
C VAL A 253 6.00 -12.52 32.89
N PRO A 254 7.19 -12.85 33.29
CA PRO A 254 7.64 -14.20 33.08
C PRO A 254 6.66 -15.16 33.66
N LEU A 255 6.03 -14.81 34.79
CA LEU A 255 5.12 -15.71 35.44
C LEU A 255 3.87 -15.78 34.63
N LEU A 256 3.42 -14.63 34.10
CA LEU A 256 2.28 -14.60 33.23
C LEU A 256 2.52 -15.49 32.06
N LEU A 257 3.71 -15.41 31.46
CA LEU A 257 3.98 -16.20 30.29
C LEU A 257 3.91 -17.65 30.65
N GLU A 258 4.35 -18.02 31.87
CA GLU A 258 4.24 -19.36 32.35
C GLU A 258 2.80 -19.78 32.42
N GLU A 259 1.93 -18.87 32.90
CA GLU A 259 0.55 -19.21 33.03
C GLU A 259 0.03 -19.51 31.66
N GLN A 260 0.50 -18.74 30.67
CA GLN A 260 0.10 -18.88 29.30
C GLN A 260 0.67 -20.13 28.72
N GLY A 261 1.85 -20.60 29.19
CA GLY A 261 2.32 -21.86 28.67
C GLY A 261 2.94 -21.66 27.33
N VAL A 262 3.50 -20.47 27.11
CA VAL A 262 4.07 -20.12 25.84
C VAL A 262 5.29 -20.95 25.60
N VAL A 263 5.91 -21.44 26.68
CA VAL A 263 7.12 -22.21 26.59
C VAL A 263 6.82 -23.49 25.90
N ASP A 264 5.71 -24.14 26.32
CA ASP A 264 5.34 -25.39 25.78
C ASP A 264 5.08 -25.22 24.32
N TYR A 265 4.47 -24.09 23.94
CA TYR A 265 4.26 -23.80 22.56
C TYR A 265 5.59 -23.77 21.86
N PHE A 266 6.59 -23.08 22.44
CA PHE A 266 7.86 -22.98 21.78
C PHE A 266 8.44 -24.34 21.62
N LEU A 267 8.26 -25.21 22.62
CA LEU A 267 8.84 -26.52 22.56
C LEU A 267 8.26 -27.25 21.39
N ARG A 268 6.95 -27.06 21.15
CA ARG A 268 6.33 -27.74 20.04
C ARG A 268 6.63 -27.06 18.75
N ARG A 269 6.81 -25.72 18.78
CA ARG A 269 6.90 -24.96 17.57
C ARG A 269 8.29 -25.02 17.01
N LEU A 270 9.29 -24.86 17.89
CA LEU A 270 10.69 -24.88 17.56
C LEU A 270 11.24 -26.27 17.67
N ASP A 271 10.41 -27.23 18.11
CA ASP A 271 10.83 -28.59 18.22
C ASP A 271 12.05 -28.65 19.08
N LEU A 272 11.89 -28.26 20.36
CA LEU A 272 12.97 -28.22 21.29
C LEU A 272 12.64 -29.15 22.41
N PRO A 273 13.57 -29.99 22.77
CA PRO A 273 13.41 -30.78 23.95
C PRO A 273 13.59 -29.94 25.19
N ILE A 274 13.15 -30.45 26.35
CA ILE A 274 13.31 -29.72 27.59
C ILE A 274 13.35 -30.75 28.67
N GLU A 275 14.38 -30.68 29.55
CA GLU A 275 14.32 -31.43 30.76
C GLU A 275 13.85 -30.49 31.82
N ARG A 276 13.05 -30.99 32.79
CA ARG A 276 12.49 -30.03 33.68
C ARG A 276 12.24 -30.62 35.03
N GLN A 277 11.82 -29.72 35.94
CA GLN A 277 11.41 -29.94 37.31
C GLN A 277 10.20 -29.07 37.26
N PRO A 278 10.04 -27.98 37.97
CA PRO A 278 8.86 -27.27 37.62
C PRO A 278 9.39 -26.87 36.29
N ARG A 279 8.50 -26.55 35.35
CA ARG A 279 8.96 -26.31 34.01
C ARG A 279 10.16 -25.43 34.06
N LYS A 280 10.07 -24.29 34.75
CA LYS A 280 11.17 -23.38 34.74
C LYS A 280 11.23 -22.77 36.10
N MET A 281 12.21 -21.88 36.32
CA MET A 281 12.28 -21.30 37.63
C MET A 281 11.17 -20.31 37.69
N LEU A 282 11.51 -22.46 39.31
CA LEU A 282 10.37 -21.62 39.56
C LEU A 282 10.61 -20.70 40.70
N MET A 283 11.23 -21.18 41.80
CA MET A 283 11.42 -20.41 42.99
C MET A 283 12.15 -19.13 42.71
N LYS A 284 12.91 -19.02 41.61
CA LYS A 284 13.59 -17.77 41.36
C LYS A 284 12.57 -16.66 41.34
N TRP A 285 11.61 -16.71 40.41
CA TRP A 285 10.73 -15.60 40.15
C TRP A 285 9.61 -15.66 41.14
N LYS A 286 9.31 -16.89 41.60
CA LYS A 286 8.24 -17.13 42.53
C LYS A 286 8.60 -16.54 43.85
N GLU A 287 9.81 -16.84 44.37
CA GLU A 287 10.21 -16.27 45.63
C GLU A 287 10.24 -14.78 45.51
N MET A 288 10.82 -14.27 44.42
CA MET A 288 10.91 -12.83 44.34
C MET A 288 9.53 -12.28 44.34
N ALA A 289 8.61 -12.93 43.63
CA ALA A 289 7.27 -12.42 43.55
C ALA A 289 6.69 -12.41 44.93
N ASP A 290 7.00 -13.43 45.73
CA ASP A 290 6.43 -13.51 47.05
C ASP A 290 6.96 -12.35 47.85
N ARG A 291 8.23 -12.00 47.61
CA ARG A 291 8.86 -10.98 48.39
C ARG A 291 8.32 -9.66 47.96
N TYR A 292 8.07 -9.52 46.64
CA TYR A 292 7.55 -8.30 46.12
C TYR A 292 6.19 -8.08 46.68
N ASP A 293 5.40 -9.15 46.83
CA ASP A 293 4.11 -9.04 47.42
C ASP A 293 4.23 -8.85 48.91
N ARG A 294 5.27 -9.44 49.54
CA ARG A 294 5.35 -9.28 50.96
C ARG A 294 6.45 -8.33 51.31
N LEU A 295 6.14 -7.03 51.36
CA LEU A 295 7.18 -6.09 51.63
C LEU A 295 6.95 -5.68 53.04
N LEU A 296 8.42 -3.11 54.47
CA LEU A 296 7.84 -2.63 55.68
C LEU A 296 7.40 -1.25 55.37
N GLU A 297 8.18 -0.29 55.89
CA GLU A 297 7.97 1.11 55.74
C GLU A 297 8.44 1.51 54.38
N THR A 298 7.89 2.64 53.89
CA THR A 298 8.30 3.17 52.63
C THR A 298 9.40 4.15 52.87
N CYS A 299 10.58 3.88 52.28
CA CYS A 299 11.69 4.78 52.41
C CYS A 299 11.66 5.63 51.18
N SER A 300 11.80 6.96 51.34
CA SER A 300 11.68 7.79 50.19
C SER A 300 13.01 8.39 49.90
N ILE A 301 13.27 8.67 48.62
CA ILE A 301 14.52 9.24 48.23
C ILE A 301 14.22 10.42 47.37
N ALA A 302 14.98 11.50 47.58
CA ALA A 302 14.73 12.69 46.80
C ALA A 302 15.65 12.64 45.63
N LEU A 303 15.06 12.41 44.44
CA LEU A 303 15.80 12.49 43.22
C LEU A 303 15.82 13.95 42.90
N VAL A 304 17.02 14.56 42.90
CA VAL A 304 17.12 15.96 42.67
C VAL A 304 17.78 16.13 41.35
N GLY A 305 17.15 16.86 40.41
CA GLY A 305 17.86 17.03 39.18
C GLY A 305 17.07 17.83 38.18
N LYS A 306 17.50 17.72 36.92
CA LYS A 306 17.00 18.45 35.79
C LYS A 306 15.95 17.63 35.10
N TYR A 307 16.43 16.47 34.60
CA TYR A 307 15.85 15.52 33.68
C TYR A 307 15.03 14.61 34.50
N THR A 308 15.16 14.85 35.80
CA THR A 308 14.36 14.44 36.90
C THR A 308 12.93 14.67 36.68
N LYS A 309 12.53 15.70 35.89
CA LYS A 309 11.14 15.70 35.57
C LYS A 309 10.93 14.33 35.08
N PHE A 310 9.89 13.73 35.66
CA PHE A 310 9.56 12.38 35.40
C PHE A 310 9.64 12.03 34.00
N SER A 311 10.40 10.96 33.87
CA SER A 311 10.72 10.37 32.66
C SER A 311 11.23 9.06 33.14
N ASP A 312 11.65 8.21 32.22
CA ASP A 312 12.26 6.99 32.59
C ASP A 312 13.74 7.17 32.48
N SER A 313 14.23 8.43 32.53
CA SER A 313 15.65 8.69 32.38
C SER A 313 16.43 7.94 33.41
N TYR A 314 15.78 7.66 34.54
CA TYR A 314 16.33 7.01 35.68
C TYR A 314 15.83 5.63 35.94
N ALA A 315 15.26 4.95 34.93
CA ALA A 315 14.76 3.62 35.07
C ALA A 315 15.76 2.64 35.61
N SER A 316 17.05 2.66 35.20
CA SER A 316 17.94 1.66 35.74
C SER A 316 18.42 2.08 37.09
N VAL A 317 18.40 3.40 37.37
CA VAL A 317 18.79 3.93 38.64
C VAL A 317 17.77 3.54 39.67
N ILE A 318 16.48 3.76 39.37
CA ILE A 318 15.45 3.35 40.28
C ILE A 318 15.49 1.86 40.43
N LYS A 319 15.72 1.13 39.32
CA LYS A 319 15.78 -0.31 39.40
C LYS A 319 16.88 -0.73 40.32
N ALA A 320 18.02 -0.02 40.30
CA ALA A 320 19.09 -0.36 41.17
C ALA A 320 18.61 -0.20 42.58
N LEU A 321 17.85 0.88 42.85
CA LEU A 321 17.33 1.13 44.16
C LEU A 321 16.38 0.02 44.54
N GLU A 322 15.64 -0.51 43.55
CA GLU A 322 14.70 -1.56 43.81
C GLU A 322 15.44 -2.79 44.23
N HIS A 323 16.62 -3.01 43.64
CA HIS A 323 17.39 -4.15 44.04
C HIS A 323 17.67 -4.06 45.50
N SER A 324 18.02 -2.87 46.00
CA SER A 324 18.33 -2.70 47.38
C SER A 324 17.08 -2.84 48.20
N ALA A 325 15.96 -2.27 47.72
CA ALA A 325 14.71 -2.33 48.44
C ALA A 325 14.32 -3.75 48.62
N LEU A 326 14.54 -4.61 47.61
CA LEU A 326 14.19 -5.99 47.77
C LEU A 326 15.09 -6.63 48.78
N ALA A 327 16.39 -6.29 48.77
CA ALA A 327 17.28 -6.98 49.66
C ALA A 327 16.83 -6.75 51.07
N ILE A 328 16.54 -5.48 51.40
CA ILE A 328 16.20 -5.04 52.72
C ILE A 328 14.76 -5.33 52.97
N ASN A 329 13.97 -5.54 51.90
CA ASN A 329 12.58 -5.86 51.98
C ASN A 329 11.78 -4.69 52.49
N HIS A 330 12.08 -3.47 51.98
CA HIS A 330 11.29 -2.34 52.38
C HIS A 330 10.66 -1.78 51.15
N LYS A 331 9.80 -0.76 51.32
CA LYS A 331 9.10 -0.18 50.21
C LYS A 331 9.85 1.04 49.82
N LEU A 332 9.60 1.57 48.61
CA LEU A 332 10.44 2.61 48.08
C LEU A 332 9.61 3.64 47.40
N GLU A 333 9.84 4.92 47.77
CA GLU A 333 9.15 6.00 47.14
C GLU A 333 10.20 6.77 46.39
N ILE A 334 9.97 7.06 45.09
CA ILE A 334 10.86 7.95 44.39
C ILE A 334 10.25 9.31 44.29
N LYS A 335 10.90 10.29 44.95
CA LYS A 335 10.41 11.62 44.81
C LYS A 335 11.13 12.20 43.66
N TYR A 336 10.39 12.99 42.91
CA TYR A 336 10.93 13.62 41.77
C TYR A 336 10.96 15.09 42.02
N ILE A 337 12.12 15.63 42.44
CA ILE A 337 12.20 17.04 42.71
C ILE A 337 13.04 17.73 41.68
N ASP A 338 12.40 18.61 40.89
CA ASP A 338 13.11 19.41 39.95
C ASP A 338 13.98 20.27 40.81
N SER A 339 15.31 20.19 40.63
CA SER A 339 16.23 20.96 41.41
C SER A 339 15.93 22.42 41.25
N ALA A 340 15.35 22.79 40.11
CA ALA A 340 15.03 24.17 39.83
C ALA A 340 14.03 24.68 40.82
N ASP A 341 13.15 23.80 41.33
CA ASP A 341 12.13 24.18 42.26
C ASP A 341 12.71 24.50 43.60
N LEU A 342 13.98 24.12 43.83
CA LEU A 342 14.66 24.40 45.06
C LEU A 342 15.30 25.76 45.05
N GLU A 343 15.27 26.46 43.89
CA GLU A 343 15.90 27.75 43.73
C GLU A 343 14.94 28.88 43.99
N PRO A 344 15.53 29.97 44.47
CA PRO A 344 14.84 31.19 44.77
C PRO A 344 14.21 31.82 43.58
N ILE A 345 14.59 31.40 42.36
CA ILE A 345 13.92 31.86 41.18
C ILE A 345 12.51 31.36 41.25
N THR A 346 12.35 30.09 41.62
CA THR A 346 11.08 29.46 41.79
C THR A 346 10.34 30.12 42.91
N SER A 347 11.04 30.43 44.01
CA SER A 347 10.38 31.14 45.06
C SER A 347 9.74 32.36 44.48
N GLN A 348 10.47 33.08 43.61
CA GLN A 348 9.89 34.27 43.04
C GLN A 348 8.75 33.91 42.13
N GLU A 349 8.90 32.83 41.33
CA GLU A 349 7.86 32.48 40.39
C GLU A 349 6.67 31.86 41.06
N GLU A 350 6.82 30.63 41.59
CA GLU A 350 5.74 30.03 42.30
C GLU A 350 6.29 29.46 43.57
N PRO A 351 6.13 30.18 44.63
CA PRO A 351 6.66 29.78 45.90
C PRO A 351 5.94 28.59 46.46
N VAL A 352 4.76 28.25 45.91
CA VAL A 352 4.12 27.03 46.32
C VAL A 352 5.01 25.89 45.98
N ARG A 353 5.50 25.85 44.73
CA ARG A 353 6.33 24.77 44.30
C ARG A 353 7.64 24.83 45.01
N TYR A 354 8.14 26.05 45.26
CA TYR A 354 9.41 26.24 45.92
C TYR A 354 9.37 25.54 47.24
N HIS A 355 8.39 25.89 48.10
CA HIS A 355 8.37 25.39 49.44
C HIS A 355 7.95 23.96 49.43
N GLU A 356 7.09 23.57 48.47
CA GLU A 356 6.70 22.20 48.36
C GLU A 356 7.90 21.34 48.10
N ALA A 357 8.81 21.79 47.21
CA ALA A 357 9.94 21.00 46.86
C ALA A 357 10.80 20.77 48.07
N TRP A 358 11.09 21.86 48.82
CA TRP A 358 11.89 21.74 50.00
C TRP A 358 11.21 20.97 51.07
N GLN A 359 9.86 21.06 51.16
CA GLN A 359 9.17 20.26 52.12
C GLN A 359 9.41 18.82 51.78
N LYS A 360 9.28 18.45 50.49
CA LYS A 360 9.45 17.08 50.08
C LYS A 360 10.85 16.65 50.37
N LEU A 361 11.83 17.54 50.09
CA LEU A 361 13.21 17.20 50.27
C LEU A 361 13.44 16.80 51.69
N CYS A 362 12.91 17.56 52.65
CA CYS A 362 13.13 17.25 54.04
C CYS A 362 12.47 15.95 54.41
N SER A 363 11.26 15.71 53.89
CA SER A 363 10.53 14.50 54.15
C SER A 363 11.21 13.29 53.60
N ALA A 364 12.10 13.45 52.59
CA ALA A 364 12.87 12.34 52.13
C ALA A 364 13.84 11.82 53.13
N HIS A 365 14.04 10.49 53.07
CA HIS A 365 14.89 9.74 53.92
C HIS A 365 16.32 9.86 53.46
N GLY A 366 16.56 9.85 52.14
CA GLY A 366 17.88 10.10 51.62
C GLY A 366 17.74 10.94 50.39
N VAL A 367 18.87 11.41 49.82
CA VAL A 367 18.82 12.22 48.64
C VAL A 367 19.78 11.69 47.64
N LEU A 368 19.49 11.92 46.33
CA LEU A 368 20.36 11.47 45.28
C LEU A 368 20.52 12.60 44.31
N VAL A 369 21.78 13.03 44.07
CA VAL A 369 22.03 14.00 43.05
C VAL A 369 22.88 13.29 42.04
N PRO A 370 22.24 12.80 41.02
CA PRO A 370 22.93 12.07 40.00
C PRO A 370 23.61 12.96 39.03
N GLY A 371 24.26 12.38 38.01
CA GLY A 371 24.87 13.18 37.00
C GLY A 371 23.77 13.77 36.18
N GLY A 372 24.14 14.65 35.26
CA GLY A 372 23.15 15.27 34.44
C GLY A 372 23.87 16.17 33.51
N PHE A 373 23.11 16.92 32.69
CA PHE A 373 23.77 17.76 31.74
C PHE A 373 23.08 19.09 31.79
N GLY A 374 23.85 20.18 31.60
CA GLY A 374 23.25 21.49 31.58
C GLY A 374 23.46 22.16 32.90
N VAL A 375 23.63 23.50 32.82
CA VAL A 375 23.84 24.41 33.92
C VAL A 375 22.57 24.53 34.71
N ARG A 376 21.42 24.22 34.08
CA ARG A 376 20.16 24.36 34.73
C ARG A 376 20.07 23.60 36.03
N GLY A 377 19.59 24.32 37.06
CA GLY A 377 19.31 23.81 38.39
C GLY A 377 20.55 23.63 39.19
N THR A 378 21.72 24.07 38.68
CA THR A 378 22.93 23.81 39.41
C THR A 378 22.82 24.37 40.78
N GLU A 379 22.25 25.59 40.90
CA GLU A 379 22.10 26.22 42.19
C GLU A 379 21.27 25.37 43.09
N GLY A 380 20.08 24.94 42.64
CA GLY A 380 19.22 24.19 43.50
C GLY A 380 19.90 22.91 43.86
N LYS A 381 20.69 22.35 42.93
CA LYS A 381 21.37 21.11 43.17
C LYS A 381 22.34 21.31 44.29
N ILE A 382 23.13 22.39 44.24
CA ILE A 382 24.14 22.60 45.24
C ILE A 382 23.48 22.90 46.54
N GLN A 383 22.36 23.66 46.51
CA GLN A 383 21.67 23.97 47.73
C GLN A 383 21.23 22.71 48.39
N ALA A 384 20.74 21.73 47.59
CA ALA A 384 20.29 20.49 48.16
C ALA A 384 21.44 19.79 48.78
N ILE A 385 22.62 19.84 48.11
CA ILE A 385 23.79 19.17 48.60
C ILE A 385 24.18 19.75 49.93
N ALA A 386 24.27 21.09 50.03
CA ALA A 386 24.67 21.71 51.26
C ALA A 386 23.66 21.39 52.31
N TRP A 387 22.37 21.35 51.94
CA TRP A 387 21.34 21.06 52.88
C TRP A 387 21.58 19.71 53.46
N ALA A 388 21.81 18.69 52.60
CA ALA A 388 21.98 17.36 53.07
C ALA A 388 23.22 17.27 53.92
N ARG A 389 24.30 17.96 53.52
CA ARG A 389 25.50 17.90 54.31
C ARG A 389 25.29 18.50 55.67
N ASN A 390 24.55 19.61 55.77
CA ASN A 390 24.38 20.28 57.03
C ASN A 390 23.49 19.47 57.93
N GLN A 391 22.47 18.83 57.32
CA GLN A 391 21.43 18.10 58.00
C GLN A 391 21.85 16.68 58.19
N LYS A 392 23.02 16.30 57.65
CA LYS A 392 23.55 14.98 57.86
C LYS A 392 22.57 13.99 57.34
N LYS A 393 22.06 14.23 56.12
CA LYS A 393 21.13 13.36 55.46
C LYS A 393 21.93 12.52 54.52
N PRO A 394 21.53 11.29 54.33
CA PRO A 394 22.28 10.39 53.50
C PRO A 394 22.40 11.00 52.15
N PHE A 395 23.64 11.21 51.66
CA PHE A 395 23.80 11.84 50.38
C PHE A 395 24.63 10.99 49.48
N LEU A 396 24.12 10.77 48.26
CA LEU A 396 24.88 10.09 47.24
C LEU A 396 24.89 11.00 46.06
N GLY A 397 26.10 11.34 45.56
CA GLY A 397 26.16 12.14 44.38
C GLY A 397 26.80 11.30 43.33
N VAL A 398 26.37 11.47 42.07
CA VAL A 398 26.96 10.71 41.03
C VAL A 398 27.41 11.63 39.94
N CYS A 399 28.67 11.48 39.51
CA CYS A 399 29.24 12.27 38.46
C CYS A 399 29.09 13.71 38.78
N LEU A 400 28.13 14.39 38.11
CA LEU A 400 27.97 15.80 38.24
C LEU A 400 27.72 16.07 39.69
N GLY A 401 26.89 15.22 40.33
CA GLY A 401 26.53 15.44 41.70
C GLY A 401 27.76 15.42 42.55
N MET A 402 28.66 14.44 42.33
CA MET A 402 29.89 14.41 43.08
C MET A 402 30.69 15.65 42.84
N GLN A 403 30.73 16.11 41.57
CA GLN A 403 31.53 17.24 41.19
C GLN A 403 31.04 18.45 41.91
N LEU A 404 29.70 18.63 41.95
CA LEU A 404 29.12 19.79 42.54
C LEU A 404 29.31 19.72 44.02
N ALA A 405 29.31 18.50 44.57
CA ALA A 405 29.45 18.36 46.00
C ALA A 405 30.78 18.89 46.41
N VAL A 406 31.83 18.59 45.61
CA VAL A 406 33.15 19.06 45.94
C VAL A 406 33.17 20.56 45.88
N VAL A 407 32.53 21.15 44.86
CA VAL A 407 32.49 22.58 44.77
C VAL A 407 31.79 23.14 45.97
N GLU A 408 30.67 22.54 46.37
CA GLU A 408 29.91 23.03 47.48
C GLU A 408 30.80 23.04 48.69
N PHE A 409 31.56 21.96 48.90
CA PHE A 409 32.43 21.83 50.04
C PHE A 409 33.38 22.98 50.04
N SER A 410 34.04 23.23 48.89
CA SER A 410 35.00 24.28 48.82
C SER A 410 34.36 25.58 49.18
N ARG A 411 33.14 25.84 48.66
CA ARG A 411 32.54 27.11 48.87
C ARG A 411 32.21 27.31 50.31
N ASN A 412 31.56 26.32 50.96
CA ASN A 412 31.06 26.56 52.27
C ASN A 412 31.94 26.03 53.37
N VAL A 413 33.09 25.44 53.00
CA VAL A 413 34.06 25.08 54.01
C VAL A 413 35.35 25.84 53.86
N LEU A 414 35.89 25.93 52.63
CA LEU A 414 37.12 26.63 52.37
C LEU A 414 36.81 28.07 52.13
N GLY A 415 35.51 28.40 51.97
CA GLY A 415 35.17 29.78 51.85
C GLY A 415 35.38 30.19 50.44
N TRP A 416 35.60 29.22 49.54
CA TRP A 416 35.92 29.63 48.20
C TRP A 416 34.61 29.69 47.50
N GLN A 417 33.85 30.77 47.79
CA GLN A 417 32.53 30.94 47.26
C GLN A 417 32.56 31.11 45.78
N ASP A 418 33.70 31.56 45.22
CA ASP A 418 33.74 31.61 43.79
C ASP A 418 34.28 30.35 43.22
N ALA A 419 34.33 29.26 44.01
CA ALA A 419 34.83 28.04 43.44
C ALA A 419 33.81 27.63 42.44
N ASN A 420 34.20 26.98 41.32
CA ASN A 420 33.16 26.66 40.41
C ASN A 420 33.61 25.55 39.51
N SER A 421 32.72 25.14 38.59
CA SER A 421 33.00 24.16 37.58
C SER A 421 33.31 24.93 36.32
N THR A 422 34.40 24.55 35.64
CA THR A 422 34.81 25.17 34.42
C THR A 422 33.87 24.72 33.34
N GLU A 423 33.08 23.68 33.63
CA GLU A 423 32.10 23.22 32.70
C GLU A 423 31.14 24.36 32.44
N PHE A 424 30.89 25.22 33.44
CA PHE A 424 29.89 26.22 33.18
C PHE A 424 30.43 27.61 33.35
N ASP A 425 31.60 27.74 34.01
CA ASP A 425 32.14 29.06 34.19
C ASP A 425 33.62 29.02 33.91
N PRO A 426 33.98 29.54 32.77
CA PRO A 426 35.35 29.48 32.37
C PRO A 426 36.14 30.48 33.16
N THR A 427 35.45 31.44 33.81
CA THR A 427 36.16 32.43 34.56
C THR A 427 36.01 32.07 36.00
N THR A 428 36.77 31.05 36.43
CA THR A 428 36.56 30.57 37.77
C THR A 428 37.82 30.85 38.52
N SER A 429 37.67 31.40 39.74
CA SER A 429 38.82 31.75 40.51
C SER A 429 39.42 30.50 41.08
N HIS A 430 38.58 29.50 41.41
CA HIS A 430 39.12 28.26 41.85
C HIS A 430 38.56 27.15 41.02
N PRO A 431 39.15 26.90 39.88
CA PRO A 431 38.67 25.86 39.01
C PRO A 431 38.66 24.55 39.72
N VAL A 432 37.52 24.15 40.34
CA VAL A 432 37.50 22.88 41.01
C VAL A 432 37.31 21.80 39.98
N VAL A 433 36.28 21.95 39.12
CA VAL A 433 35.93 20.92 38.18
C VAL A 433 36.54 21.29 36.87
N VAL A 434 37.47 20.46 36.36
CA VAL A 434 38.17 20.84 35.18
C VAL A 434 38.02 19.75 34.15
N ASP A 435 38.06 20.16 32.87
CA ASP A 435 37.90 19.27 31.76
C ASP A 435 39.15 18.45 31.64
N MET A 436 39.03 17.11 31.82
CA MET A 436 40.21 16.28 31.77
C MET A 436 39.89 15.07 30.92
N PRO A 437 39.92 15.23 29.63
CA PRO A 437 39.50 14.15 28.77
C PRO A 437 40.62 13.20 28.51
N GLU A 438 40.34 12.05 27.88
CA GLU A 438 41.39 11.11 27.59
C GLU A 438 41.90 11.43 26.23
N HIS A 439 43.22 11.23 26.02
CA HIS A 439 43.81 11.57 24.76
C HIS A 439 44.48 10.32 24.29
N ASN A 440 43.70 9.45 23.62
CA ASN A 440 44.23 8.22 23.09
C ASN A 440 44.73 8.48 21.71
N PRO A 441 45.70 7.70 21.32
CA PRO A 441 46.27 7.90 20.03
C PRO A 441 45.29 7.53 18.97
N GLY A 442 45.28 8.27 17.84
CA GLY A 442 44.31 8.02 16.80
C GLY A 442 43.10 8.86 17.02
N GLN A 443 43.03 9.56 18.18
CA GLN A 443 41.88 10.37 18.40
C GLN A 443 42.28 11.79 18.18
N MET A 444 41.35 12.60 17.63
CA MET A 444 41.64 13.99 17.47
C MET A 444 40.92 14.69 18.58
N GLY A 445 41.67 15.33 19.48
CA GLY A 445 41.07 15.94 20.64
C GLY A 445 40.99 14.90 21.71
N GLY A 446 40.29 15.24 22.81
CA GLY A 446 40.17 14.34 23.92
C GLY A 446 38.90 13.58 23.76
N THR A 447 38.63 12.65 24.70
CA THR A 447 37.40 11.90 24.65
C THR A 447 36.92 11.71 26.04
N MET A 448 35.60 11.45 26.20
CA MET A 448 35.03 11.23 27.48
C MET A 448 35.52 9.91 27.97
N ARG A 449 35.75 9.81 29.29
CA ARG A 449 36.15 8.56 29.89
C ARG A 449 34.93 7.69 29.91
N LEU A 450 35.01 6.51 29.26
CA LEU A 450 33.86 5.67 29.14
C LEU A 450 34.27 4.24 29.07
N GLY A 451 33.46 3.36 29.70
CA GLY A 451 33.72 1.95 29.63
C GLY A 451 33.95 1.41 31.00
N LYS A 452 34.14 0.08 31.06
CA LYS A 452 34.42 -0.59 32.30
C LYS A 452 35.86 -0.37 32.60
N ARG A 453 36.16 0.40 33.67
CA ARG A 453 37.52 0.72 33.96
C ARG A 453 37.81 0.28 35.35
N ARG A 454 39.11 0.19 35.70
CA ARG A 454 39.46 -0.23 37.02
C ARG A 454 39.69 0.98 37.87
N THR A 455 39.19 0.94 39.11
CA THR A 455 39.35 2.03 40.04
C THR A 455 40.11 1.44 41.19
N LEU A 456 41.07 2.19 41.77
CA LEU A 456 41.84 1.61 42.84
C LEU A 456 41.46 2.29 44.11
N PHE A 457 41.44 1.55 45.23
CA PHE A 457 41.19 2.18 46.49
C PHE A 457 42.46 2.81 46.95
N GLN A 458 42.35 4.03 47.50
CA GLN A 458 43.49 4.72 48.05
C GLN A 458 43.70 4.34 49.48
N THR A 459 42.70 3.71 50.12
CA THR A 459 42.86 3.37 51.51
C THR A 459 41.99 2.19 51.84
N LYS A 460 42.33 1.53 52.96
CA LYS A 460 41.55 0.47 53.53
C LYS A 460 40.43 1.04 54.34
N ASN A 461 40.65 2.22 54.95
CA ASN A 461 39.62 2.77 55.78
C ASN A 461 38.65 3.45 54.90
N SER A 462 37.71 2.68 54.31
CA SER A 462 36.75 3.25 53.40
C SER A 462 35.48 2.49 53.64
N VAL A 463 34.36 3.22 53.79
CA VAL A 463 33.10 2.57 54.04
C VAL A 463 32.73 1.78 52.83
N MET A 464 32.92 2.38 51.63
CA MET A 464 32.56 1.74 50.41
C MET A 464 33.40 0.52 50.22
N ARG A 465 34.71 0.61 50.54
CA ARG A 465 35.53 -0.54 50.38
C ARG A 465 34.93 -1.66 51.18
N LYS A 466 34.53 -1.37 52.43
CA LYS A 466 33.97 -2.37 53.29
C LYS A 466 32.72 -2.94 52.67
N LEU A 467 31.90 -2.09 52.03
CA LEU A 467 30.67 -2.52 51.45
C LEU A 467 30.98 -3.44 50.30
N TYR A 468 32.05 -3.13 49.55
CA TYR A 468 32.48 -3.96 48.46
C TYR A 468 33.07 -5.24 48.97
N GLY A 469 33.71 -5.23 50.15
CA GLY A 469 34.15 -6.50 50.63
C GLY A 469 35.63 -6.50 50.76
N ASP A 470 36.18 -5.34 51.13
CA ASP A 470 37.60 -5.18 51.32
C ASP A 470 38.37 -5.45 50.07
N ALA A 471 37.87 -5.00 48.90
CA ALA A 471 38.56 -5.33 47.68
C ALA A 471 39.64 -4.30 47.51
N ASP A 472 40.79 -4.71 46.95
CA ASP A 472 41.86 -3.78 46.67
C ASP A 472 41.47 -2.88 45.54
N TYR A 473 40.61 -3.37 44.63
CA TYR A 473 40.22 -2.54 43.52
C TYR A 473 38.82 -2.93 43.12
N LEU A 474 38.19 -2.12 42.24
CA LEU A 474 36.86 -2.42 41.79
C LEU A 474 36.83 -2.02 40.35
N GLU A 475 35.93 -2.62 39.53
CA GLU A 475 35.80 -2.21 38.17
C GLU A 475 34.36 -1.85 37.95
N GLU A 476 34.10 -0.69 37.33
CA GLU A 476 32.79 -0.09 37.33
C GLU A 476 32.57 0.46 35.96
N ARG A 477 31.35 0.93 35.66
CA ARG A 477 31.10 1.61 34.43
C ARG A 477 31.55 3.04 34.54
N HIS A 478 32.20 3.56 33.48
CA HIS A 478 32.55 4.96 33.48
C HIS A 478 31.90 5.69 32.34
N ARG A 479 31.59 6.98 32.58
CA ARG A 479 31.04 7.85 31.56
C ARG A 479 31.17 9.24 32.10
N HIS A 480 32.35 9.90 31.92
CA HIS A 480 32.46 11.24 32.45
C HIS A 480 33.74 11.89 31.99
N ARG A 481 33.73 13.23 31.86
CA ARG A 481 34.80 14.00 31.26
C ARG A 481 35.53 14.94 32.18
N PHE A 482 34.86 15.54 33.18
CA PHE A 482 35.49 16.51 34.05
C PHE A 482 35.96 15.87 35.32
N GLU A 483 37.06 16.40 35.90
CA GLU A 483 37.70 15.72 36.98
C GLU A 483 38.07 16.73 38.02
N VAL A 484 38.64 16.25 39.15
CA VAL A 484 38.96 17.13 40.24
C VAL A 484 40.24 17.80 39.87
N ASN A 485 40.31 19.13 40.07
CA ASN A 485 41.55 19.82 39.87
C ASN A 485 42.46 19.48 41.02
N PRO A 486 43.57 18.87 40.70
CA PRO A 486 44.48 18.44 41.72
C PRO A 486 45.12 19.60 42.41
N VAL A 487 45.11 20.77 41.76
CA VAL A 487 45.63 21.97 42.36
C VAL A 487 44.88 22.24 43.63
N TRP A 488 43.60 21.81 43.70
CA TRP A 488 42.87 22.12 44.89
C TRP A 488 42.67 20.87 45.70
N LYS A 489 42.76 19.68 45.08
CA LYS A 489 42.75 18.45 45.82
C LYS A 489 43.69 18.52 46.98
N LYS A 490 44.93 19.00 46.72
CA LYS A 490 45.95 19.12 47.73
C LYS A 490 45.53 20.06 48.82
N CYS A 491 44.57 20.95 48.54
CA CYS A 491 44.09 21.84 49.56
C CYS A 491 42.92 21.20 50.28
N LEU A 492 42.32 20.16 49.67
CA LEU A 492 41.34 19.29 50.26
C LEU A 492 41.89 18.11 51.01
N GLU A 493 43.19 17.78 50.88
CA GLU A 493 43.76 16.70 51.64
C GLU A 493 43.86 16.93 53.12
N GLU A 494 44.18 18.15 53.59
CA GLU A 494 44.12 18.40 55.01
C GLU A 494 42.71 18.53 55.51
N GLN A 495 41.71 18.55 54.61
CA GLN A 495 40.30 18.61 54.95
C GLN A 495 39.68 17.26 55.17
N GLY A 496 38.46 17.25 55.76
CA GLY A 496 37.76 16.02 56.02
C GLY A 496 36.99 15.50 54.84
N LEU A 497 37.34 15.97 53.63
CA LEU A 497 36.72 15.54 52.42
C LEU A 497 37.75 14.61 51.86
N LYS A 498 37.57 13.29 52.01
CA LYS A 498 38.66 12.42 51.67
C LYS A 498 38.38 11.74 50.37
N PHE A 499 39.42 11.67 49.50
CA PHE A 499 39.23 11.03 48.23
C PHE A 499 39.74 9.64 48.39
N VAL A 500 38.86 8.67 48.11
CA VAL A 500 39.11 7.28 48.31
C VAL A 500 39.40 6.53 47.04
N GLY A 501 38.74 6.88 45.91
CA GLY A 501 38.95 6.09 44.73
C GLY A 501 39.66 6.89 43.69
N GLN A 502 40.55 6.21 42.93
CA GLN A 502 41.32 6.85 41.91
C GLN A 502 41.42 5.93 40.75
N ASP A 503 41.73 6.50 39.57
CA ASP A 503 41.94 5.71 38.40
C ASP A 503 43.28 5.06 38.59
N VAL A 504 43.66 4.18 37.65
CA VAL A 504 44.87 3.41 37.80
C VAL A 504 46.06 4.33 37.80
N GLU A 505 45.99 5.42 37.01
CA GLU A 505 47.10 6.34 36.93
C GLU A 505 47.23 7.07 38.23
N GLY A 506 46.17 7.06 39.06
CA GLY A 506 46.26 7.74 40.32
C GLY A 506 45.94 9.20 40.13
N GLU A 507 45.40 9.56 38.94
CA GLU A 507 45.13 10.93 38.63
C GLU A 507 43.67 11.27 38.83
N ARG A 508 42.75 10.65 38.05
CA ARG A 508 41.36 10.99 38.15
C ARG A 508 40.78 10.43 39.42
N MET A 509 39.90 11.23 40.08
CA MET A 509 39.30 10.80 41.32
C MET A 509 37.98 10.19 40.98
N GLU A 510 37.69 9.02 41.57
CA GLU A 510 36.43 8.35 41.40
C GLU A 510 35.59 8.24 42.63
N ILE A 511 36.17 8.14 43.85
CA ILE A 511 35.32 8.03 45.01
C ILE A 511 35.72 9.05 46.03
N VAL A 512 34.71 9.71 46.63
CA VAL A 512 34.98 10.61 47.72
C VAL A 512 34.06 10.29 48.85
N GLU A 513 34.60 10.31 50.09
CA GLU A 513 33.81 10.02 51.23
C GLU A 513 34.04 11.12 52.22
N LEU A 514 32.96 11.85 52.58
CA LEU A 514 33.07 12.93 53.51
C LEU A 514 33.16 12.31 54.87
N GLU A 515 34.16 12.74 55.67
CA GLU A 515 34.30 12.17 56.98
C GLU A 515 33.36 12.87 57.91
N ASP A 516 33.01 12.17 59.01
CA ASP A 516 32.17 12.73 60.04
C ASP A 516 30.83 13.05 59.47
N HIS A 517 30.23 12.08 58.75
CA HIS A 517 28.94 12.28 58.16
C HIS A 517 28.37 10.90 58.07
N PRO A 518 27.14 10.71 58.50
CA PRO A 518 26.54 9.41 58.47
C PRO A 518 26.65 8.80 57.11
N PHE A 519 26.50 9.58 56.02
CA PHE A 519 26.60 9.02 54.71
C PHE A 519 26.60 10.17 53.76
N PHE A 520 27.76 10.47 53.15
CA PHE A 520 27.88 11.54 52.22
C PHE A 520 28.96 11.08 51.31
N VAL A 521 28.61 10.42 50.19
CA VAL A 521 29.65 9.98 49.32
C VAL A 521 29.33 10.37 47.92
N GLY A 522 30.36 10.36 47.06
CA GLY A 522 30.16 10.71 45.68
C GLY A 522 30.98 9.76 44.86
N VAL A 523 30.43 9.36 43.69
CA VAL A 523 31.18 8.54 42.77
C VAL A 523 31.02 9.11 41.39
N GLN A 524 32.05 8.91 40.53
CA GLN A 524 31.99 9.31 39.15
C GLN A 524 31.45 8.19 38.32
N TYR A 525 31.87 6.94 38.63
CA TYR A 525 31.52 5.78 37.88
C TYR A 525 30.06 5.51 38.08
N HIS A 526 29.48 4.56 37.32
CA HIS A 526 28.05 4.39 37.31
C HIS A 526 27.71 2.96 37.60
N PRO A 527 27.43 2.69 38.86
CA PRO A 527 27.28 1.36 39.39
C PRO A 527 25.94 0.78 39.07
N GLU A 528 24.97 1.63 38.69
CA GLU A 528 23.62 1.19 38.49
C GLU A 528 23.58 0.32 37.28
N PHE A 529 24.66 0.38 36.48
CA PHE A 529 24.69 -0.44 35.30
C PHE A 529 25.01 -1.87 35.65
N LEU A 530 25.67 -2.09 36.78
CA LEU A 530 26.17 -3.39 37.16
C LEU A 530 25.35 -3.98 38.27
N SER A 531 24.57 -3.16 38.99
CA SER A 531 23.68 -3.66 40.01
C SER A 531 22.70 -4.63 39.48
N ARG A 532 22.47 -5.72 40.26
CA ARG A 532 21.58 -6.76 39.87
C ARG A 532 20.76 -7.10 41.08
N PRO A 533 19.61 -7.65 40.84
CA PRO A 533 18.73 -8.06 41.90
C PRO A 533 19.43 -8.97 42.86
N ILE A 534 20.31 -9.85 42.34
CA ILE A 534 20.97 -10.76 43.22
C ILE A 534 22.11 -10.04 43.91
N LYS A 535 22.92 -9.25 43.16
CA LYS A 535 24.07 -8.57 43.68
C LYS A 535 23.82 -7.10 43.50
N PRO A 536 23.12 -6.48 44.42
CA PRO A 536 22.94 -5.05 44.30
C PRO A 536 24.20 -4.27 44.54
N SER A 537 24.37 -3.12 43.86
CA SER A 537 25.58 -2.38 44.00
C SER A 537 25.50 -1.71 45.34
N PRO A 538 26.63 -1.44 45.92
CA PRO A 538 26.62 -1.07 47.31
C PRO A 538 26.39 0.39 47.60
N PRO A 539 26.55 1.31 46.68
CA PRO A 539 26.36 2.69 47.05
C PRO A 539 24.91 3.02 47.17
N TYR A 540 24.04 2.23 46.52
CA TYR A 540 22.62 2.41 46.59
C TYR A 540 22.09 1.64 47.76
N PHE A 541 22.67 0.45 48.01
CA PHE A 541 22.26 -0.36 49.12
C PHE A 541 22.67 0.34 50.38
N GLY A 542 23.93 0.83 50.42
CA GLY A 542 24.43 1.54 51.56
C GLY A 542 23.62 2.78 51.76
N LEU A 543 23.35 3.56 50.69
CA LEU A 543 22.49 4.71 50.82
C LEU A 543 21.18 4.33 51.45
N LEU A 544 20.62 3.17 51.07
CA LEU A 544 19.32 2.79 51.56
C LEU A 544 19.42 2.57 53.03
N LEU A 545 20.46 1.83 53.42
CA LEU A 545 20.75 1.49 54.78
C LEU A 545 20.88 2.73 55.59
N ALA A 546 21.56 3.78 55.09
CA ALA A 546 21.65 5.06 55.77
C ALA A 546 20.33 5.76 55.87
N SER A 547 19.57 5.74 54.77
CA SER A 547 18.25 6.30 54.74
C SER A 547 17.33 5.72 55.80
N VAL A 548 17.44 4.40 56.00
CA VAL A 548 16.86 3.65 57.10
C VAL A 548 17.43 3.83 58.50
N GLY A 549 18.77 3.87 58.66
CA GLY A 549 19.46 4.09 59.91
C GLY A 549 19.60 2.76 60.64
N ARG A 550 20.03 1.78 59.84
CA ARG A 550 20.42 0.39 59.74
C ARG A 550 21.85 0.00 59.38
N LEU A 551 22.50 0.78 58.49
CA LEU A 551 23.87 0.75 58.03
C LEU A 551 24.88 0.46 59.08
N SER A 552 24.79 1.09 60.27
CA SER A 552 25.84 0.87 61.23
C SER A 552 25.65 -0.49 61.80
N HIS A 553 24.39 -0.87 62.06
CA HIS A 553 24.07 -2.18 62.53
C HIS A 553 24.49 -3.21 61.53
N TYR A 554 24.20 -2.97 60.23
CA TYR A 554 24.54 -3.83 59.13
C TYR A 554 25.99 -4.18 59.16
N LEU A 555 26.86 -3.17 59.24
CA LEU A 555 28.27 -3.40 59.16
C LEU A 555 28.69 -4.10 60.41
N GLN A 556 28.09 -3.69 61.54
CA GLN A 556 28.39 -4.19 62.85
C GLN A 556 28.00 -5.63 62.92
N LYS A 557 26.83 -5.94 62.33
CA LYS A 557 26.27 -7.26 62.27
C LYS A 557 27.18 -8.15 61.48
N GLY A 558 27.90 -7.61 60.48
CA GLY A 558 28.80 -8.47 59.77
C GLY A 558 28.88 -8.13 58.31
N CYS A 559 28.23 -7.04 57.86
CA CYS A 559 28.29 -6.65 56.47
C CYS A 559 27.76 -7.75 55.60
N MET B 1 -23.52 24.57 -1.51
CA MET B 1 -23.45 23.61 -0.39
C MET B 1 -22.04 23.42 0.05
N LYS B 2 -21.79 23.59 1.36
CA LYS B 2 -20.49 23.35 1.90
C LYS B 2 -20.47 21.89 2.24
N TYR B 3 -19.38 21.18 1.90
CA TYR B 3 -19.37 19.78 2.20
C TYR B 3 -18.31 19.49 3.19
N ILE B 4 -18.70 19.40 4.48
CA ILE B 4 -17.76 19.17 5.54
C ILE B 4 -17.75 17.68 5.71
N LEU B 5 -16.64 17.02 5.30
CA LEU B 5 -16.57 15.60 5.40
C LEU B 5 -15.91 15.24 6.68
N VAL B 6 -16.56 14.39 7.49
CA VAL B 6 -15.96 13.98 8.72
C VAL B 6 -15.40 12.62 8.52
N THR B 7 -14.05 12.52 8.58
CA THR B 7 -13.39 11.25 8.47
C THR B 7 -12.73 10.99 9.79
N GLY B 8 -12.12 9.80 9.96
CA GLY B 8 -11.42 9.52 11.17
C GLY B 8 -10.68 8.24 11.01
N GLY B 9 -9.67 8.00 11.89
CA GLY B 9 -8.97 6.75 11.81
C GLY B 9 -8.74 6.19 13.18
N VAL B 10 -7.89 5.15 13.22
CA VAL B 10 -7.36 4.48 14.39
C VAL B 10 -8.36 3.58 15.03
N ILE B 11 -9.56 4.08 15.39
CA ILE B 11 -10.49 3.21 16.05
C ILE B 11 -11.85 3.79 15.96
N SER B 12 -12.87 2.92 15.92
CA SER B 12 -14.23 3.38 15.89
C SER B 12 -14.54 3.84 17.27
N GLY B 13 -15.54 4.72 17.44
CA GLY B 13 -15.93 5.14 18.76
C GLY B 13 -15.07 6.30 19.13
N ILE B 14 -14.38 6.87 18.15
CA ILE B 14 -13.50 7.98 18.33
C ILE B 14 -14.30 9.22 18.60
N GLY B 15 -15.51 9.32 18.04
CA GLY B 15 -16.36 10.41 18.42
C GLY B 15 -16.66 11.29 17.25
N LYS B 16 -16.71 10.70 16.05
CA LYS B 16 -16.96 11.45 14.86
C LYS B 16 -18.34 12.04 14.93
N GLY B 17 -19.35 11.23 15.28
CA GLY B 17 -20.69 11.75 15.36
C GLY B 17 -20.80 12.77 16.46
N ILE B 18 -19.97 12.65 17.50
CA ILE B 18 -20.04 13.59 18.58
C ILE B 18 -19.62 14.93 18.09
N ILE B 19 -18.50 14.98 17.33
CA ILE B 19 -18.01 16.24 16.83
C ILE B 19 -18.94 16.75 15.80
N ALA B 20 -19.50 15.83 14.97
CA ALA B 20 -20.33 16.25 13.90
C ALA B 20 -21.52 16.98 14.48
N SER B 21 -22.11 16.42 15.56
CA SER B 21 -23.28 17.00 16.15
C SER B 21 -22.94 18.30 16.79
N SER B 22 -21.74 18.39 17.38
CA SER B 22 -21.33 19.60 18.03
C SER B 22 -21.17 20.69 17.02
N VAL B 23 -20.54 20.38 15.87
CA VAL B 23 -20.29 21.40 14.89
C VAL B 23 -21.60 21.74 14.26
N GLY B 24 -22.45 20.72 14.08
CA GLY B 24 -23.67 20.95 13.37
C GLY B 24 -24.44 22.01 14.07
N THR B 25 -24.61 21.88 15.40
CA THR B 25 -25.44 22.79 16.14
C THR B 25 -24.79 24.13 16.18
N ILE B 26 -23.45 24.14 16.14
CA ILE B 26 -22.74 25.38 16.07
C ILE B 26 -23.08 26.07 14.80
N LEU B 27 -23.08 25.34 13.67
CA LEU B 27 -23.32 25.95 12.40
C LEU B 27 -24.72 26.46 12.33
N LYS B 28 -25.67 25.77 13.00
CA LYS B 28 -27.03 26.19 13.05
C LYS B 28 -27.09 27.47 13.85
N SER B 29 -26.32 27.55 14.95
CA SER B 29 -26.28 28.75 15.74
C SER B 29 -25.79 29.88 14.90
N CYS B 30 -24.78 29.62 14.08
CA CYS B 30 -24.21 30.59 13.20
C CYS B 30 -25.31 31.09 12.30
N GLY B 31 -26.23 30.21 11.89
CA GLY B 31 -27.40 30.66 11.20
C GLY B 31 -27.49 29.95 9.87
N LEU B 32 -26.80 28.81 9.75
CA LEU B 32 -26.79 28.07 8.51
C LEU B 32 -27.87 27.04 8.54
N HIS B 33 -28.44 26.73 7.35
CA HIS B 33 -29.32 25.61 7.18
C HIS B 33 -28.45 24.40 7.14
N VAL B 34 -28.39 23.66 8.26
CA VAL B 34 -27.46 22.57 8.35
C VAL B 34 -28.18 21.29 8.05
N THR B 35 -27.53 20.42 7.25
CA THR B 35 -28.07 19.11 6.99
C THR B 35 -26.94 18.14 7.17
N SER B 36 -27.17 16.83 6.98
CA SER B 36 -26.08 15.91 7.18
C SER B 36 -26.37 14.62 6.49
N ILE B 37 -25.29 13.86 6.19
CA ILE B 37 -25.42 12.55 5.61
C ILE B 37 -24.53 11.62 6.37
N LYS B 38 -25.09 10.47 6.80
CA LYS B 38 -24.32 9.45 7.48
C LYS B 38 -24.07 8.35 6.50
N ILE B 39 -22.78 8.14 6.15
CA ILE B 39 -22.48 7.09 5.21
C ILE B 39 -21.93 5.93 5.98
N ASP B 40 -22.65 4.79 5.97
CA ASP B 40 -22.22 3.64 6.69
C ASP B 40 -21.70 2.67 5.69
N PRO B 41 -20.47 2.27 5.87
CA PRO B 41 -19.80 1.42 4.93
C PRO B 41 -20.56 0.14 4.80
N TYR B 42 -21.34 -0.21 5.85
CA TYR B 42 -22.15 -1.38 5.95
C TYR B 42 -22.62 -1.95 4.67
N ILE B 43 -22.37 -3.26 4.54
CA ILE B 43 -22.72 -4.11 3.46
C ILE B 43 -24.19 -4.36 3.53
N ASN B 44 -24.76 -4.27 4.74
CA ASN B 44 -26.14 -4.56 4.96
C ASN B 44 -26.93 -3.32 4.80
N ILE B 45 -28.26 -3.46 4.94
CA ILE B 45 -29.11 -2.32 4.78
C ILE B 45 -30.05 -2.50 5.92
N ASP B 46 -30.50 -1.37 6.49
CA ASP B 46 -31.50 -1.37 7.49
C ASP B 46 -30.85 -1.79 8.79
N ALA B 47 -30.62 -0.77 9.65
CA ALA B 47 -30.02 -0.87 10.95
C ALA B 47 -30.99 -1.52 11.88
N GLY B 48 -32.27 -1.57 11.49
CA GLY B 48 -33.31 -2.08 12.33
C GLY B 48 -33.14 -3.55 12.55
N THR B 49 -32.34 -4.22 11.70
CA THR B 49 -32.09 -5.64 11.85
C THR B 49 -30.93 -5.93 12.77
N PHE B 50 -30.19 -4.89 13.20
CA PHE B 50 -29.01 -5.02 14.01
C PHE B 50 -29.40 -5.11 15.46
N SER B 51 -28.51 -5.69 16.30
CA SER B 51 -28.77 -5.91 17.69
C SER B 51 -28.51 -4.63 18.43
N PRO B 52 -29.38 -4.31 19.35
CA PRO B 52 -29.17 -3.21 20.24
C PRO B 52 -28.06 -3.40 21.22
N TYR B 53 -27.57 -4.64 21.41
CA TYR B 53 -26.47 -4.81 22.31
C TYR B 53 -25.25 -4.66 21.48
N GLU B 54 -25.32 -5.19 20.25
CA GLU B 54 -24.22 -5.08 19.37
C GLU B 54 -23.82 -3.65 19.10
N HIS B 55 -24.84 -2.78 18.90
CA HIS B 55 -24.59 -1.41 18.54
C HIS B 55 -25.33 -0.43 19.38
N GLY B 56 -26.64 -0.64 19.53
CA GLY B 56 -27.37 0.28 20.33
C GLY B 56 -28.66 0.52 19.64
N GLU B 57 -29.31 1.62 20.04
CA GLU B 57 -30.64 1.95 19.60
C GLU B 57 -30.65 2.12 18.11
N VAL B 58 -31.80 1.75 17.52
CA VAL B 58 -32.04 2.05 16.14
C VAL B 58 -32.98 3.20 16.19
N PHE B 59 -32.50 4.37 15.75
CA PHE B 59 -33.31 5.54 15.88
C PHE B 59 -34.36 5.43 14.82
N VAL B 60 -35.61 5.78 15.17
CA VAL B 60 -36.67 5.66 14.23
C VAL B 60 -36.88 7.03 13.71
N LEU B 61 -36.95 7.15 12.38
CA LEU B 61 -37.08 8.45 11.80
C LEU B 61 -38.53 8.68 11.58
N ASP B 62 -38.89 9.91 11.17
CA ASP B 62 -40.27 10.24 10.96
C ASP B 62 -40.85 9.31 9.96
N ASP B 63 -40.05 8.89 8.96
CA ASP B 63 -40.58 8.09 7.89
C ASP B 63 -40.43 6.65 8.22
N GLY B 64 -40.17 6.34 9.51
CA GLY B 64 -40.04 4.96 9.88
C GLY B 64 -38.69 4.47 9.53
N GLY B 65 -37.76 5.38 9.23
CA GLY B 65 -36.42 4.97 8.92
C GLY B 65 -35.86 4.26 10.12
N GLU B 66 -35.05 3.22 9.88
CA GLU B 66 -34.48 2.46 10.95
C GLU B 66 -33.02 2.74 10.87
N VAL B 67 -32.53 3.72 11.66
CA VAL B 67 -31.21 4.16 11.37
C VAL B 67 -30.41 4.20 12.65
N ASP B 68 -29.15 4.65 12.54
CA ASP B 68 -28.21 4.77 13.62
C ASP B 68 -28.64 5.95 14.45
N LEU B 69 -28.40 5.81 15.76
CA LEU B 69 -28.76 6.73 16.79
C LEU B 69 -28.10 8.05 16.60
N ASP B 70 -26.93 8.09 15.91
CA ASP B 70 -26.20 9.32 15.77
C ASP B 70 -27.06 10.30 15.04
N LEU B 71 -27.99 9.81 14.22
CA LEU B 71 -28.84 10.71 13.49
C LEU B 71 -29.86 11.26 14.41
N GLY B 72 -30.24 10.49 15.45
CA GLY B 72 -31.10 10.99 16.47
C GLY B 72 -30.35 12.01 17.27
N ASN B 73 -29.02 11.80 17.45
CA ASN B 73 -28.23 12.74 18.17
C ASN B 73 -28.25 14.02 17.41
N TYR B 74 -28.21 13.91 16.07
CA TYR B 74 -28.21 15.09 15.28
C TYR B 74 -29.52 15.80 15.46
N GLU B 75 -30.61 15.03 15.60
CA GLU B 75 -31.90 15.61 15.81
C GLU B 75 -32.05 16.11 17.21
N ARG B 76 -31.18 15.71 18.15
CA ARG B 76 -31.21 16.34 19.44
C ARG B 76 -30.57 17.69 19.38
N PHE B 77 -29.38 17.76 18.75
CA PHE B 77 -28.60 18.96 18.57
C PHE B 77 -29.20 19.94 17.59
N LEU B 78 -29.93 19.46 16.55
CA LEU B 78 -30.53 20.31 15.55
C LEU B 78 -31.98 19.89 15.42
N ASP B 79 -32.87 20.83 15.09
CA ASP B 79 -34.29 20.60 15.07
C ASP B 79 -34.63 19.87 13.81
N ILE B 80 -33.72 19.95 12.83
CA ILE B 80 -33.77 19.34 11.54
C ILE B 80 -34.39 17.98 11.63
N ARG B 81 -35.07 17.57 10.55
CA ARG B 81 -35.71 16.29 10.50
C ARG B 81 -34.97 15.49 9.47
N LEU B 82 -34.63 14.23 9.80
CA LEU B 82 -33.90 13.44 8.85
C LEU B 82 -34.79 12.36 8.35
N THR B 83 -34.48 11.85 7.14
CA THR B 83 -35.25 10.81 6.49
C THR B 83 -34.29 9.72 6.14
N LYS B 84 -34.79 8.60 5.58
CA LYS B 84 -33.96 7.48 5.24
C LYS B 84 -32.96 7.90 4.23
N ASP B 85 -33.23 9.00 3.51
CA ASP B 85 -32.34 9.39 2.47
C ASP B 85 -31.03 9.78 3.08
N ASN B 86 -31.09 10.26 4.33
CA ASN B 86 -29.91 10.70 5.02
C ASN B 86 -29.02 9.60 5.51
N ASN B 87 -29.34 8.32 5.28
CA ASN B 87 -28.45 7.27 5.71
C ASN B 87 -28.29 6.25 4.62
N LEU B 88 -27.04 6.10 4.13
CA LEU B 88 -26.81 5.24 3.00
C LEU B 88 -25.90 4.14 3.43
N THR B 89 -26.10 2.94 2.85
CA THR B 89 -25.18 1.86 3.05
C THR B 89 -24.79 1.36 1.70
N THR B 90 -23.73 0.54 1.66
CA THR B 90 -23.20 0.01 0.44
C THR B 90 -24.09 -1.08 -0.04
N GLY B 91 -24.80 -1.74 0.89
CA GLY B 91 -25.81 -2.69 0.53
C GLY B 91 -26.85 -1.98 -0.25
N LYS B 92 -27.26 -0.79 0.22
CA LYS B 92 -28.24 -0.02 -0.47
C LYS B 92 -27.73 0.26 -1.85
N ILE B 93 -26.49 0.79 -1.96
CA ILE B 93 -25.92 1.14 -3.22
C ILE B 93 -25.85 -0.04 -4.13
N TYR B 94 -25.44 -1.21 -3.61
CA TYR B 94 -25.36 -2.38 -4.42
C TYR B 94 -26.65 -2.60 -5.14
N GLN B 95 -27.75 -2.75 -4.39
CA GLN B 95 -28.99 -3.13 -5.01
C GLN B 95 -29.36 -2.07 -5.99
N TYR B 96 -29.16 -0.79 -5.62
CA TYR B 96 -29.53 0.30 -6.47
C TYR B 96 -28.87 0.15 -7.80
N VAL B 97 -27.53 0.00 -7.82
CA VAL B 97 -26.79 -0.03 -9.05
C VAL B 97 -27.13 -1.29 -9.78
N ILE B 98 -27.23 -2.41 -9.05
CA ILE B 98 -27.50 -3.68 -9.68
C ILE B 98 -28.78 -3.57 -10.45
N ASN B 99 -29.78 -2.88 -9.87
CA ASN B 99 -31.03 -2.70 -10.53
C ASN B 99 -30.79 -2.00 -11.83
N LYS B 100 -29.99 -0.93 -11.79
CA LYS B 100 -29.78 -0.15 -12.99
C LYS B 100 -29.03 -0.97 -13.97
N GLU B 101 -28.17 -1.89 -13.48
CA GLU B 101 -27.46 -2.77 -14.36
C GLU B 101 -28.44 -3.61 -15.12
N ARG B 102 -29.45 -4.14 -14.41
CA ARG B 102 -30.41 -5.01 -15.02
C ARG B 102 -31.20 -4.22 -16.01
N LYS B 103 -31.44 -2.94 -15.70
CA LYS B 103 -32.19 -2.04 -16.54
C LYS B 103 -31.42 -1.76 -17.79
N GLY B 104 -30.10 -2.06 -17.84
CA GLY B 104 -29.37 -1.74 -19.02
C GLY B 104 -29.03 -0.28 -19.06
N ASP B 105 -29.00 0.37 -17.89
CA ASP B 105 -28.78 1.80 -17.85
C ASP B 105 -27.35 2.05 -18.19
N TYR B 106 -26.52 0.99 -18.09
CA TYR B 106 -25.12 1.02 -18.40
C TYR B 106 -24.84 0.37 -19.72
N LEU B 107 -25.87 0.18 -20.56
CA LEU B 107 -25.68 -0.41 -21.85
C LEU B 107 -25.26 -1.84 -21.73
N GLY B 108 -25.52 -2.45 -20.56
CA GLY B 108 -25.16 -3.83 -20.40
C GLY B 108 -23.69 -3.96 -20.18
N LYS B 109 -22.98 -2.83 -19.98
CA LYS B 109 -21.55 -2.93 -19.91
C LYS B 109 -21.22 -3.07 -18.46
N THR B 110 -20.02 -3.60 -18.15
CA THR B 110 -19.65 -3.75 -16.78
C THR B 110 -19.53 -2.38 -16.20
N VAL B 111 -19.90 -2.23 -14.91
CA VAL B 111 -19.67 -0.99 -14.23
C VAL B 111 -18.52 -1.23 -13.30
N GLN B 112 -17.79 -0.15 -12.97
CA GLN B 112 -16.67 -0.32 -12.07
C GLN B 112 -16.78 0.69 -10.98
N VAL B 113 -16.03 0.47 -9.89
CA VAL B 113 -16.03 1.40 -8.79
C VAL B 113 -15.77 2.73 -9.38
N VAL B 114 -14.70 2.82 -10.21
CA VAL B 114 -14.42 4.06 -10.86
C VAL B 114 -14.63 3.77 -12.31
N PRO B 115 -15.39 4.57 -13.02
CA PRO B 115 -16.02 5.76 -12.49
C PRO B 115 -17.38 5.53 -11.90
N HIS B 116 -18.02 4.37 -12.13
CA HIS B 116 -19.45 4.28 -12.03
C HIS B 116 -19.94 4.41 -10.62
N ILE B 117 -19.28 3.76 -9.65
CA ILE B 117 -19.80 3.74 -8.30
C ILE B 117 -19.53 5.06 -7.67
N THR B 118 -18.32 5.61 -7.90
CA THR B 118 -17.94 6.85 -7.32
C THR B 118 -18.80 7.94 -7.86
N ASP B 119 -19.27 7.81 -9.10
CA ASP B 119 -20.20 8.75 -9.65
C ASP B 119 -21.51 8.63 -8.94
N ALA B 120 -21.98 7.38 -8.73
CA ALA B 120 -23.23 7.18 -8.05
C ALA B 120 -23.14 7.80 -6.70
N ILE B 121 -22.00 7.62 -6.03
CA ILE B 121 -21.82 8.18 -4.71
C ILE B 121 -21.99 9.66 -4.76
N GLN B 122 -21.34 10.32 -5.72
CA GLN B 122 -21.42 11.75 -5.82
C GLN B 122 -22.83 12.15 -6.11
N GLU B 123 -23.55 11.33 -6.88
CA GLU B 123 -24.93 11.60 -7.16
C GLU B 123 -25.70 11.61 -5.88
N TRP B 124 -25.49 10.59 -5.04
CA TRP B 124 -26.19 10.46 -3.79
C TRP B 124 -25.97 11.70 -2.98
N VAL B 125 -24.72 12.20 -2.95
CA VAL B 125 -24.41 13.40 -2.22
C VAL B 125 -25.35 14.48 -2.64
N MET B 126 -25.53 14.67 -3.95
CA MET B 126 -26.40 15.70 -4.43
C MET B 126 -27.83 15.36 -4.15
N ARG B 127 -28.18 14.06 -4.18
CA ARG B 127 -29.56 13.70 -4.01
C ARG B 127 -30.04 14.17 -2.69
N GLN B 128 -29.18 14.10 -1.67
CA GLN B 128 -29.50 14.51 -0.33
C GLN B 128 -29.12 15.93 -0.10
N ALA B 129 -28.12 16.43 -0.86
CA ALA B 129 -27.71 17.79 -0.69
C ALA B 129 -28.87 18.67 -1.00
N LEU B 130 -29.68 18.27 -2.00
CA LEU B 130 -30.79 19.05 -2.47
C LEU B 130 -32.00 18.95 -1.57
N ILE B 131 -31.94 18.15 -0.47
CA ILE B 131 -33.11 17.98 0.35
C ILE B 131 -33.00 18.83 1.57
N PRO B 132 -33.93 19.73 1.72
CA PRO B 132 -33.97 20.51 2.93
C PRO B 132 -34.39 19.72 4.11
N VAL B 133 -33.90 20.07 5.31
CA VAL B 133 -34.23 19.24 6.41
C VAL B 133 -34.71 20.17 7.48
N ASP B 134 -35.55 21.15 7.06
CA ASP B 134 -36.06 22.18 7.92
C ASP B 134 -37.39 22.56 7.35
N GLU B 135 -38.09 23.45 8.07
CA GLU B 135 -39.36 23.90 7.59
C GLU B 135 -39.07 24.73 6.38
N ASP B 136 -37.88 25.38 6.39
CA ASP B 136 -37.39 26.17 5.28
C ASP B 136 -37.11 25.22 4.17
N GLY B 137 -37.94 25.21 3.09
CA GLY B 137 -37.67 24.26 2.07
C GLY B 137 -36.61 24.79 1.16
N LEU B 138 -35.39 24.97 1.69
CA LEU B 138 -34.34 25.53 0.89
C LEU B 138 -33.15 24.62 1.01
N GLU B 139 -32.46 24.37 -0.12
CA GLU B 139 -31.26 23.59 -0.10
C GLU B 139 -30.40 24.06 1.03
N PRO B 140 -30.06 23.15 1.90
CA PRO B 140 -29.27 23.48 3.06
C PRO B 140 -27.99 24.11 2.64
N GLN B 141 -27.39 24.93 3.52
CA GLN B 141 -26.21 25.67 3.18
C GLN B 141 -24.98 24.87 3.48
N VAL B 142 -25.07 23.90 4.41
CA VAL B 142 -23.90 23.12 4.73
C VAL B 142 -24.33 21.72 5.03
N CYS B 143 -23.57 20.73 4.51
CA CYS B 143 -23.88 19.37 4.79
C CYS B 143 -22.69 18.77 5.48
N VAL B 144 -22.91 18.19 6.68
CA VAL B 144 -21.83 17.54 7.36
C VAL B 144 -22.00 16.08 7.08
N ILE B 145 -20.93 15.42 6.61
CA ILE B 145 -21.06 14.05 6.22
C ILE B 145 -20.28 13.21 7.17
N GLU B 146 -20.97 12.33 7.91
CA GLU B 146 -20.28 11.44 8.77
C GLU B 146 -19.93 10.23 7.96
N LEU B 147 -18.64 10.11 7.60
CA LEU B 147 -18.22 8.97 6.85
C LEU B 147 -17.77 7.95 7.86
N GLY B 148 -18.48 6.81 7.92
CA GLY B 148 -18.17 5.82 8.90
C GLY B 148 -16.98 5.05 8.43
N GLY B 149 -16.51 4.11 9.27
CA GLY B 149 -15.35 3.35 8.94
C GLY B 149 -14.16 4.11 9.44
N THR B 150 -12.96 3.53 9.25
CA THR B 150 -11.75 4.21 9.59
C THR B 150 -10.89 4.21 8.38
N VAL B 151 -9.89 5.11 8.34
CA VAL B 151 -9.02 5.16 7.21
C VAL B 151 -8.31 3.86 7.16
N GLY B 152 -8.38 3.18 6.00
CA GLY B 152 -7.69 1.93 5.82
C GLY B 152 -8.69 0.87 5.56
N ASP B 153 -9.98 1.14 5.86
CA ASP B 153 -10.97 0.12 5.67
C ASP B 153 -11.37 0.14 4.23
N ILE B 154 -11.30 -1.04 3.59
CA ILE B 154 -11.67 -1.22 2.21
C ILE B 154 -13.11 -0.84 2.03
N GLU B 155 -13.91 -0.96 3.10
CA GLU B 155 -15.32 -0.72 3.02
C GLU B 155 -15.60 0.70 2.62
N SER B 156 -14.66 1.62 2.92
CA SER B 156 -14.83 3.03 2.71
C SER B 156 -14.04 3.54 1.54
N MET B 157 -13.19 2.71 0.91
CA MET B 157 -12.28 3.22 -0.07
C MET B 157 -13.01 3.80 -1.25
N PRO B 158 -14.06 3.18 -1.73
CA PRO B 158 -14.79 3.78 -2.80
C PRO B 158 -15.17 5.20 -2.54
N PHE B 159 -15.44 5.56 -1.27
CA PHE B 159 -15.87 6.88 -0.98
C PHE B 159 -14.69 7.81 -0.89
N ILE B 160 -13.53 7.27 -0.51
CA ILE B 160 -12.34 8.08 -0.47
C ILE B 160 -12.10 8.64 -1.84
N GLU B 161 -12.26 7.79 -2.87
CA GLU B 161 -12.04 8.21 -4.22
C GLU B 161 -13.11 9.16 -4.62
N ALA B 162 -14.37 8.82 -4.32
CA ALA B 162 -15.46 9.66 -4.73
C ALA B 162 -15.20 11.06 -4.26
N PHE B 163 -14.85 11.21 -2.97
CA PHE B 163 -14.66 12.49 -2.36
C PHE B 163 -13.40 13.13 -2.85
N ARG B 164 -12.36 12.32 -3.14
CA ARG B 164 -11.11 12.89 -3.54
C ARG B 164 -11.35 13.74 -4.75
N GLN B 165 -12.09 13.21 -5.73
CA GLN B 165 -12.37 13.89 -6.96
C GLN B 165 -13.42 14.95 -6.75
N PHE B 166 -14.45 14.62 -5.95
CA PHE B 166 -15.59 15.45 -5.69
C PHE B 166 -15.17 16.79 -5.17
N GLN B 167 -14.18 16.82 -4.27
CA GLN B 167 -13.80 18.05 -3.64
C GLN B 167 -13.25 18.97 -4.68
N PHE B 168 -12.86 18.43 -5.84
CA PHE B 168 -12.37 19.26 -6.90
C PHE B 168 -13.46 19.62 -7.87
N LYS B 169 -14.56 18.84 -7.90
CA LYS B 169 -15.68 19.25 -8.71
C LYS B 169 -16.37 20.39 -8.03
N VAL B 170 -16.28 20.45 -6.70
CA VAL B 170 -16.83 21.58 -6.01
C VAL B 170 -15.67 22.47 -5.75
N LYS B 171 -15.91 23.67 -5.22
CA LYS B 171 -14.80 24.56 -5.05
C LYS B 171 -14.13 24.21 -3.76
N ARG B 172 -12.87 24.67 -3.61
CA ARG B 172 -12.08 24.43 -2.44
C ARG B 172 -12.85 24.84 -1.24
N GLU B 173 -13.43 26.05 -1.29
CA GLU B 173 -14.09 26.63 -0.16
C GLU B 173 -15.40 25.93 0.06
N ASN B 174 -15.80 25.02 -0.85
CA ASN B 174 -17.05 24.36 -0.65
C ASN B 174 -16.85 22.98 -0.10
N PHE B 175 -15.64 22.67 0.42
CA PHE B 175 -15.41 21.33 0.89
C PHE B 175 -14.44 21.46 2.02
N CYS B 176 -14.68 20.72 3.11
CA CYS B 176 -13.80 20.82 4.24
C CYS B 176 -13.48 19.41 4.66
N ASN B 177 -12.20 19.13 4.95
CA ASN B 177 -11.83 17.80 5.35
C ASN B 177 -11.58 17.82 6.83
N ILE B 178 -12.47 17.15 7.60
CA ILE B 178 -12.26 17.02 9.01
C ILE B 178 -11.75 15.63 9.23
N HIS B 179 -10.65 15.50 9.98
CA HIS B 179 -10.14 14.19 10.26
C HIS B 179 -10.05 14.05 11.74
N VAL B 180 -10.72 13.01 12.29
CA VAL B 180 -10.68 12.82 13.70
C VAL B 180 -9.67 11.75 13.94
N SER B 181 -8.78 11.94 14.94
CA SER B 181 -7.80 10.93 15.22
C SER B 181 -7.75 10.71 16.70
N LEU B 182 -6.70 10.00 17.16
CA LEU B 182 -6.63 9.58 18.53
C LEU B 182 -5.27 9.86 19.07
N VAL B 183 -5.23 10.46 20.29
CA VAL B 183 -3.99 10.60 20.97
C VAL B 183 -4.10 9.70 22.15
N PRO B 184 -3.60 8.50 22.02
CA PRO B 184 -3.64 7.58 23.14
C PRO B 184 -2.64 7.93 24.18
N GLN B 185 -2.82 7.43 25.41
CA GLN B 185 -1.92 7.77 26.46
C GLN B 185 -1.87 6.61 27.41
N PRO B 186 -0.78 5.89 27.39
CA PRO B 186 -0.69 4.76 28.27
C PRO B 186 -0.73 5.23 29.69
N SER B 187 -1.25 4.39 30.60
CA SER B 187 -1.25 4.75 31.99
C SER B 187 0.06 4.36 32.58
N SER B 188 0.82 3.51 31.88
CA SER B 188 2.06 3.04 32.40
C SER B 188 3.12 4.07 32.20
N THR B 189 2.93 4.95 31.18
CA THR B 189 3.91 5.96 30.90
C THR B 189 3.31 7.32 31.08
N GLY B 190 2.05 7.50 30.61
CA GLY B 190 1.44 8.79 30.67
C GLY B 190 1.90 9.60 29.51
N GLU B 191 2.59 8.97 28.53
CA GLU B 191 3.09 9.74 27.42
C GLU B 191 2.03 9.80 26.37
N GLN B 192 1.73 11.03 25.90
CA GLN B 192 0.77 11.24 24.86
C GLN B 192 1.41 10.84 23.56
N LYS B 193 0.77 9.91 22.83
CA LYS B 193 1.38 9.43 21.61
C LYS B 193 0.66 10.02 20.44
N THR B 194 1.46 10.46 19.44
CA THR B 194 1.05 11.11 18.23
C THR B 194 1.21 10.23 17.03
N LYS B 195 2.09 9.22 17.12
CA LYS B 195 2.39 8.35 16.02
C LYS B 195 1.16 7.73 15.43
N PRO B 196 0.21 7.25 16.19
CA PRO B 196 -0.95 6.70 15.56
C PRO B 196 -1.63 7.69 14.67
N THR B 197 -1.66 8.97 15.07
CA THR B 197 -2.26 9.99 14.27
C THR B 197 -1.42 10.18 13.04
N GLN B 198 -0.09 10.21 13.23
CA GLN B 198 0.80 10.40 12.13
C GLN B 198 0.55 9.33 11.12
N ASN B 199 0.25 8.10 11.60
CA ASN B 199 0.04 7.01 10.70
C ASN B 199 -1.21 7.24 9.93
N SER B 200 -2.31 7.59 10.65
CA SER B 200 -3.58 7.73 10.00
C SER B 200 -3.51 8.83 8.99
N VAL B 201 -2.97 9.99 9.38
CA VAL B 201 -2.98 11.15 8.53
C VAL B 201 -2.12 10.88 7.34
N ARG B 202 -0.95 10.27 7.57
CA ARG B 202 -0.03 9.98 6.49
C ARG B 202 -0.74 9.13 5.49
N GLU B 203 -1.47 8.10 5.96
CA GLU B 203 -2.17 7.21 5.07
C GLU B 203 -3.21 7.98 4.34
N LEU B 204 -3.92 8.88 5.04
CA LEU B 204 -4.98 9.62 4.44
C LEU B 204 -4.42 10.48 3.35
N ARG B 205 -3.28 11.14 3.61
CA ARG B 205 -2.70 12.01 2.61
C ARG B 205 -2.15 11.18 1.50
N GLY B 206 -1.80 9.91 1.80
CA GLY B 206 -1.41 9.00 0.77
C GLY B 206 -2.58 8.81 -0.14
N LEU B 207 -3.75 8.53 0.45
CA LEU B 207 -4.96 8.30 -0.27
C LEU B 207 -5.27 9.50 -1.11
N GLY B 208 -4.86 10.69 -0.66
CA GLY B 208 -5.08 11.84 -1.50
C GLY B 208 -5.92 12.86 -0.79
N LEU B 209 -6.20 12.67 0.51
CA LEU B 209 -7.03 13.63 1.17
C LEU B 209 -6.22 14.30 2.23
N SER B 210 -6.46 15.61 2.47
CA SER B 210 -5.64 16.32 3.41
C SER B 210 -6.59 17.10 4.28
N PRO B 211 -6.58 16.78 5.54
CA PRO B 211 -7.41 17.44 6.51
C PRO B 211 -7.22 18.92 6.55
N ASP B 212 -8.33 19.67 6.70
CA ASP B 212 -8.26 21.08 6.94
C ASP B 212 -8.18 21.30 8.42
N LEU B 213 -8.83 20.42 9.20
CA LEU B 213 -8.69 20.44 10.63
C LEU B 213 -8.54 19.04 11.10
N VAL B 214 -7.72 18.83 12.15
CA VAL B 214 -7.56 17.50 12.64
C VAL B 214 -8.05 17.51 14.05
N VAL B 215 -9.11 16.73 14.32
CA VAL B 215 -9.62 16.68 15.66
C VAL B 215 -8.81 15.64 16.35
N CYS B 216 -8.29 15.95 17.55
CA CYS B 216 -7.50 14.98 18.22
C CYS B 216 -8.24 14.55 19.45
N ARG B 217 -8.62 13.25 19.50
CA ARG B 217 -9.25 12.75 20.67
C ARG B 217 -8.15 12.60 21.65
N CYS B 218 -8.16 13.44 22.71
CA CYS B 218 -7.10 13.45 23.67
C CYS B 218 -7.70 12.99 24.96
N SER B 219 -6.87 12.53 25.91
CA SER B 219 -7.40 12.20 27.21
C SER B 219 -7.46 13.48 27.98
N ASN B 220 -6.28 13.97 28.40
CA ASN B 220 -6.14 15.28 28.99
C ASN B 220 -5.70 16.17 27.88
N PRO B 221 -5.69 17.45 28.07
CA PRO B 221 -5.26 18.31 27.01
C PRO B 221 -3.85 18.03 26.62
N LEU B 222 -3.50 18.33 25.35
CA LEU B 222 -2.15 18.19 24.90
C LEU B 222 -1.36 19.35 25.38
N ASP B 223 -0.04 19.17 25.53
CA ASP B 223 0.81 20.26 25.88
C ASP B 223 1.29 20.84 24.59
N THR B 224 2.10 21.92 24.68
CA THR B 224 2.42 22.69 23.51
C THR B 224 3.30 21.86 22.65
N SER B 225 4.33 21.22 23.25
CA SER B 225 5.35 20.57 22.50
C SER B 225 4.74 19.48 21.65
N VAL B 226 3.68 18.83 22.17
CA VAL B 226 3.04 17.77 21.44
C VAL B 226 2.40 18.35 20.22
N LYS B 227 1.68 19.47 20.39
CA LYS B 227 0.94 20.14 19.37
C LYS B 227 1.90 20.58 18.31
N GLU B 228 3.10 21.00 18.73
CA GLU B 228 4.08 21.53 17.84
C GLU B 228 4.64 20.41 17.01
N LYS B 229 4.84 19.24 17.64
CA LYS B 229 5.30 18.06 16.96
C LYS B 229 4.31 17.67 15.92
N ILE B 230 3.01 17.68 16.28
CA ILE B 230 1.97 17.25 15.38
C ILE B 230 1.99 18.18 14.22
N SER B 231 2.03 19.49 14.52
CA SER B 231 2.08 20.52 13.53
C SER B 231 3.12 20.19 12.53
N MET B 232 4.34 19.84 12.98
CA MET B 232 5.38 19.54 12.04
C MET B 232 5.06 18.29 11.28
N PHE B 233 4.69 17.21 11.99
CA PHE B 233 4.48 15.94 11.34
C PHE B 233 3.42 15.99 10.27
N CYS B 234 2.33 16.72 10.51
CA CYS B 234 1.22 16.89 9.62
C CYS B 234 1.36 18.10 8.74
N HIS B 235 2.27 19.03 9.07
CA HIS B 235 2.44 20.21 8.27
C HIS B 235 1.18 21.03 8.28
N VAL B 236 0.61 21.21 9.50
CA VAL B 236 -0.64 21.90 9.67
C VAL B 236 -0.36 22.91 10.74
N GLU B 237 -1.24 23.90 10.93
CA GLU B 237 -1.02 24.91 11.93
C GLU B 237 -1.43 24.30 13.24
N PRO B 238 -0.84 24.76 14.32
CA PRO B 238 -1.27 24.32 15.62
C PRO B 238 -2.68 24.74 15.90
N GLU B 239 -3.21 25.71 15.14
CA GLU B 239 -4.61 26.00 15.20
C GLU B 239 -5.36 24.79 14.74
N GLN B 240 -4.91 24.24 13.59
CA GLN B 240 -5.50 23.10 12.96
C GLN B 240 -5.31 21.87 13.79
N VAL B 241 -4.29 21.86 14.69
CA VAL B 241 -4.22 20.79 15.65
C VAL B 241 -5.21 21.07 16.73
N ILE B 242 -6.37 20.36 16.68
CA ILE B 242 -7.43 20.63 17.61
C ILE B 242 -7.37 19.57 18.66
N CYS B 243 -7.08 19.93 19.92
CA CYS B 243 -7.16 18.92 20.93
C CYS B 243 -8.50 18.97 21.56
N VAL B 244 -9.24 17.84 21.47
CA VAL B 244 -10.49 17.73 22.14
C VAL B 244 -10.27 16.69 23.18
N HIS B 245 -9.99 17.14 24.42
CA HIS B 245 -9.76 16.24 25.51
C HIS B 245 -11.06 15.65 25.95
N ASP B 246 -10.98 14.55 26.72
CA ASP B 246 -12.16 13.86 27.12
C ASP B 246 -12.89 14.75 28.06
N VAL B 247 -14.22 14.81 27.92
CA VAL B 247 -15.01 15.66 28.75
C VAL B 247 -15.93 14.78 29.53
N SER B 248 -16.36 15.28 30.71
CA SER B 248 -17.26 14.54 31.54
C SER B 248 -18.58 14.40 30.85
N SER B 249 -18.94 15.37 29.99
CA SER B 249 -20.17 15.23 29.27
C SER B 249 -20.12 16.01 27.99
N ILE B 250 -20.86 15.50 26.99
CA ILE B 250 -20.71 15.81 25.58
C ILE B 250 -20.95 17.28 25.41
N TYR B 251 -21.83 17.84 26.24
CA TYR B 251 -22.28 19.19 26.19
C TYR B 251 -21.13 20.15 26.31
N ARG B 252 -19.97 19.68 26.81
CA ARG B 252 -18.82 20.51 27.00
C ARG B 252 -18.07 20.72 25.71
N VAL B 253 -18.31 19.87 24.69
CA VAL B 253 -17.54 19.87 23.48
C VAL B 253 -17.83 21.09 22.64
N PRO B 254 -19.06 21.45 22.42
CA PRO B 254 -19.31 22.64 21.66
C PRO B 254 -18.58 23.80 22.28
N LEU B 255 -18.47 23.82 23.62
CA LEU B 255 -17.85 24.92 24.30
C LEU B 255 -16.37 24.84 24.06
N LEU B 256 -15.82 23.61 24.12
CA LEU B 256 -14.43 23.39 23.82
C LEU B 256 -14.13 23.91 22.45
N LEU B 257 -14.98 23.58 21.47
CA LEU B 257 -14.72 23.98 20.12
C LEU B 257 -14.72 25.48 20.04
N GLU B 258 -15.58 26.15 20.82
CA GLU B 258 -15.58 27.58 20.89
C GLU B 258 -14.27 28.08 21.41
N GLU B 259 -13.72 27.41 22.43
CA GLU B 259 -12.48 27.85 23.00
C GLU B 259 -11.44 27.77 21.93
N GLN B 260 -11.53 26.72 21.11
CA GLN B 260 -10.61 26.49 20.04
C GLN B 260 -10.83 27.49 18.93
N GLY B 261 -12.06 27.99 18.73
CA GLY B 261 -12.21 29.02 17.74
C GLY B 261 -12.26 28.41 16.38
N VAL B 262 -12.75 27.17 16.31
CA VAL B 262 -12.79 26.43 15.08
C VAL B 262 -13.76 27.08 14.14
N VAL B 263 -14.73 27.83 14.70
CA VAL B 263 -15.75 28.46 13.91
C VAL B 263 -15.12 29.51 13.07
N ASP B 264 -14.24 30.31 13.69
CA ASP B 264 -13.60 31.39 13.00
C ASP B 264 -12.80 30.81 11.88
N TYR B 265 -12.16 29.66 12.12
CA TYR B 265 -11.43 29.00 11.09
C TYR B 265 -12.37 28.68 9.96
N PHE B 266 -13.56 28.14 10.26
CA PHE B 266 -14.46 27.77 9.21
C PHE B 266 -14.85 28.98 8.45
N LEU B 267 -15.03 30.13 9.14
CA LEU B 267 -15.46 31.31 8.48
C LEU B 267 -14.41 31.70 7.49
N ARG B 268 -13.12 31.53 7.84
CA ARG B 268 -12.08 31.92 6.94
C ARG B 268 -11.90 30.87 5.88
N ARG B 269 -12.14 29.59 6.22
CA ARG B 269 -11.79 28.51 5.36
C ARG B 269 -12.84 28.32 4.30
N LEU B 270 -14.11 28.36 4.72
CA LEU B 270 -15.25 28.20 3.86
C LEU B 270 -15.72 29.52 3.33
N ASP B 271 -15.09 30.61 3.78
CA ASP B 271 -15.42 31.92 3.30
C ASP B 271 -16.88 32.15 3.55
N LEU B 272 -17.27 32.16 4.84
CA LEU B 272 -18.63 32.33 5.25
C LEU B 272 -18.71 33.56 6.08
N PRO B 273 -19.65 34.41 5.77
CA PRO B 273 -19.94 35.51 6.65
C PRO B 273 -20.63 35.05 7.88
N ILE B 274 -20.67 35.90 8.93
CA ILE B 274 -21.35 35.56 10.14
C ILE B 274 -21.76 36.84 10.79
N GLU B 275 -23.05 36.96 11.16
CA GLU B 275 -23.44 38.04 12.03
C GLU B 275 -23.48 37.47 13.41
N ARG B 276 -23.10 38.28 14.43
CA ARG B 276 -23.00 37.64 15.70
C ARG B 276 -23.27 38.62 16.80
N GLN B 277 -23.31 38.06 18.03
CA GLN B 277 -23.46 38.69 19.31
C GLN B 277 -22.39 37.91 20.00
N PRO B 278 -22.61 37.08 21.00
CA PRO B 278 -21.43 36.37 21.38
C PRO B 278 -21.40 35.58 20.11
N ARG B 279 -20.23 35.06 19.74
CA ARG B 279 -20.14 34.40 18.47
C ARG B 279 -21.31 33.51 18.28
N LYS B 280 -21.57 32.63 19.25
CA LYS B 280 -22.63 31.68 19.07
C LYS B 280 -23.26 31.50 20.40
N MET B 281 -24.30 30.64 20.46
CA MET B 281 -24.92 30.46 21.73
C MET B 281 -23.99 29.61 22.52
N LEU B 282 -24.82 32.10 23.18
CA LEU B 282 -23.93 31.45 24.09
C LEU B 282 -24.66 30.88 25.25
N MET B 283 -25.63 31.61 25.81
CA MET B 283 -26.33 31.21 27.00
C MET B 283 -26.98 29.86 26.84
N LYS B 284 -27.23 29.39 25.61
CA LYS B 284 -27.82 28.08 25.48
C LYS B 284 -26.96 27.09 26.19
N TRP B 285 -25.70 26.92 25.74
CA TRP B 285 -24.86 25.84 26.18
C TRP B 285 -24.23 26.26 27.47
N LYS B 286 -24.06 27.57 27.66
CA LYS B 286 -23.44 28.14 28.81
C LYS B 286 -24.33 27.93 29.99
N GLU B 287 -25.62 28.29 29.88
CA GLU B 287 -26.53 28.09 30.97
C GLU B 287 -26.59 26.63 31.29
N MET B 288 -26.73 25.78 30.25
CA MET B 288 -26.87 24.40 30.57
C MET B 288 -25.64 23.94 31.27
N ALA B 289 -24.47 24.42 30.83
CA ALA B 289 -23.25 23.99 31.44
C ALA B 289 -23.26 24.41 32.87
N ASP B 290 -23.80 25.60 33.16
CA ASP B 290 -23.80 26.08 34.51
C ASP B 290 -24.67 25.19 35.33
N ARG B 291 -25.76 24.70 34.73
CA ARG B 291 -26.72 23.91 35.44
C ARG B 291 -26.13 22.56 35.66
N TYR B 292 -25.38 22.06 34.66
CA TYR B 292 -24.78 20.76 34.76
C TYR B 292 -23.77 20.80 35.86
N ASP B 293 -23.04 21.93 35.98
CA ASP B 293 -22.09 22.07 37.05
C ASP B 293 -22.81 22.30 38.35
N ARG B 294 -23.97 22.98 38.32
CA ARG B 294 -24.63 23.23 39.57
C ARG B 294 -25.84 22.37 39.70
N LEU B 295 -25.65 21.16 40.25
CA LEU B 295 -26.77 20.28 40.34
C LEU B 295 -27.14 20.29 41.78
N LEU B 296 -29.22 18.16 43.17
CA LEU B 296 -29.21 18.09 44.60
C LEU B 296 -28.76 16.71 44.90
N GLU B 297 -29.73 15.90 45.32
CA GLU B 297 -29.58 14.53 45.67
C GLU B 297 -29.48 13.73 44.42
N THR B 298 -28.86 12.55 44.54
CA THR B 298 -28.76 11.65 43.44
C THR B 298 -29.92 10.71 43.49
N CYS B 299 -30.76 10.73 42.43
CA CYS B 299 -31.88 9.83 42.35
C CYS B 299 -31.41 8.67 41.54
N SER B 300 -31.68 7.44 42.01
CA SER B 300 -31.17 6.32 41.29
C SER B 300 -32.31 5.59 40.69
N ILE B 301 -32.05 4.93 39.55
CA ILE B 301 -33.08 4.20 38.87
C ILE B 301 -32.53 2.84 38.60
N ALA B 302 -33.38 1.81 38.77
CA ALA B 302 -32.91 0.47 38.54
C ALA B 302 -33.28 0.12 37.14
N LEU B 303 -32.26 0.05 36.27
CA LEU B 303 -32.45 -0.43 34.94
C LEU B 303 -32.44 -1.92 35.07
N VAL B 304 -33.57 -2.57 34.77
CA VAL B 304 -33.65 -4.00 34.94
C VAL B 304 -33.75 -4.57 33.56
N GLY B 305 -32.84 -5.50 33.21
CA GLY B 305 -33.01 -6.06 31.90
C GLY B 305 -31.94 -7.06 31.59
N LYS B 306 -31.83 -7.36 30.28
CA LYS B 306 -30.96 -8.35 29.70
C LYS B 306 -29.68 -7.70 29.28
N TYR B 307 -29.84 -6.76 28.33
CA TYR B 307 -28.89 -6.08 27.48
C TYR B 307 -28.41 -4.92 28.26
N THR B 308 -29.05 -4.79 29.42
CA THR B 308 -28.74 -4.03 30.57
C THR B 308 -27.36 -4.22 31.02
N LYS B 309 -26.74 -5.40 30.78
CA LYS B 309 -25.34 -5.42 31.06
C LYS B 309 -24.88 -4.23 30.32
N PHE B 310 -24.12 -3.43 31.06
CA PHE B 310 -23.62 -2.20 30.58
C PHE B 310 -23.11 -2.27 29.23
N SER B 311 -23.70 -1.33 28.52
CA SER B 311 -23.47 -1.14 27.15
C SER B 311 -24.05 0.22 27.00
N ASP B 312 -24.01 0.73 25.79
CA ASP B 312 -24.64 1.98 25.51
C ASP B 312 -25.97 1.67 24.87
N SER B 313 -26.51 0.46 25.08
CA SER B 313 -27.76 0.08 24.46
C SER B 313 -28.85 1.04 24.83
N TYR B 314 -28.67 1.69 25.99
CA TYR B 314 -29.59 2.60 26.58
C TYR B 314 -29.16 4.02 26.61
N ALA B 315 -28.20 4.41 25.76
CA ALA B 315 -27.71 5.76 25.70
C ALA B 315 -28.79 6.79 25.49
N SER B 316 -29.80 6.57 24.62
CA SER B 316 -30.76 7.63 24.45
C SER B 316 -31.76 7.58 25.56
N VAL B 317 -31.93 6.40 26.19
CA VAL B 317 -32.83 6.25 27.29
C VAL B 317 -32.30 6.97 28.48
N ILE B 318 -31.01 6.76 28.80
CA ILE B 318 -30.40 7.48 29.89
C ILE B 318 -30.39 8.94 29.57
N LYS B 319 -30.13 9.31 28.30
CA LYS B 319 -30.12 10.69 27.93
C LYS B 319 -31.47 11.29 28.17
N ALA B 320 -32.55 10.54 27.90
CA ALA B 320 -33.87 11.06 28.14
C ALA B 320 -33.98 11.34 29.60
N LEU B 321 -33.46 10.44 30.45
CA LEU B 321 -33.52 10.60 31.87
C LEU B 321 -32.74 11.82 32.26
N GLU B 322 -31.64 12.09 31.54
CA GLU B 322 -30.82 13.23 31.84
C GLU B 322 -31.58 14.48 31.55
N HIS B 323 -32.42 14.44 30.51
CA HIS B 323 -33.21 15.60 30.22
C HIS B 323 -34.05 15.93 31.41
N SER B 324 -34.65 14.91 32.04
CA SER B 324 -35.49 15.13 33.18
C SER B 324 -34.67 15.57 34.35
N ALA B 325 -33.48 14.96 34.54
CA ALA B 325 -32.62 15.30 35.64
C ALA B 325 -32.25 16.74 35.56
N LEU B 326 -32.00 17.25 34.34
CA LEU B 326 -31.66 18.64 34.20
C LEU B 326 -32.83 19.48 34.56
N ALA B 327 -34.05 19.09 34.12
CA ALA B 327 -35.17 19.94 34.35
C ALA B 327 -35.33 20.14 35.82
N ILE B 328 -35.28 19.04 36.58
CA ILE B 328 -35.53 19.04 38.00
C ILE B 328 -34.28 19.47 38.72
N ASN B 329 -33.12 19.40 38.03
CA ASN B 329 -31.85 19.82 38.57
C ASN B 329 -31.41 18.89 39.65
N HIS B 330 -31.56 17.58 39.45
CA HIS B 330 -31.07 16.66 40.43
C HIS B 330 -30.03 15.80 39.77
N LYS B 331 -29.37 14.93 40.57
CA LYS B 331 -28.33 14.10 40.04
C LYS B 331 -28.93 12.76 39.75
N LEU B 332 -28.25 11.93 38.95
CA LEU B 332 -28.87 10.74 38.46
C LEU B 332 -27.91 9.61 38.49
N GLU B 333 -28.35 8.48 39.09
CA GLU B 333 -27.53 7.31 39.12
C GLU B 333 -28.24 6.29 38.27
N ILE B 334 -27.53 5.65 37.33
CA ILE B 334 -28.12 4.54 36.61
C ILE B 334 -27.61 3.25 37.16
N LYS B 335 -28.52 2.46 37.76
CA LYS B 335 -28.10 1.18 38.21
C LYS B 335 -28.34 0.25 37.10
N TYR B 336 -27.41 -0.68 36.96
CA TYR B 336 -27.49 -1.63 35.93
C TYR B 336 -27.70 -2.97 36.57
N ILE B 337 -28.97 -3.44 36.63
CA ILE B 337 -29.24 -4.70 37.24
C ILE B 337 -29.64 -5.71 36.21
N ASP B 338 -28.79 -6.74 36.03
CA ASP B 338 -29.12 -7.83 35.16
C ASP B 338 -30.31 -8.46 35.81
N SER B 339 -31.45 -8.50 35.09
CA SER B 339 -32.65 -9.08 35.63
C SER B 339 -32.40 -10.49 36.03
N ALA B 340 -31.43 -11.15 35.38
CA ALA B 340 -31.11 -12.53 35.66
C ALA B 340 -30.64 -12.66 37.06
N ASP B 341 -29.97 -11.63 37.60
CA ASP B 341 -29.43 -11.65 38.93
C ASP B 341 -30.51 -11.61 39.96
N LEU B 342 -31.75 -11.26 39.55
CA LEU B 342 -32.89 -11.22 40.42
C LEU B 342 -33.53 -12.56 40.56
N GLU B 343 -33.10 -13.56 39.76
CA GLU B 343 -33.68 -14.88 39.74
C GLU B 343 -32.98 -15.83 40.67
N PRO B 344 -33.77 -16.76 41.16
CA PRO B 344 -33.35 -17.80 42.07
C PRO B 344 -32.33 -18.71 41.45
N ILE B 345 -32.17 -18.69 40.12
CA ILE B 345 -31.11 -19.42 39.49
C ILE B 345 -29.82 -18.84 39.97
N THR B 346 -29.74 -17.50 39.99
CA THR B 346 -28.60 -16.77 40.46
C THR B 346 -28.41 -17.03 41.92
N SER B 347 -29.52 -17.06 42.69
CA SER B 347 -29.37 -17.39 44.08
C SER B 347 -28.63 -18.69 44.18
N GLN B 348 -29.00 -19.67 43.34
CA GLN B 348 -28.31 -20.92 43.40
C GLN B 348 -26.89 -20.78 42.96
N GLU B 349 -26.63 -19.99 41.90
CA GLU B 349 -25.30 -19.87 41.39
C GLU B 349 -24.44 -19.01 42.28
N GLU B 350 -24.71 -17.69 42.33
CA GLU B 350 -23.96 -16.84 43.20
C GLU B 350 -24.93 -15.96 43.92
N PRO B 351 -25.26 -16.35 45.12
CA PRO B 351 -26.22 -15.62 45.89
C PRO B 351 -25.70 -14.29 46.33
N VAL B 352 -24.39 -14.04 46.20
CA VAL B 352 -23.89 -12.72 46.48
C VAL B 352 -24.51 -11.78 45.50
N ARG B 353 -24.44 -12.14 44.20
CA ARG B 353 -24.97 -11.28 43.18
C ARG B 353 -26.46 -11.22 43.30
N TYR B 354 -27.10 -12.34 43.67
CA TYR B 354 -28.52 -12.40 43.80
C TYR B 354 -28.98 -11.35 44.76
N HIS B 355 -28.44 -11.38 46.00
CA HIS B 355 -28.92 -10.51 47.03
C HIS B 355 -28.45 -9.12 46.77
N GLU B 356 -27.26 -8.97 46.18
CA GLU B 356 -26.76 -7.67 45.84
C GLU B 356 -27.70 -7.01 44.88
N ALA B 357 -28.22 -7.76 43.88
CA ALA B 357 -29.06 -7.15 42.89
C ALA B 357 -30.31 -6.64 43.53
N TRP B 358 -30.94 -7.48 44.39
CA TRP B 358 -32.15 -7.09 45.06
C TRP B 358 -31.89 -5.98 46.04
N GLN B 359 -30.71 -5.98 46.68
CA GLN B 359 -30.41 -4.88 47.56
C GLN B 359 -30.41 -3.62 46.76
N LYS B 360 -29.75 -3.64 45.58
CA LYS B 360 -29.66 -2.46 44.76
C LYS B 360 -31.03 -2.06 44.34
N LEU B 361 -31.86 -3.04 43.95
CA LEU B 361 -33.18 -2.74 43.47
C LEU B 361 -33.93 -1.96 44.49
N CYS B 362 -33.87 -2.38 45.77
CA CYS B 362 -34.62 -1.70 46.80
C CYS B 362 -34.08 -0.31 47.00
N SER B 363 -32.75 -0.16 46.97
CA SER B 363 -32.10 1.11 47.13
C SER B 363 -32.44 2.07 46.04
N ALA B 364 -32.85 1.57 44.86
CA ALA B 364 -33.31 2.46 43.82
C ALA B 364 -34.56 3.18 44.16
N HIS B 365 -34.64 4.42 43.63
CA HIS B 365 -35.71 5.34 43.82
C HIS B 365 -36.85 5.01 42.90
N GLY B 366 -36.54 4.62 41.64
CA GLY B 366 -37.56 4.15 40.74
C GLY B 366 -36.99 2.99 39.96
N VAL B 367 -37.83 2.32 39.15
CA VAL B 367 -37.37 1.19 38.38
C VAL B 367 -37.82 1.36 36.97
N LEU B 368 -37.04 0.79 36.02
CA LEU B 368 -37.39 0.85 34.63
C LEU B 368 -37.22 -0.51 34.03
N VAL B 369 -38.30 -1.06 33.45
CA VAL B 369 -38.18 -2.31 32.74
C VAL B 369 -38.52 -1.97 31.32
N PRO B 370 -37.49 -1.76 30.55
CA PRO B 370 -37.67 -1.39 29.17
C PRO B 370 -37.97 -2.58 28.32
N GLY B 371 -38.10 -2.35 27.01
CA GLY B 371 -38.32 -3.44 26.10
C GLY B 371 -37.03 -4.16 26.00
N GLY B 372 -37.05 -5.31 25.30
CA GLY B 372 -35.86 -6.07 25.16
C GLY B 372 -36.20 -7.25 24.33
N PHE B 373 -35.23 -8.15 24.13
CA PHE B 373 -35.50 -9.26 23.28
C PHE B 373 -34.98 -10.47 23.99
N GLY B 374 -35.67 -11.62 23.84
CA GLY B 374 -35.20 -12.84 24.42
C GLY B 374 -35.95 -13.12 25.69
N VAL B 375 -36.17 -14.42 25.94
CA VAL B 375 -36.83 -14.99 27.08
C VAL B 375 -36.00 -14.81 28.30
N ARG B 376 -34.68 -14.62 28.12
CA ARG B 376 -33.79 -14.49 29.23
C ARG B 376 -34.18 -13.39 30.17
N GLY B 377 -34.19 -13.75 31.48
CA GLY B 377 -34.44 -12.86 32.59
C GLY B 377 -35.89 -12.54 32.75
N THR B 378 -36.78 -13.16 31.97
CA THR B 378 -38.16 -12.78 32.04
C THR B 378 -38.64 -12.92 33.44
N GLU B 379 -38.24 -14.01 34.12
CA GLU B 379 -38.66 -14.23 35.48
C GLU B 379 -38.21 -13.10 36.36
N GLY B 380 -36.91 -12.76 36.31
CA GLY B 380 -36.42 -11.74 37.19
C GLY B 380 -37.11 -10.45 36.86
N LYS B 381 -37.42 -10.24 35.58
CA LYS B 381 -38.07 -9.02 35.16
C LYS B 381 -39.41 -8.94 35.81
N ILE B 382 -40.19 -10.05 35.76
CA ILE B 382 -41.51 -10.03 36.29
C ILE B 382 -41.44 -9.89 37.78
N GLN B 383 -40.45 -10.56 38.40
CA GLN B 383 -40.33 -10.47 39.83
C GLN B 383 -40.11 -9.04 40.22
N ALA B 384 -39.29 -8.31 39.44
CA ALA B 384 -39.02 -6.94 39.75
C ALA B 384 -40.29 -6.15 39.63
N ILE B 385 -41.10 -6.47 38.60
CA ILE B 385 -42.32 -5.76 38.37
C ILE B 385 -43.24 -5.95 39.54
N ALA B 386 -43.44 -7.21 39.97
CA ALA B 386 -44.33 -7.47 41.07
C ALA B 386 -43.82 -6.80 42.29
N TRP B 387 -42.48 -6.79 42.46
CA TRP B 387 -41.89 -6.18 43.61
C TRP B 387 -42.27 -4.73 43.64
N ALA B 388 -42.06 -4.03 42.51
CA ALA B 388 -42.33 -2.62 42.46
C ALA B 388 -43.80 -2.38 42.67
N ARG B 389 -44.68 -3.22 42.10
CA ARG B 389 -46.08 -3.00 42.29
C ARG B 389 -46.47 -3.16 43.73
N ASN B 390 -45.89 -4.15 44.43
CA ASN B 390 -46.29 -4.42 45.80
C ASN B 390 -45.78 -3.33 46.69
N GLN B 391 -44.56 -2.84 46.40
CA GLN B 391 -43.84 -1.88 47.18
C GLN B 391 -44.21 -0.49 46.77
N LYS B 392 -45.05 -0.35 45.72
CA LYS B 392 -45.54 0.93 45.32
C LYS B 392 -44.37 1.79 44.97
N LYS B 393 -43.43 1.24 44.18
CA LYS B 393 -42.26 1.93 43.73
C LYS B 393 -42.56 2.43 42.35
N PRO B 394 -42.06 3.56 41.99
CA PRO B 394 -42.35 4.14 40.70
C PRO B 394 -41.96 3.16 39.65
N PHE B 395 -42.92 2.74 38.79
CA PHE B 395 -42.59 1.76 37.80
C PHE B 395 -42.94 2.27 36.44
N LEU B 396 -41.96 2.17 35.52
CA LEU B 396 -42.22 2.46 34.13
C LEU B 396 -41.81 1.25 33.36
N GLY B 397 -42.75 0.71 32.55
CA GLY B 397 -42.38 -0.40 31.72
C GLY B 397 -42.49 0.06 30.31
N VAL B 398 -41.60 -0.44 29.44
CA VAL B 398 -41.68 -0.04 28.07
C VAL B 398 -41.72 -1.27 27.22
N CYS B 399 -42.70 -1.33 26.29
CA CYS B 399 -42.84 -2.42 25.38
C CYS B 399 -42.93 -3.70 26.13
N LEU B 400 -41.83 -4.47 26.13
CA LEU B 400 -41.81 -5.78 26.71
C LEU B 400 -42.18 -5.60 28.15
N GLY B 401 -41.62 -4.55 28.80
CA GLY B 401 -41.84 -4.34 30.19
C GLY B 401 -43.31 -4.16 30.43
N MET B 402 -43.99 -3.34 29.60
CA MET B 402 -45.40 -3.17 29.77
C MET B 402 -46.12 -4.48 29.60
N GLN B 403 -45.69 -5.28 28.60
CA GLN B 403 -46.34 -6.52 28.27
C GLN B 403 -46.25 -7.44 29.44
N LEU B 404 -45.05 -7.51 30.06
CA LEU B 404 -44.83 -8.42 31.14
C LEU B 404 -45.58 -7.94 32.34
N ALA B 405 -45.73 -6.61 32.47
CA ALA B 405 -46.41 -6.07 33.61
C ALA B 405 -47.83 -6.54 33.59
N VAL B 406 -48.46 -6.56 32.40
CA VAL B 406 -49.82 -6.98 32.29
C VAL B 406 -49.91 -8.43 32.67
N VAL B 407 -48.95 -9.25 32.20
CA VAL B 407 -48.97 -10.64 32.55
C VAL B 407 -48.85 -10.80 34.03
N GLU B 408 -47.93 -10.04 34.65
CA GLU B 408 -47.72 -10.14 36.07
C GLU B 408 -49.01 -9.86 36.77
N PHE B 409 -49.72 -8.81 36.34
CA PHE B 409 -50.96 -8.41 36.94
C PHE B 409 -51.90 -9.57 36.90
N SER B 410 -52.06 -10.18 35.71
CA SER B 410 -52.99 -11.27 35.56
C SER B 410 -52.62 -12.36 36.50
N ARG B 411 -51.31 -12.67 36.61
CA ARG B 411 -50.92 -13.80 37.41
C ARG B 411 -51.22 -13.56 38.85
N ASN B 412 -50.82 -12.39 39.38
CA ASN B 412 -50.88 -12.20 40.80
C ASN B 412 -52.09 -11.44 41.25
N VAL B 413 -52.97 -11.05 40.30
CA VAL B 413 -54.23 -10.47 40.69
C VAL B 413 -55.40 -11.31 40.27
N LEU B 414 -55.41 -11.79 39.01
CA LEU B 414 -56.47 -12.62 38.50
C LEU B 414 -56.18 -14.04 38.82
N GLY B 415 -54.96 -14.31 39.30
CA GLY B 415 -54.69 -15.66 39.73
C GLY B 415 -54.35 -16.46 38.53
N TRP B 416 -54.12 -15.82 37.37
CA TRP B 416 -53.91 -16.61 36.20
C TRP B 416 -52.43 -16.79 36.13
N GLN B 417 -51.92 -17.69 36.99
CA GLN B 417 -50.51 -17.93 37.11
C GLN B 417 -49.96 -18.53 35.86
N ASP B 418 -50.81 -19.17 35.04
CA ASP B 418 -50.28 -19.64 33.80
C ASP B 418 -50.46 -18.63 32.72
N ALA B 419 -50.77 -17.37 33.07
CA ALA B 419 -50.92 -16.40 32.02
C ALA B 419 -49.56 -16.23 31.45
N ASN B 420 -49.44 -15.96 30.14
CA ASN B 420 -48.09 -15.85 29.65
C ASN B 420 -48.08 -15.07 28.38
N SER B 421 -46.88 -14.89 27.81
CA SER B 421 -46.67 -14.27 26.54
C SER B 421 -46.49 -15.38 25.55
N THR B 422 -47.20 -15.29 24.41
CA THR B 422 -47.12 -16.26 23.36
C THR B 422 -45.82 -16.07 22.66
N GLU B 423 -45.14 -14.94 22.93
CA GLU B 423 -43.84 -14.71 22.38
C GLU B 423 -42.94 -15.82 22.87
N PHE B 424 -43.15 -16.34 24.08
CA PHE B 424 -42.20 -17.31 24.54
C PHE B 424 -42.85 -18.61 24.88
N ASP B 425 -44.18 -18.62 25.01
CA ASP B 425 -44.84 -19.86 25.33
C ASP B 425 -46.07 -20.00 24.49
N PRO B 426 -45.97 -20.84 23.51
CA PRO B 426 -47.07 -20.99 22.61
C PRO B 426 -48.16 -21.77 23.26
N THR B 427 -47.85 -22.45 24.38
CA THR B 427 -48.87 -23.23 25.03
C THR B 427 -49.28 -22.46 26.24
N THR B 428 -50.09 -21.40 26.03
CA THR B 428 -50.40 -20.55 27.13
C THR B 428 -51.87 -20.68 27.36
N SER B 429 -52.25 -20.85 28.64
CA SER B 429 -53.63 -21.02 28.95
C SER B 429 -54.33 -19.71 28.85
N HIS B 430 -53.63 -18.60 29.20
CA HIS B 430 -54.23 -17.32 29.00
C HIS B 430 -53.31 -16.47 28.18
N PRO B 431 -53.38 -16.60 26.88
CA PRO B 431 -52.52 -15.82 26.02
C PRO B 431 -52.72 -14.35 26.27
N VAL B 432 -51.91 -13.74 27.13
CA VAL B 432 -52.07 -12.32 27.36
C VAL B 432 -51.42 -11.57 26.24
N VAL B 433 -50.15 -11.91 25.94
CA VAL B 433 -49.40 -11.17 24.97
C VAL B 433 -49.44 -11.94 23.68
N VAL B 434 -50.05 -11.35 22.64
CA VAL B 434 -50.24 -12.09 21.43
C VAL B 434 -49.64 -11.35 20.28
N ASP B 435 -49.18 -12.10 19.27
CA ASP B 435 -48.54 -11.56 18.11
C ASP B 435 -49.58 -10.89 17.27
N MET B 436 -49.46 -9.55 17.09
CA MET B 436 -50.47 -8.85 16.34
C MET B 436 -49.76 -7.91 15.38
N PRO B 437 -49.29 -8.45 14.29
CA PRO B 437 -48.50 -7.63 13.40
C PRO B 437 -49.36 -6.87 12.45
N GLU B 438 -48.78 -5.94 11.68
CA GLU B 438 -49.57 -5.18 10.74
C GLU B 438 -49.52 -5.90 9.44
N HIS B 439 -50.62 -5.87 8.68
CA HIS B 439 -50.67 -6.58 7.44
C HIS B 439 -51.02 -5.57 6.41
N ASN B 440 -49.99 -4.89 5.87
CA ASN B 440 -50.19 -3.89 4.86
C ASN B 440 -50.13 -4.57 3.53
N PRO B 441 -50.80 -3.99 2.58
CA PRO B 441 -50.82 -4.60 1.29
C PRO B 441 -49.48 -4.49 0.65
N GLY B 442 -49.06 -5.51 -0.12
CA GLY B 442 -47.76 -5.51 -0.71
C GLY B 442 -46.79 -6.18 0.21
N GLN B 443 -47.22 -6.50 1.45
CA GLN B 443 -46.31 -7.16 2.33
C GLN B 443 -46.67 -8.60 2.37
N MET B 444 -45.66 -9.48 2.50
CA MET B 444 -45.94 -10.87 2.65
C MET B 444 -45.77 -11.18 4.10
N GLY B 445 -46.86 -11.57 4.78
CA GLY B 445 -46.80 -11.78 6.20
C GLY B 445 -47.09 -10.47 6.87
N GLY B 446 -46.91 -10.44 8.20
CA GLY B 446 -47.19 -9.25 8.95
C GLY B 446 -45.92 -8.50 9.11
N THR B 447 -45.98 -7.32 9.76
CA THR B 447 -44.79 -6.55 9.99
C THR B 447 -44.90 -5.92 11.34
N MET B 448 -43.73 -5.56 11.92
CA MET B 448 -43.71 -4.94 13.21
C MET B 448 -44.27 -3.57 13.06
N ARG B 449 -45.01 -3.11 14.09
CA ARG B 449 -45.53 -1.77 14.09
C ARG B 449 -44.37 -0.85 14.34
N LEU B 450 -44.11 0.09 13.42
CA LEU B 450 -42.96 0.92 13.51
C LEU B 450 -43.21 2.25 12.88
N GLY B 451 -42.67 3.31 13.49
CA GLY B 451 -42.80 4.62 12.93
C GLY B 451 -43.52 5.53 13.87
N LYS B 452 -43.64 6.80 13.47
CA LYS B 452 -44.35 7.78 14.25
C LYS B 452 -45.80 7.57 13.99
N ARG B 453 -46.53 7.13 15.03
CA ARG B 453 -47.93 6.82 14.83
C ARG B 453 -48.72 7.63 15.80
N ARG B 454 -50.04 7.73 15.56
CA ARG B 454 -50.86 8.50 16.45
C ARG B 454 -51.48 7.56 17.44
N THR B 455 -51.51 7.98 18.72
CA THR B 455 -52.10 7.21 19.78
C THR B 455 -53.21 8.06 20.30
N LEU B 456 -54.37 7.45 20.64
CA LEU B 456 -55.46 8.26 21.10
C LEU B 456 -55.66 8.00 22.56
N PHE B 457 -56.06 9.03 23.33
CA PHE B 457 -56.35 8.81 24.71
C PHE B 457 -57.75 8.27 24.78
N GLN B 458 -57.95 7.26 25.66
CA GLN B 458 -59.23 6.69 25.89
C GLN B 458 -59.99 7.46 26.93
N THR B 459 -59.28 8.30 27.71
CA THR B 459 -59.95 9.02 28.76
C THR B 459 -59.22 10.29 29.05
N LYS B 460 -59.95 11.23 29.69
CA LYS B 460 -59.39 12.45 30.20
C LYS B 460 -58.73 12.21 31.51
N ASN B 461 -59.23 11.24 32.30
CA ASN B 461 -58.66 11.02 33.59
C ASN B 461 -57.45 10.17 33.41
N SER B 462 -56.32 10.79 33.04
CA SER B 462 -55.10 10.06 32.80
C SER B 462 -53.99 10.92 33.29
N VAL B 463 -53.08 10.34 34.08
CA VAL B 463 -51.99 11.11 34.62
C VAL B 463 -51.11 11.53 33.48
N MET B 464 -50.84 10.61 32.54
CA MET B 464 -49.99 10.89 31.42
C MET B 464 -50.62 11.94 30.57
N ARG B 465 -51.94 11.88 30.36
CA ARG B 465 -52.56 12.88 29.56
C ARG B 465 -52.27 14.21 30.17
N LYS B 466 -52.41 14.32 31.51
CA LYS B 466 -52.17 15.56 32.19
C LYS B 466 -50.76 16.00 31.98
N LEU B 467 -49.80 15.04 31.99
CA LEU B 467 -48.42 15.37 31.85
C LEU B 467 -48.19 15.90 30.48
N TYR B 468 -48.88 15.32 29.48
CA TYR B 468 -48.80 15.78 28.11
C TYR B 468 -49.45 17.11 27.96
N GLY B 469 -50.52 17.39 28.73
CA GLY B 469 -51.03 18.73 28.62
C GLY B 469 -52.44 18.68 28.14
N ASP B 470 -53.17 17.63 28.57
CA ASP B 470 -54.54 17.46 28.21
C ASP B 470 -54.73 17.31 26.74
N ALA B 471 -53.83 16.57 26.06
CA ALA B 471 -53.95 16.48 24.63
C ALA B 471 -54.95 15.40 24.35
N ASP B 472 -55.76 15.55 23.27
CA ASP B 472 -56.68 14.52 22.88
C ASP B 472 -55.92 13.36 22.32
N TYR B 473 -54.75 13.61 21.71
CA TYR B 473 -53.99 12.53 21.14
C TYR B 473 -52.53 12.87 21.25
N LEU B 474 -51.66 11.87 20.96
CA LEU B 474 -50.24 12.11 21.01
C LEU B 474 -49.66 11.32 19.88
N GLU B 475 -48.48 11.71 19.37
CA GLU B 475 -47.84 10.94 18.34
C GLU B 475 -46.46 10.62 18.83
N GLU B 476 -46.05 9.34 18.72
CA GLU B 476 -44.89 8.86 19.41
C GLU B 476 -44.17 7.94 18.47
N ARG B 477 -42.96 7.50 18.83
CA ARG B 477 -42.28 6.49 18.06
C ARG B 477 -42.83 5.14 18.39
N HIS B 478 -43.03 4.29 17.36
CA HIS B 478 -43.44 2.94 17.62
C HIS B 478 -42.44 1.94 17.10
N ARG B 479 -42.32 0.79 17.79
CA ARG B 479 -41.47 -0.28 17.38
C ARG B 479 -41.90 -1.48 18.19
N HIS B 480 -42.94 -2.22 17.76
CA HIS B 480 -43.33 -3.36 18.55
C HIS B 480 -44.36 -4.19 17.84
N ARG B 481 -44.38 -5.52 18.12
CA ARG B 481 -45.17 -6.48 17.39
C ARG B 481 -46.28 -7.16 18.17
N PHE B 482 -46.09 -7.40 19.49
CA PHE B 482 -47.08 -8.12 20.26
C PHE B 482 -47.96 -7.17 21.00
N GLU B 483 -49.24 -7.57 21.21
CA GLU B 483 -50.22 -6.65 21.72
C GLU B 483 -51.03 -7.35 22.76
N VAL B 484 -51.96 -6.60 23.39
CA VAL B 484 -52.75 -7.13 24.46
C VAL B 484 -53.81 -7.96 23.82
N ASN B 485 -54.05 -9.19 24.35
CA ASN B 485 -55.15 -9.98 23.87
C ASN B 485 -56.41 -9.39 24.42
N PRO B 486 -57.27 -8.96 23.52
CA PRO B 486 -58.48 -8.31 23.93
C PRO B 486 -59.41 -9.25 24.61
N VAL B 487 -59.21 -10.56 24.39
CA VAL B 487 -59.99 -11.55 25.04
C VAL B 487 -59.82 -11.41 26.51
N TRP B 488 -58.67 -10.89 26.97
CA TRP B 488 -58.50 -10.80 28.38
C TRP B 488 -58.55 -9.36 28.82
N LYS B 489 -58.31 -8.41 27.89
CA LYS B 489 -58.53 -7.02 28.19
C LYS B 489 -59.85 -6.82 28.85
N LYS B 490 -60.91 -7.41 28.27
CA LYS B 490 -62.25 -7.31 28.76
C LYS B 490 -62.36 -7.88 30.15
N CYS B 491 -61.42 -8.74 30.55
CA CYS B 491 -61.44 -9.27 31.89
C CYS B 491 -60.62 -8.38 32.79
N LEU B 492 -59.76 -7.53 32.20
CA LEU B 492 -59.05 -6.46 32.85
C LEU B 492 -59.78 -5.15 32.95
N GLU B 493 -60.90 -4.95 32.23
CA GLU B 493 -61.66 -3.73 32.35
C GLU B 493 -62.36 -3.54 33.67
N GLU B 494 -62.91 -4.58 34.30
CA GLU B 494 -63.43 -4.42 35.63
C GLU B 494 -62.35 -4.30 36.67
N GLN B 495 -61.08 -4.52 36.29
CA GLN B 495 -59.92 -4.40 37.15
C GLN B 495 -59.36 -3.00 37.21
N GLY B 496 -58.47 -2.75 38.21
CA GLY B 496 -57.87 -1.46 38.36
C GLY B 496 -56.66 -1.26 37.48
N LEU B 497 -56.53 -2.07 36.42
CA LEU B 497 -55.44 -1.96 35.49
C LEU B 497 -56.12 -1.31 34.33
N LYS B 498 -55.93 0.01 34.15
CA LYS B 498 -56.73 0.67 33.17
C LYS B 498 -55.92 0.96 31.96
N PHE B 499 -56.52 0.73 30.77
CA PHE B 499 -55.80 0.97 29.55
C PHE B 499 -56.25 2.32 29.08
N VAL B 500 -55.27 3.22 28.91
CA VAL B 500 -55.49 4.59 28.58
C VAL B 500 -55.21 4.91 27.14
N GLY B 501 -54.18 4.30 26.54
CA GLY B 501 -53.85 4.70 25.19
C GLY B 501 -54.13 3.60 24.22
N GLN B 502 -54.60 3.98 23.01
CA GLN B 502 -54.94 3.02 22.00
C GLN B 502 -54.52 3.56 20.68
N ASP B 503 -54.36 2.66 19.70
CA ASP B 503 -54.04 3.07 18.37
C ASP B 503 -55.30 3.65 17.83
N VAL B 504 -55.23 4.20 16.60
CA VAL B 504 -56.34 4.91 16.03
C VAL B 504 -57.48 3.95 15.82
N GLU B 505 -57.18 2.68 15.47
CA GLU B 505 -58.22 1.72 15.22
C GLU B 505 -58.90 1.39 16.51
N GLY B 506 -58.26 1.71 17.65
CA GLY B 506 -58.88 1.40 18.91
C GLY B 506 -58.61 -0.02 19.29
N GLU B 507 -57.67 -0.67 18.58
CA GLU B 507 -57.37 -2.06 18.82
C GLU B 507 -56.13 -2.23 19.66
N ARG B 508 -54.95 -1.83 19.17
CA ARG B 508 -53.73 -2.03 19.91
C ARG B 508 -53.67 -1.09 21.09
N MET B 509 -53.18 -1.60 22.24
CA MET B 509 -53.10 -0.81 23.44
C MET B 509 -51.72 -0.24 23.49
N GLU B 510 -51.62 1.07 23.78
CA GLU B 510 -50.37 1.75 23.94
C GLU B 510 -50.07 2.26 25.33
N ILE B 511 -51.08 2.65 26.12
CA ILE B 511 -50.76 3.15 27.43
C ILE B 511 -51.60 2.44 28.46
N VAL B 512 -50.94 2.05 29.58
CA VAL B 512 -51.68 1.49 30.68
C VAL B 512 -51.26 2.18 31.93
N GLU B 513 -52.25 2.48 32.80
CA GLU B 513 -51.97 3.13 34.04
C GLU B 513 -52.64 2.35 35.12
N LEU B 514 -51.85 1.84 36.07
CA LEU B 514 -52.39 1.06 37.15
C LEU B 514 -52.97 2.03 38.12
N GLU B 515 -54.23 1.80 38.53
CA GLU B 515 -54.85 2.70 39.46
C GLU B 515 -54.40 2.36 40.84
N ASP B 516 -54.47 3.36 41.75
CA ASP B 516 -54.16 3.19 43.13
C ASP B 516 -52.72 2.80 43.26
N HIS B 517 -51.83 3.54 42.59
CA HIS B 517 -50.42 3.28 42.65
C HIS B 517 -49.77 4.60 42.41
N PRO B 518 -48.80 4.97 43.21
CA PRO B 518 -48.16 6.25 43.05
C PRO B 518 -47.68 6.44 41.64
N PHE B 519 -47.17 5.38 40.99
CA PHE B 519 -46.70 5.53 39.65
C PHE B 519 -46.39 4.16 39.15
N PHE B 520 -47.23 3.64 38.24
CA PHE B 520 -47.03 2.32 37.69
C PHE B 520 -47.63 2.44 36.33
N VAL B 521 -46.82 2.76 35.31
CA VAL B 521 -47.41 2.88 34.01
C VAL B 521 -46.57 2.12 33.03
N GLY B 522 -47.17 1.81 31.87
CA GLY B 522 -46.47 1.09 30.85
C GLY B 522 -46.82 1.72 29.53
N VAL B 523 -45.84 1.80 28.62
CA VAL B 523 -46.11 2.27 27.28
C VAL B 523 -45.45 1.33 26.31
N GLN B 524 -46.04 1.21 25.10
CA GLN B 524 -45.46 0.45 24.03
C GLN B 524 -44.56 1.30 23.19
N TYR B 525 -45.00 2.56 22.95
CA TYR B 525 -44.30 3.48 22.10
C TYR B 525 -43.02 3.89 22.78
N HIS B 526 -42.13 4.61 22.06
CA HIS B 526 -40.81 4.86 22.59
C HIS B 526 -40.53 6.34 22.56
N PRO B 527 -40.75 6.96 23.69
CA PRO B 527 -40.76 8.39 23.82
C PRO B 527 -39.36 8.94 23.92
N GLU B 528 -38.38 8.08 24.21
CA GLU B 528 -37.03 8.52 24.45
C GLU B 528 -36.47 9.00 23.16
N PHE B 529 -37.12 8.66 22.05
CA PHE B 529 -36.63 9.10 20.77
C PHE B 529 -36.98 10.54 20.54
N LEU B 530 -38.02 11.04 21.21
CA LEU B 530 -38.55 12.36 20.96
C LEU B 530 -38.21 13.30 22.07
N SER B 531 -37.83 12.77 23.25
CA SER B 531 -37.41 13.59 24.36
C SER B 531 -36.22 14.43 24.00
N ARG B 532 -36.26 15.70 24.45
CA ARG B 532 -35.23 16.65 24.18
C ARG B 532 -34.94 17.37 25.45
N PRO B 533 -33.75 17.89 25.55
CA PRO B 533 -33.35 18.64 26.71
C PRO B 533 -34.30 19.75 27.00
N ILE B 534 -34.85 20.38 25.94
CA ILE B 534 -35.76 21.46 26.18
C ILE B 534 -37.12 20.92 26.54
N LYS B 535 -37.60 19.89 25.79
CA LYS B 535 -38.90 19.31 25.98
C LYS B 535 -38.70 17.87 26.35
N PRO B 536 -38.47 17.58 27.60
CA PRO B 536 -38.35 16.20 27.97
C PRO B 536 -39.64 15.46 27.92
N SER B 537 -39.58 14.15 27.59
CA SER B 537 -40.81 13.40 27.45
C SER B 537 -41.30 13.16 28.83
N PRO B 538 -42.59 12.99 28.97
CA PRO B 538 -43.15 13.04 30.28
C PRO B 538 -43.15 11.75 31.05
N PRO B 539 -42.98 10.59 30.45
CA PRO B 539 -43.04 9.39 31.24
C PRO B 539 -41.78 9.20 32.03
N TYR B 540 -40.68 9.83 31.57
CA TYR B 540 -39.42 9.76 32.26
C TYR B 540 -39.36 10.85 33.26
N PHE B 541 -39.90 12.03 32.91
CA PHE B 541 -39.93 13.16 33.80
C PHE B 541 -40.84 12.82 34.94
N GLY B 542 -42.03 12.28 34.61
CA GLY B 542 -42.99 11.91 35.61
C GLY B 542 -42.41 10.83 36.46
N LEU B 543 -41.79 9.79 35.86
CA LEU B 543 -41.13 8.79 36.65
C LEU B 543 -40.15 9.41 37.61
N LEU B 544 -39.41 10.44 37.17
CA LEU B 544 -38.40 11.02 38.01
C LEU B 544 -39.06 11.64 39.19
N LEU B 545 -40.13 12.41 38.89
CA LEU B 545 -40.91 13.11 39.86
C LEU B 545 -41.43 12.15 40.87
N ALA B 546 -41.92 10.96 40.47
CA ALA B 546 -42.35 9.94 41.40
C ALA B 546 -41.22 9.36 42.21
N SER B 547 -40.09 9.12 41.55
CA SER B 547 -38.90 8.66 42.22
C SER B 547 -38.45 9.56 43.33
N VAL B 548 -38.55 10.89 43.08
CA VAL B 548 -38.40 11.94 44.06
C VAL B 548 -39.50 12.16 45.09
N GLY B 549 -40.79 12.08 44.72
CA GLY B 549 -41.93 12.18 45.60
C GLY B 549 -42.26 13.66 45.79
N ARG B 550 -42.29 14.33 44.64
CA ARG B 550 -42.51 15.61 43.99
C ARG B 550 -43.66 15.79 43.01
N LEU B 551 -43.94 14.75 42.20
CA LEU B 551 -45.01 14.57 41.23
C LEU B 551 -46.34 15.08 41.68
N SER B 552 -46.77 14.82 42.92
CA SER B 552 -48.09 15.25 43.27
C SER B 552 -48.07 16.73 43.46
N HIS B 553 -47.00 17.24 44.07
CA HIS B 553 -46.81 18.65 44.24
C HIS B 553 -46.73 19.32 42.89
N TYR B 554 -45.96 18.73 41.96
CA TYR B 554 -45.78 19.21 40.61
C TYR B 554 -47.10 19.47 39.96
N LEU B 555 -47.99 18.47 39.97
CA LEU B 555 -49.24 18.58 39.27
C LEU B 555 -50.08 19.58 39.99
N GLN B 556 -50.00 19.56 41.33
CA GLN B 556 -50.77 20.39 42.21
C GLN B 556 -50.35 21.81 42.01
N LYS B 557 -49.03 22.02 41.87
CA LYS B 557 -48.40 23.29 41.67
C LYS B 557 -48.87 23.86 40.36
N GLY B 558 -49.16 23.01 39.36
CA GLY B 558 -49.66 23.58 38.14
C GLY B 558 -49.17 22.82 36.93
N CYS B 559 -48.46 21.68 37.10
CA CYS B 559 -47.97 20.92 35.99
C CYS B 559 -47.07 21.74 35.13
N MET C 1 12.65 30.20 -9.27
CA MET C 1 13.02 28.94 -9.95
C MET C 1 11.80 28.11 -10.19
N LYS C 2 11.62 27.68 -11.45
CA LYS C 2 10.53 26.80 -11.78
C LYS C 2 11.08 25.43 -11.55
N TYR C 3 10.31 24.54 -10.90
CA TYR C 3 10.84 23.23 -10.66
C TYR C 3 10.03 22.22 -11.40
N ILE C 4 10.51 21.83 -12.60
CA ILE C 4 9.82 20.89 -13.43
C ILE C 4 10.36 19.55 -13.04
N LEU C 5 9.55 18.74 -12.35
CA LEU C 5 10.01 17.46 -11.91
C LEU C 5 9.62 16.44 -12.92
N VAL C 6 10.60 15.65 -13.41
CA VAL C 6 10.28 14.64 -14.37
C VAL C 6 10.24 13.33 -13.65
N THR C 7 9.04 12.73 -13.57
CA THR C 7 8.89 11.44 -12.96
C THR C 7 8.46 10.50 -14.04
N GLY C 8 8.36 9.20 -13.72
CA GLY C 8 7.88 8.26 -14.70
C GLY C 8 7.65 6.94 -14.04
N GLY C 9 6.88 6.05 -14.68
CA GLY C 9 6.68 4.75 -14.10
C GLY C 9 6.78 3.69 -15.16
N VAL C 10 6.38 2.46 -14.75
CA VAL C 10 6.21 1.29 -15.56
C VAL C 10 7.53 0.65 -15.89
N ILE C 11 8.48 1.38 -16.50
CA ILE C 11 9.71 0.74 -16.86
C ILE C 11 10.75 1.78 -17.08
N SER C 12 12.02 1.42 -16.80
CA SER C 12 13.10 2.32 -17.03
C SER C 12 13.32 2.32 -18.51
N GLY C 13 13.93 3.39 -19.06
CA GLY C 13 14.24 3.40 -20.46
C GLY C 13 13.05 3.95 -21.18
N ILE C 14 12.13 4.54 -20.42
CA ILE C 14 10.91 5.10 -20.93
C ILE C 14 11.22 6.35 -21.69
N GLY C 15 12.26 7.09 -21.28
CA GLY C 15 12.68 8.20 -22.10
C GLY C 15 12.54 9.48 -21.35
N LYS C 16 12.73 9.43 -20.02
CA LYS C 16 12.59 10.60 -19.21
C LYS C 16 13.65 11.59 -19.59
N GLY C 17 14.92 11.15 -19.70
CA GLY C 17 15.98 12.05 -20.05
C GLY C 17 15.79 12.56 -21.45
N ILE C 18 15.13 11.78 -22.32
CA ILE C 18 14.94 12.21 -23.67
C ILE C 18 14.01 13.39 -23.68
N ILE C 19 12.90 13.30 -22.91
CA ILE C 19 11.95 14.37 -22.87
C ILE C 19 12.56 15.52 -22.15
N ALA C 20 13.33 15.25 -21.09
CA ALA C 20 13.89 16.32 -20.31
C ALA C 20 14.75 17.15 -21.20
N SER C 21 15.59 16.50 -22.04
CA SER C 21 16.51 17.21 -22.88
C SER C 21 15.76 17.97 -23.93
N SER C 22 14.65 17.38 -24.42
CA SER C 22 13.88 18.04 -25.45
C SER C 22 13.26 19.27 -24.88
N VAL C 23 12.71 19.20 -23.66
CA VAL C 23 12.02 20.33 -23.11
C VAL C 23 13.07 21.34 -22.75
N GLY C 24 14.22 20.85 -22.26
CA GLY C 24 15.20 21.74 -21.77
C GLY C 24 15.59 22.69 -22.85
N THR C 25 15.88 22.16 -24.07
CA THR C 25 16.38 22.97 -25.14
C THR C 25 15.28 23.86 -25.62
N ILE C 26 14.04 23.39 -25.49
CA ILE C 26 12.92 24.21 -25.83
C ILE C 26 12.89 25.39 -24.92
N LEU C 27 13.07 25.18 -23.61
CA LEU C 27 12.98 26.25 -22.66
C LEU C 27 14.08 27.23 -22.88
N LYS C 28 15.26 26.74 -23.32
CA LYS C 28 16.37 27.59 -23.63
C LYS C 28 16.02 28.41 -24.84
N SER C 29 15.36 27.79 -25.83
CA SER C 29 14.94 28.52 -27.00
C SER C 29 14.01 29.61 -26.60
N CYS C 30 13.10 29.32 -25.66
CA CYS C 30 12.16 30.26 -25.16
C CYS C 30 12.93 31.42 -24.58
N GLY C 31 14.08 31.15 -23.95
CA GLY C 31 14.95 32.22 -23.54
C GLY C 31 15.19 32.13 -22.07
N LEU C 32 14.96 30.94 -21.49
CA LEU C 32 15.12 30.75 -20.07
C LEU C 32 16.52 30.26 -19.80
N HIS C 33 17.06 30.63 -18.63
CA HIS C 33 18.28 30.06 -18.13
C HIS C 33 17.93 28.73 -17.58
N VAL C 34 18.21 27.66 -18.35
CA VAL C 34 17.76 26.36 -17.97
C VAL C 34 18.87 25.64 -17.28
N THR C 35 18.54 24.95 -16.17
CA THR C 35 19.50 24.11 -15.49
C THR C 35 18.81 22.80 -15.23
N SER C 36 19.50 21.83 -14.59
CA SER C 36 18.84 20.58 -14.36
C SER C 36 19.52 19.83 -13.26
N ILE C 37 18.79 18.89 -12.63
CA ILE C 37 19.34 18.03 -11.62
C ILE C 37 18.92 16.63 -11.94
N LYS C 38 19.89 15.69 -11.96
CA LYS C 38 19.60 14.30 -12.15
C LYS C 38 19.71 13.61 -10.83
N ILE C 39 18.56 13.09 -10.33
CA ILE C 39 18.60 12.43 -9.07
C ILE C 39 18.57 10.94 -9.31
N ASP C 40 19.66 10.25 -8.94
CA ASP C 40 19.74 8.83 -9.16
C ASP C 40 19.53 8.17 -7.83
N PRO C 41 18.55 7.32 -7.77
CA PRO C 41 18.17 6.68 -6.55
C PRO C 41 19.35 5.91 -6.01
N TYR C 42 20.27 5.52 -6.91
CA TYR C 42 21.46 4.77 -6.64
C TYR C 42 22.02 4.93 -5.27
N ILE C 43 22.25 3.76 -4.66
CA ILE C 43 22.81 3.56 -3.36
C ILE C 43 24.27 3.86 -3.45
N ASN C 44 24.86 3.70 -4.65
CA ASN C 44 26.26 3.88 -4.84
C ASN C 44 26.52 5.30 -5.20
N ILE C 45 27.82 5.63 -5.37
CA ILE C 45 28.17 6.97 -5.70
C ILE C 45 29.19 6.74 -6.75
N ASP C 46 29.23 7.66 -7.73
CA ASP C 46 30.25 7.67 -8.74
C ASP C 46 29.89 6.59 -9.74
N ALA C 47 29.36 7.07 -10.89
CA ALA C 47 28.94 6.29 -12.02
C ALA C 47 30.15 5.75 -12.72
N GLY C 48 31.32 6.33 -12.42
CA GLY C 48 32.54 5.98 -13.09
C GLY C 48 32.93 4.57 -12.75
N THR C 49 32.38 4.00 -11.66
CA THR C 49 32.68 2.65 -11.26
C THR C 49 31.78 1.64 -11.93
N PHE C 50 30.74 2.10 -12.66
CA PHE C 50 29.75 1.25 -13.28
C PHE C 50 30.25 0.79 -14.61
N SER C 51 29.69 -0.34 -15.12
CA SER C 51 30.13 -0.93 -16.35
C SER C 51 29.47 -0.20 -17.48
N PRO C 52 30.24 0.05 -18.53
CA PRO C 52 29.69 0.60 -19.74
C PRO C 52 28.80 -0.33 -20.50
N TYR C 53 28.82 -1.65 -20.19
CA TYR C 53 27.93 -2.52 -20.88
C TYR C 53 26.68 -2.53 -20.08
N GLU C 54 26.86 -2.51 -18.75
CA GLU C 54 25.72 -2.51 -17.89
C GLU C 54 24.81 -1.33 -18.13
N HIS C 55 25.42 -0.14 -18.34
CA HIS C 55 24.67 1.07 -18.48
C HIS C 55 25.04 1.87 -19.68
N GLY C 56 26.34 2.12 -19.83
CA GLY C 56 26.74 2.89 -20.97
C GLY C 56 27.81 3.83 -20.49
N GLU C 57 28.04 4.86 -21.32
CA GLU C 57 29.11 5.78 -21.12
C GLU C 57 28.95 6.48 -19.80
N VAL C 58 30.10 6.80 -19.19
CA VAL C 58 30.12 7.64 -18.05
C VAL C 58 30.56 8.96 -18.58
N PHE C 59 29.67 9.94 -18.56
CA PHE C 59 30.00 11.19 -19.16
C PHE C 59 30.93 11.87 -18.22
N VAL C 60 31.99 12.50 -18.76
CA VAL C 60 32.94 13.13 -17.91
C VAL C 60 32.59 14.58 -17.95
N LEU C 61 32.52 15.18 -16.76
CA LEU C 61 32.12 16.55 -16.71
C LEU C 61 33.37 17.36 -16.70
N ASP C 62 33.23 18.70 -16.78
CA ASP C 62 34.35 19.57 -16.81
C ASP C 62 35.16 19.35 -15.57
N ASP C 63 34.51 19.05 -14.44
CA ASP C 63 35.21 18.96 -13.19
C ASP C 63 35.62 17.56 -12.97
N GLY C 64 35.59 16.72 -14.03
CA GLY C 64 36.01 15.35 -13.86
C GLY C 64 34.91 14.56 -13.26
N GLY C 65 33.69 15.12 -13.25
CA GLY C 65 32.59 14.38 -12.72
C GLY C 65 32.41 13.13 -13.54
N GLU C 66 32.02 12.03 -12.87
CA GLU C 66 31.85 10.78 -13.55
C GLU C 66 30.39 10.52 -13.47
N VAL C 67 29.63 10.88 -14.53
CA VAL C 67 28.22 10.88 -14.32
C VAL C 67 27.57 10.16 -15.48
N ASP C 68 26.22 10.12 -15.45
CA ASP C 68 25.39 9.49 -16.42
C ASP C 68 25.41 10.34 -17.66
N LEU C 69 25.34 9.66 -18.81
CA LEU C 69 25.41 10.21 -20.13
C LEU C 69 24.29 11.17 -20.38
N ASP C 70 23.15 11.02 -19.67
CA ASP C 70 22.01 11.84 -19.94
C ASP C 70 22.39 13.28 -19.68
N LEU C 71 23.38 13.50 -18.80
CA LEU C 71 23.78 14.84 -18.50
C LEU C 71 24.59 15.36 -19.64
N GLY C 72 25.30 14.46 -20.35
CA GLY C 72 25.98 14.83 -21.55
C GLY C 72 24.97 15.13 -22.61
N ASN C 73 23.84 14.40 -22.59
CA ASN C 73 22.81 14.65 -23.56
C ASN C 73 22.30 16.03 -23.32
N TYR C 74 22.20 16.40 -22.04
CA TYR C 74 21.71 17.71 -21.72
C TYR C 74 22.68 18.72 -22.24
N GLU C 75 23.97 18.42 -22.17
CA GLU C 75 24.98 19.32 -22.67
C GLU C 75 25.05 19.29 -24.16
N ARG C 76 24.46 18.28 -24.83
CA ARG C 76 24.34 18.38 -26.26
C ARG C 76 23.24 19.32 -26.65
N PHE C 77 22.07 19.16 -26.01
CA PHE C 77 20.90 19.97 -26.22
C PHE C 77 21.01 21.39 -25.71
N LEU C 78 21.79 21.62 -24.62
CA LEU C 78 21.97 22.93 -24.05
C LEU C 78 23.45 23.14 -23.87
N ASP C 79 23.91 24.41 -23.98
CA ASP C 79 25.31 24.73 -23.97
C ASP C 79 25.81 24.70 -22.55
N ILE C 80 24.85 24.78 -21.62
CA ILE C 80 25.03 24.76 -20.19
C ILE C 80 26.11 23.79 -19.83
N ARG C 81 26.81 24.08 -18.73
CA ARG C 81 27.87 23.22 -18.26
C ARG C 81 27.41 22.65 -16.95
N LEU C 82 27.57 21.34 -16.78
CA LEU C 82 27.12 20.72 -15.56
C LEU C 82 28.30 20.31 -14.76
N THR C 83 28.13 20.19 -13.43
CA THR C 83 29.16 19.83 -12.51
C THR C 83 28.65 18.66 -11.72
N LYS C 84 29.48 18.11 -10.82
CA LYS C 84 29.10 16.96 -10.04
C LYS C 84 27.95 17.32 -9.19
N ASP C 85 27.75 18.62 -8.94
CA ASP C 85 26.70 19.02 -8.04
C ASP C 85 25.38 18.65 -8.67
N ASN C 86 25.35 18.62 -10.01
CA ASN C 86 24.15 18.32 -10.72
C ASN C 86 23.76 16.86 -10.72
N ASN C 87 24.52 15.96 -10.06
CA ASN C 87 24.11 14.59 -10.01
C ASN C 87 24.25 14.06 -8.62
N LEU C 88 23.11 13.65 -8.02
CA LEU C 88 23.13 13.23 -6.64
C LEU C 88 22.73 11.80 -6.57
N THR C 89 23.31 11.06 -5.61
CA THR C 89 22.87 9.73 -5.33
C THR C 89 22.59 9.65 -3.87
N THR C 90 21.91 8.57 -3.46
CA THR C 90 21.51 8.37 -2.09
C THR C 90 22.71 7.93 -1.32
N GLY C 91 23.68 7.28 -1.99
CA GLY C 91 24.94 6.97 -1.39
C GLY C 91 25.59 8.25 -0.99
N LYS C 92 25.56 9.24 -1.89
CA LYS C 92 26.13 10.52 -1.60
C LYS C 92 25.46 11.07 -0.38
N ILE C 93 24.10 11.11 -0.39
CA ILE C 93 23.36 11.66 0.70
C ILE C 93 23.67 10.96 1.98
N TYR C 94 23.75 9.62 1.94
CA TYR C 94 24.04 8.87 3.13
C TYR C 94 25.27 9.43 3.78
N GLN C 95 26.40 9.44 3.07
CA GLN C 95 27.64 9.78 3.70
C GLN C 95 27.53 11.19 4.19
N TYR C 96 26.89 12.07 3.40
CA TYR C 96 26.78 13.45 3.76
C TYR C 96 26.11 13.57 5.10
N VAL C 97 24.93 12.96 5.26
CA VAL C 97 24.17 13.10 6.47
C VAL C 97 24.89 12.42 7.58
N ILE C 98 25.45 11.22 7.31
CA ILE C 98 26.12 10.47 8.33
C ILE C 98 27.20 11.31 8.91
N ASN C 99 27.92 12.07 8.06
CA ASN C 99 28.98 12.91 8.53
C ASN C 99 28.39 13.90 9.49
N LYS C 100 27.25 14.51 9.13
CA LYS C 100 26.69 15.54 9.96
C LYS C 100 26.22 14.90 11.23
N GLU C 101 25.80 13.63 11.17
CA GLU C 101 25.39 12.94 12.36
C GLU C 101 26.55 12.86 13.30
N ARG C 102 27.75 12.52 12.76
CA ARG C 102 28.91 12.34 13.57
C ARG C 102 29.28 13.68 14.16
N LYS C 103 29.06 14.75 13.37
CA LYS C 103 29.35 16.09 13.77
C LYS C 103 28.45 16.51 14.89
N GLY C 104 27.34 15.78 15.13
CA GLY C 104 26.45 16.22 16.18
C GLY C 104 25.59 17.35 15.70
N ASP C 105 25.41 17.48 14.38
CA ASP C 105 24.69 18.60 13.84
C ASP C 105 23.24 18.41 14.16
N TYR C 106 22.87 17.17 14.52
CA TYR C 106 21.54 16.80 14.89
C TYR C 106 21.42 16.61 16.37
N LEU C 107 22.39 17.14 17.15
CA LEU C 107 22.34 17.03 18.58
C LEU C 107 22.48 15.61 19.02
N GLY C 108 23.02 14.75 18.14
CA GLY C 108 23.21 13.38 18.51
C GLY C 108 21.91 12.65 18.45
N LYS C 109 20.86 13.28 17.92
CA LYS C 109 19.58 12.64 17.98
C LYS C 109 19.42 11.88 16.71
N THR C 110 18.53 10.87 16.71
CA THR C 110 18.35 10.10 15.51
C THR C 110 17.78 11.02 14.48
N VAL C 111 18.15 10.81 13.20
CA VAL C 111 17.53 11.54 12.14
C VAL C 111 16.63 10.57 11.44
N GLN C 112 15.57 11.11 10.79
CA GLN C 112 14.67 10.24 10.11
C GLN C 112 14.48 10.74 8.71
N VAL C 113 13.94 9.87 7.83
CA VAL C 113 13.68 10.27 6.47
C VAL C 113 12.90 11.53 6.56
N VAL C 114 11.83 11.52 7.36
CA VAL C 114 11.06 12.71 7.54
C VAL C 114 11.25 13.07 8.98
N PRO C 115 11.61 14.29 9.29
CA PRO C 115 11.79 15.34 8.33
C PRO C 115 13.19 15.43 7.75
N HIS C 116 14.19 14.77 8.36
CA HIS C 116 15.55 15.18 8.19
C HIS C 116 16.07 14.96 6.80
N ILE C 117 15.77 13.80 6.17
CA ILE C 117 16.36 13.49 4.90
C ILE C 117 15.66 14.28 3.84
N THR C 118 14.33 14.39 3.96
CA THR C 118 13.56 15.10 2.98
C THR C 118 13.91 16.55 3.03
N ASP C 119 14.31 17.06 4.20
CA ASP C 119 14.79 18.41 4.30
C ASP C 119 16.10 18.53 3.59
N ALA C 120 17.00 17.55 3.82
CA ALA C 120 18.29 17.60 3.18
C ALA C 120 18.08 17.60 1.69
N ILE C 121 17.13 16.79 1.22
CA ILE C 121 16.86 16.71 -0.19
C ILE C 121 16.48 18.07 -0.70
N GLN C 122 15.56 18.74 0.00
CA GLN C 122 15.09 20.03 -0.44
C GLN C 122 16.24 20.99 -0.42
N GLU C 123 17.15 20.84 0.55
CA GLU C 123 18.31 21.68 0.62
C GLU C 123 19.11 21.51 -0.63
N TRP C 124 19.36 20.24 -1.03
CA TRP C 124 20.14 19.94 -2.20
C TRP C 124 19.54 20.63 -3.37
N VAL C 125 18.20 20.58 -3.50
CA VAL C 125 17.53 21.23 -4.59
C VAL C 125 17.97 22.65 -4.67
N MET C 126 17.98 23.36 -3.53
CA MET C 126 18.36 24.74 -3.53
C MET C 126 19.84 24.86 -3.76
N ARG C 127 20.64 23.89 -3.28
CA ARG C 127 22.06 24.04 -3.41
C ARG C 127 22.43 24.14 -4.84
N GLN C 128 21.73 23.38 -5.70
CA GLN C 128 21.98 23.37 -7.11
C GLN C 128 21.12 24.36 -7.81
N ALA C 129 19.95 24.69 -7.22
CA ALA C 129 19.09 25.64 -7.84
C ALA C 129 19.82 26.94 -7.97
N LEU C 130 20.64 27.26 -6.96
CA LEU C 130 21.35 28.50 -6.88
C LEU C 130 22.57 28.54 -7.76
N ILE C 131 22.88 27.44 -8.48
CA ILE C 131 24.10 27.42 -9.27
C ILE C 131 23.78 27.66 -10.71
N PRO C 132 24.32 28.72 -11.24
CA PRO C 132 24.16 28.96 -12.64
C PRO C 132 24.92 28.01 -13.48
N VAL C 133 24.42 27.69 -14.69
CA VAL C 133 25.11 26.70 -15.43
C VAL C 133 25.30 27.29 -16.79
N ASP C 134 25.69 28.58 -16.83
CA ASP C 134 25.85 29.34 -18.04
C ASP C 134 26.90 30.36 -17.74
N GLU C 135 27.27 31.13 -18.79
CA GLU C 135 28.25 32.14 -18.60
C GLU C 135 27.58 33.19 -17.76
N ASP C 136 26.24 33.30 -17.91
CA ASP C 136 25.42 34.20 -17.13
C ASP C 136 25.43 33.69 -15.73
N GLY C 137 26.12 34.39 -14.80
CA GLY C 137 26.14 33.83 -13.47
C GLY C 137 24.90 34.24 -12.74
N LEU C 138 23.74 33.75 -13.21
CA LEU C 138 22.49 34.13 -12.61
C LEU C 138 21.75 32.87 -12.30
N GLU C 139 21.11 32.82 -11.12
CA GLU C 139 20.29 31.69 -10.77
C GLU C 139 19.40 31.37 -11.93
N PRO C 140 19.49 30.15 -12.37
CA PRO C 140 18.72 29.73 -13.52
C PRO C 140 17.27 29.95 -13.27
N GLN C 141 16.47 30.11 -14.34
CA GLN C 141 15.09 30.43 -14.21
C GLN C 141 14.26 29.18 -14.10
N VAL C 142 14.77 28.05 -14.62
CA VAL C 142 14.00 26.84 -14.55
C VAL C 142 14.92 25.68 -14.36
N CYS C 143 14.55 24.75 -13.46
CA CYS C 143 15.35 23.59 -13.24
C CYS C 143 14.53 22.39 -13.58
N VAL C 144 15.03 21.54 -14.50
CA VAL C 144 14.32 20.34 -14.81
C VAL C 144 14.99 19.26 -14.05
N ILE C 145 14.20 18.46 -13.29
CA ILE C 145 14.80 17.48 -12.44
C ILE C 145 14.46 16.13 -12.95
N GLU C 146 15.48 15.37 -13.37
CA GLU C 146 15.23 14.03 -13.79
C GLU C 146 15.28 13.17 -12.58
N LEU C 147 14.11 12.72 -12.10
CA LEU C 147 14.09 11.86 -10.96
C LEU C 147 14.11 10.46 -11.50
N GLY C 148 15.19 9.72 -11.19
CA GLY C 148 15.34 8.41 -11.72
C GLY C 148 14.49 7.49 -10.92
N GLY C 149 14.46 6.20 -11.31
CA GLY C 149 13.63 5.24 -10.66
C GLY C 149 12.29 5.27 -11.31
N THR C 150 11.38 4.40 -10.83
CA THR C 150 10.04 4.41 -11.33
C THR C 150 9.14 4.54 -10.13
N VAL C 151 7.89 4.96 -10.35
CA VAL C 151 6.99 5.09 -9.26
C VAL C 151 6.78 3.72 -8.69
N GLY C 152 7.02 3.59 -7.37
CA GLY C 152 6.82 2.34 -6.70
C GLY C 152 8.13 1.89 -6.14
N ASP C 153 9.25 2.49 -6.61
CA ASP C 153 10.52 2.06 -6.13
C ASP C 153 10.78 2.75 -4.82
N ILE C 154 11.10 1.93 -3.79
CA ILE C 154 11.42 2.42 -2.49
C ILE C 154 12.59 3.34 -2.55
N GLU C 155 13.47 3.14 -3.56
CA GLU C 155 14.67 3.91 -3.67
C GLU C 155 14.38 5.37 -3.84
N SER C 156 13.20 5.69 -4.39
CA SER C 156 12.83 7.05 -4.71
C SER C 156 11.80 7.61 -3.76
N MET C 157 11.28 6.83 -2.81
CA MET C 157 10.18 7.28 -2.01
C MET C 157 10.55 8.48 -1.19
N PRO C 158 11.71 8.50 -0.60
CA PRO C 158 12.09 9.67 0.14
C PRO C 158 11.95 10.93 -0.65
N PHE C 159 12.16 10.88 -1.98
CA PHE C 159 12.09 12.07 -2.77
C PHE C 159 10.67 12.39 -3.10
N ILE C 160 9.81 11.37 -3.19
CA ILE C 160 8.41 11.61 -3.43
C ILE C 160 7.89 12.49 -2.34
N GLU C 161 8.28 12.19 -1.08
CA GLU C 161 7.81 12.96 0.03
C GLU C 161 8.44 14.32 -0.02
N ALA C 162 9.75 14.39 -0.26
CA ALA C 162 10.42 15.66 -0.26
C ALA C 162 9.69 16.57 -1.19
N PHE C 163 9.41 16.11 -2.42
CA PHE C 163 8.81 16.92 -3.44
C PHE C 163 7.37 17.18 -3.13
N ARG C 164 6.68 16.21 -2.49
CA ARG C 164 5.28 16.37 -2.24
C ARG C 164 5.11 17.64 -1.45
N GLN C 165 5.92 17.82 -0.39
CA GLN C 165 5.83 18.95 0.48
C GLN C 165 6.43 20.16 -0.17
N PHE C 166 7.56 19.97 -0.88
CA PHE C 166 8.34 21.00 -1.50
C PHE C 166 7.50 21.81 -2.43
N GLN C 167 6.63 21.14 -3.21
CA GLN C 167 5.87 21.82 -4.22
C GLN C 167 4.95 22.79 -3.55
N PHE C 168 4.70 22.61 -2.25
CA PHE C 168 3.86 23.52 -1.53
C PHE C 168 4.67 24.58 -0.84
N LYS C 169 5.98 24.33 -0.60
CA LYS C 169 6.80 25.39 -0.08
C LYS C 169 7.07 26.37 -1.18
N VAL C 170 7.07 25.90 -2.43
CA VAL C 170 7.21 26.81 -3.52
C VAL C 170 5.83 27.06 -4.00
N LYS C 171 5.65 27.99 -4.95
CA LYS C 171 4.31 28.27 -5.36
C LYS C 171 3.90 27.26 -6.37
N ARG C 172 2.58 27.14 -6.60
CA ARG C 172 2.02 26.21 -7.53
C ARG C 172 2.68 26.41 -8.86
N GLU C 173 2.77 27.68 -9.28
CA GLU C 173 3.25 28.00 -10.60
C GLU C 173 4.73 27.82 -10.64
N ASN C 174 5.38 27.51 -9.50
CA ASN C 174 6.80 27.33 -9.52
C ASN C 174 7.15 25.87 -9.53
N PHE C 175 6.19 24.97 -9.80
CA PHE C 175 6.49 23.57 -9.73
C PHE C 175 5.63 22.92 -10.76
N CYS C 176 6.20 21.97 -11.53
CA CYS C 176 5.44 21.32 -12.54
C CYS C 176 5.70 19.85 -12.39
N ASN C 177 4.63 19.03 -12.47
CA ASN C 177 4.80 17.61 -12.33
C ASN C 177 4.68 17.00 -13.70
N ILE C 178 5.80 16.48 -14.23
CA ILE C 178 5.76 15.77 -15.48
C ILE C 178 5.81 14.31 -15.14
N HIS C 179 4.89 13.52 -15.71
CA HIS C 179 4.92 12.12 -15.46
C HIS C 179 5.00 11.42 -16.77
N VAL C 180 6.04 10.59 -16.96
CA VAL C 180 6.17 9.89 -18.20
C VAL C 180 5.65 8.50 -17.96
N SER C 181 4.83 7.98 -18.89
CA SER C 181 4.32 6.66 -18.71
C SER C 181 4.45 5.91 -20.00
N LEU C 182 3.78 4.75 -20.09
CA LEU C 182 3.98 3.88 -21.21
C LEU C 182 2.65 3.41 -21.71
N VAL C 183 2.48 3.47 -23.06
CA VAL C 183 1.32 2.87 -23.66
C VAL C 183 1.84 1.72 -24.44
N PRO C 184 1.81 0.56 -23.85
CA PRO C 184 2.27 -0.62 -24.54
C PRO C 184 1.29 -1.07 -25.57
N GLN C 185 1.73 -1.88 -26.55
CA GLN C 185 0.84 -2.30 -27.58
C GLN C 185 1.30 -3.65 -28.03
N PRO C 186 0.56 -4.66 -27.68
CA PRO C 186 0.95 -5.99 -28.09
C PRO C 186 0.92 -6.08 -29.57
N SER C 187 1.78 -6.94 -30.15
CA SER C 187 1.74 -7.15 -31.56
C SER C 187 0.71 -8.17 -31.88
N SER C 188 0.28 -8.93 -30.87
CA SER C 188 -0.67 -9.98 -31.09
C SER C 188 -2.04 -9.39 -31.20
N THR C 189 -2.26 -8.22 -30.59
CA THR C 189 -3.57 -7.61 -30.63
C THR C 189 -3.49 -6.30 -31.33
N GLY C 190 -2.42 -5.51 -31.05
CA GLY C 190 -2.33 -4.19 -31.63
C GLY C 190 -3.14 -3.25 -30.81
N GLU C 191 -3.62 -3.68 -29.62
CA GLU C 191 -4.45 -2.80 -28.84
C GLU C 191 -3.56 -1.98 -27.96
N GLN C 192 -3.78 -0.65 -27.99
CA GLN C 192 -3.03 0.26 -27.17
C GLN C 192 -3.57 0.16 -25.78
N LYS C 193 -2.69 -0.13 -24.79
CA LYS C 193 -3.17 -0.32 -23.46
C LYS C 193 -2.81 0.87 -22.63
N THR C 194 -3.79 1.31 -21.81
CA THR C 194 -3.73 2.47 -20.95
C THR C 194 -3.65 2.09 -19.50
N LYS C 195 -4.09 0.87 -19.15
CA LYS C 195 -4.13 0.41 -17.79
C LYS C 195 -2.79 0.56 -17.10
N PRO C 196 -1.69 0.22 -17.70
CA PRO C 196 -0.45 0.40 -17.00
C PRO C 196 -0.26 1.81 -16.58
N THR C 197 -0.67 2.77 -17.42
CA THR C 197 -0.54 4.16 -17.09
C THR C 197 -1.48 4.47 -15.97
N GLN C 198 -2.71 3.93 -16.05
CA GLN C 198 -3.69 4.16 -15.04
C GLN C 198 -3.14 3.71 -13.73
N ASN C 199 -2.38 2.60 -13.75
CA ASN C 199 -1.85 2.07 -12.53
C ASN C 199 -0.81 3.00 -11.99
N SER C 200 0.11 3.45 -12.86
CA SER C 200 1.20 4.26 -12.40
C SER C 200 0.65 5.55 -11.86
N VAL C 201 -0.26 6.20 -12.61
CA VAL C 201 -0.72 7.50 -12.25
C VAL C 201 -1.51 7.40 -10.97
N ARG C 202 -2.36 6.35 -10.87
CA ARG C 202 -3.17 6.16 -9.71
C ARG C 202 -2.27 6.07 -8.52
N GLU C 203 -1.20 5.27 -8.63
CA GLU C 203 -0.28 5.09 -7.54
C GLU C 203 0.34 6.40 -7.20
N LEU C 204 0.73 7.18 -8.24
CA LEU C 204 1.39 8.42 -8.03
C LEU C 204 0.47 9.35 -7.29
N ARG C 205 -0.81 9.41 -7.69
CA ARG C 205 -1.73 10.30 -7.04
C ARG C 205 -2.02 9.79 -5.67
N GLY C 206 -1.85 8.46 -5.46
CA GLY C 206 -1.97 7.92 -4.14
C GLY C 206 -0.89 8.52 -3.30
N LEU C 207 0.36 8.49 -3.83
CA LEU C 207 1.52 8.99 -3.17
C LEU C 207 1.30 10.45 -2.85
N GLY C 208 0.50 11.16 -3.67
CA GLY C 208 0.23 12.53 -3.34
C GLY C 208 0.70 13.45 -4.41
N LEU C 209 1.11 12.92 -5.58
CA LEU C 209 1.58 13.80 -6.60
C LEU C 209 0.66 13.68 -7.78
N SER C 210 0.41 14.81 -8.48
CA SER C 210 -0.54 14.78 -9.56
C SER C 210 0.13 15.47 -10.71
N PRO C 211 0.32 14.74 -11.78
CA PRO C 211 0.91 15.25 -12.97
C PRO C 211 0.21 16.44 -13.53
N ASP C 212 0.97 17.43 -14.03
CA ASP C 212 0.41 18.53 -14.75
C ASP C 212 0.36 18.15 -16.20
N LEU C 213 1.34 17.35 -16.66
CA LEU C 213 1.30 16.80 -17.99
C LEU C 213 1.72 15.37 -17.89
N VAL C 214 1.11 14.51 -18.73
CA VAL C 214 1.49 13.13 -18.69
C VAL C 214 2.05 12.82 -20.04
N VAL C 215 3.33 12.44 -20.08
CA VAL C 215 3.92 12.08 -21.34
C VAL C 215 3.60 10.65 -21.54
N CYS C 216 3.10 10.29 -22.74
CA CYS C 216 2.77 8.92 -22.96
C CYS C 216 3.70 8.37 -23.99
N ARG C 217 4.53 7.39 -23.59
CA ARG C 217 5.40 6.77 -24.54
C ARG C 217 4.50 5.87 -25.32
N CYS C 218 4.28 6.22 -26.60
CA CYS C 218 3.36 5.48 -27.42
C CYS C 218 4.18 4.84 -28.50
N SER C 219 3.66 3.79 -29.15
CA SER C 219 4.35 3.24 -30.28
C SER C 219 4.01 4.08 -31.46
N ASN C 220 2.76 3.91 -31.95
CA ASN C 220 2.19 4.76 -32.96
C ASN C 220 1.38 5.76 -32.22
N PRO C 221 0.91 6.79 -32.87
CA PRO C 221 0.12 7.76 -32.16
C PRO C 221 -1.11 7.14 -31.60
N LEU C 222 -1.65 7.73 -30.51
CA LEU C 222 -2.88 7.27 -29.94
C LEU C 222 -4.01 7.80 -30.75
N ASP C 223 -5.15 7.10 -30.73
CA ASP C 223 -6.31 7.60 -31.40
C ASP C 223 -7.08 8.39 -30.38
N THR C 224 -8.21 8.98 -30.80
CA THR C 224 -8.87 9.95 -29.97
C THR C 224 -9.45 9.22 -28.80
N SER C 225 -10.12 8.09 -29.06
CA SER C 225 -10.88 7.43 -28.04
C SER C 225 -9.97 7.03 -26.92
N VAL C 226 -8.72 6.66 -27.24
CA VAL C 226 -7.79 6.27 -26.21
C VAL C 226 -7.49 7.44 -25.34
N LYS C 227 -7.22 8.60 -25.96
CA LYS C 227 -6.86 9.82 -25.30
C LYS C 227 -7.99 10.22 -24.41
N GLU C 228 -9.23 9.99 -24.87
CA GLU C 228 -10.41 10.41 -24.16
C GLU C 228 -10.58 9.54 -22.95
N LYS C 229 -10.28 8.24 -23.09
CA LYS C 229 -10.32 7.30 -21.99
C LYS C 229 -9.33 7.72 -20.95
N ILE C 230 -8.11 8.07 -21.38
CA ILE C 230 -7.05 8.41 -20.47
C ILE C 230 -7.49 9.62 -19.73
N SER C 231 -7.99 10.62 -20.49
CA SER C 231 -8.48 11.85 -19.94
C SER C 231 -9.42 11.54 -18.81
N MET C 232 -10.38 10.63 -19.02
CA MET C 232 -11.30 10.33 -17.96
C MET C 232 -10.60 9.66 -16.82
N PHE C 233 -9.81 8.61 -17.11
CA PHE C 233 -9.18 7.84 -16.07
C PHE C 233 -8.31 8.65 -15.16
N CYS C 234 -7.54 9.61 -15.74
CA CYS C 234 -6.64 10.48 -15.04
C CYS C 234 -7.28 11.80 -14.66
N HIS C 235 -8.45 12.13 -15.24
CA HIS C 235 -9.11 13.37 -14.91
C HIS C 235 -8.23 14.52 -15.32
N VAL C 236 -7.68 14.45 -16.55
CA VAL C 236 -6.76 15.42 -17.05
C VAL C 236 -7.31 15.80 -18.39
N GLU C 237 -6.84 16.92 -18.99
CA GLU C 237 -7.34 17.33 -20.27
C GLU C 237 -6.66 16.48 -21.29
N PRO C 238 -7.28 16.25 -22.42
CA PRO C 238 -6.63 15.57 -23.50
C PRO C 238 -5.45 16.34 -24.02
N GLU C 239 -5.37 17.64 -23.70
CA GLU C 239 -4.18 18.39 -23.97
C GLU C 239 -3.08 17.80 -23.14
N GLN C 240 -3.37 17.58 -21.84
CA GLN C 240 -2.45 17.04 -20.89
C GLN C 240 -2.12 15.62 -21.20
N VAL C 241 -2.98 14.92 -21.96
CA VAL C 241 -2.60 13.62 -22.45
C VAL C 241 -1.70 13.84 -23.63
N ILE C 242 -0.38 13.68 -23.40
CA ILE C 242 0.58 13.95 -24.44
C ILE C 242 1.00 12.64 -25.02
N CYS C 243 0.70 12.39 -26.30
CA CYS C 243 1.20 11.18 -26.88
C CYS C 243 2.48 11.49 -27.58
N VAL C 244 3.57 10.82 -27.14
CA VAL C 244 4.82 10.96 -27.81
C VAL C 244 5.07 9.61 -28.39
N HIS C 245 4.74 9.43 -29.68
CA HIS C 245 4.94 8.17 -30.34
C HIS C 245 6.39 7.99 -30.62
N ASP C 246 6.77 6.74 -30.93
CA ASP C 246 8.16 6.43 -31.13
C ASP C 246 8.57 7.13 -32.39
N VAL C 247 9.78 7.72 -32.37
CA VAL C 247 10.26 8.44 -33.51
C VAL C 247 11.50 7.74 -33.98
N SER C 248 11.80 7.89 -35.28
CA SER C 248 12.96 7.28 -35.84
C SER C 248 14.18 7.90 -35.25
N SER C 249 14.10 9.18 -34.84
CA SER C 249 15.24 9.78 -34.20
C SER C 249 14.81 10.89 -33.30
N ILE C 250 15.60 11.10 -32.23
CA ILE C 250 15.25 11.82 -31.03
C ILE C 250 14.91 13.23 -31.41
N TYR C 251 15.59 13.72 -32.46
CA TYR C 251 15.51 15.07 -32.93
C TYR C 251 14.10 15.42 -33.32
N ARG C 252 13.23 14.41 -33.52
CA ARG C 252 11.88 14.62 -33.92
C ARG C 252 11.01 15.00 -32.74
N VAL C 253 11.47 14.74 -31.51
CA VAL C 253 10.67 14.89 -30.33
C VAL C 253 10.43 16.33 -30.01
N PRO C 254 11.42 17.18 -30.03
CA PRO C 254 11.15 18.57 -29.78
C PRO C 254 10.11 19.06 -30.72
N LEU C 255 10.09 18.56 -31.97
CA LEU C 255 9.15 19.03 -32.94
C LEU C 255 7.81 18.49 -32.60
N LEU C 256 7.75 17.22 -32.16
CA LEU C 256 6.51 16.63 -31.71
C LEU C 256 5.94 17.46 -30.60
N LEU C 257 6.79 17.85 -29.63
CA LEU C 257 6.29 18.60 -28.51
C LEU C 257 5.73 19.90 -28.98
N GLU C 258 6.35 20.50 -30.01
CA GLU C 258 5.83 21.71 -30.59
C GLU C 258 4.47 21.46 -31.16
N GLU C 259 4.28 20.32 -31.83
CA GLU C 259 3.02 20.03 -32.44
C GLU C 259 2.00 19.97 -31.34
N GLN C 260 2.41 19.41 -30.20
CA GLN C 260 1.56 19.25 -29.05
C GLN C 260 1.31 20.60 -28.40
N GLY C 261 2.25 21.55 -28.49
CA GLY C 261 1.94 22.85 -27.96
C GLY C 261 2.11 22.84 -26.47
N VAL C 262 3.02 21.98 -25.99
CA VAL C 262 3.24 21.81 -24.58
C VAL C 262 3.83 23.07 -24.02
N VAL C 263 4.49 23.85 -24.88
CA VAL C 263 5.15 25.06 -24.45
C VAL C 263 4.12 26.03 -24.00
N ASP C 264 3.05 26.16 -24.81
CA ASP C 264 2.02 27.10 -24.51
C ASP C 264 1.40 26.73 -23.21
N TYR C 265 1.25 25.42 -22.98
CA TYR C 265 0.74 24.96 -21.71
C TYR C 265 1.64 25.45 -20.62
N PHE C 266 2.97 25.31 -20.79
CA PHE C 266 3.87 25.71 -19.74
C PHE C 266 3.72 27.17 -19.51
N LEU C 267 3.52 27.95 -20.57
CA LEU C 267 3.42 29.37 -20.42
C LEU C 267 2.24 29.68 -19.57
N ARG C 268 1.14 28.93 -19.75
CA ARG C 268 -0.03 29.20 -18.98
C ARG C 268 0.09 28.63 -17.60
N ARG C 269 0.82 27.50 -17.47
CA ARG C 269 0.83 26.75 -16.24
C ARG C 269 1.79 27.37 -15.26
N LEU C 270 2.99 27.72 -15.76
CA LEU C 270 4.05 28.32 -14.98
C LEU C 270 3.95 29.80 -15.00
N ASP C 271 3.00 30.35 -15.78
CA ASP C 271 2.79 31.77 -15.84
C ASP C 271 4.07 32.41 -16.25
N LEU C 272 4.52 32.08 -17.48
CA LEU C 272 5.76 32.58 -18.01
C LEU C 272 5.44 33.35 -19.24
N PRO C 273 5.99 34.54 -19.34
CA PRO C 273 5.91 35.28 -20.56
C PRO C 273 6.81 34.69 -21.60
N ILE C 274 6.61 35.05 -22.88
CA ILE C 274 7.46 34.57 -23.94
C ILE C 274 7.41 35.58 -25.03
N GLU C 275 8.59 36.03 -25.52
CA GLU C 275 8.62 36.78 -26.73
C GLU C 275 8.96 35.80 -27.81
N ARG C 276 8.40 35.98 -29.02
CA ARG C 276 8.63 34.94 -29.97
C ARG C 276 8.61 35.47 -31.37
N GLN C 277 8.95 34.56 -32.31
CA GLN C 277 8.94 34.68 -33.73
C GLN C 277 8.28 33.37 -34.02
N PRO C 278 8.86 32.38 -34.66
CA PRO C 278 8.06 31.20 -34.67
C PRO C 278 8.23 30.98 -33.20
N ARG C 279 7.31 30.23 -32.58
CA ARG C 279 7.37 30.10 -31.16
C ARG C 279 8.77 29.84 -30.74
N LYS C 280 9.41 28.83 -31.33
CA LYS C 280 10.72 28.47 -30.90
C LYS C 280 11.47 28.06 -32.11
N MET C 281 12.76 27.69 -31.93
CA MET C 281 13.50 27.30 -33.09
C MET C 281 13.00 25.94 -33.44
N LEU C 282 12.90 28.14 -35.01
CA LEU C 282 12.38 26.92 -35.57
C LEU C 282 13.35 26.28 -36.49
N MET C 283 14.03 27.07 -37.35
CA MET C 283 14.90 26.54 -38.36
C MET C 283 15.98 25.69 -37.76
N LYS C 284 16.31 25.83 -36.46
CA LYS C 284 17.33 24.97 -35.91
C LYS C 284 16.95 23.54 -36.15
N TRP C 285 15.81 23.10 -35.58
CA TRP C 285 15.46 21.71 -35.53
C TRP C 285 14.82 21.36 -36.84
N LYS C 286 14.19 22.36 -37.47
CA LYS C 286 13.49 22.19 -38.71
C LYS C 286 14.48 21.91 -39.79
N GLU C 287 15.54 22.74 -39.91
CA GLU C 287 16.53 22.50 -40.92
C GLU C 287 17.15 21.16 -40.68
N MET C 288 17.52 20.87 -39.42
CA MET C 288 18.18 19.62 -39.22
C MET C 288 17.25 18.52 -39.62
N ALA C 289 15.96 18.65 -39.30
CA ALA C 289 15.02 17.62 -39.63
C ALA C 289 14.99 17.46 -41.12
N ASP C 290 15.08 18.57 -41.85
CA ASP C 290 15.00 18.49 -43.28
C ASP C 290 16.20 17.75 -43.77
N ARG C 291 17.34 17.95 -43.11
CA ARG C 291 18.57 17.36 -43.56
C ARG C 291 18.54 15.92 -43.23
N TYR C 292 17.95 15.58 -42.07
CA TYR C 292 17.88 14.22 -41.65
C TYR C 292 17.01 13.47 -42.61
N ASP C 293 15.92 14.12 -43.08
CA ASP C 293 15.08 13.51 -44.06
C ASP C 293 15.76 13.50 -45.40
N ARG C 294 16.58 14.52 -45.70
CA ARG C 294 17.19 14.52 -47.00
C ARG C 294 18.64 14.18 -46.89
N LEU C 295 18.95 12.87 -46.94
CA LEU C 295 20.32 12.49 -46.78
C LEU C 295 20.75 12.12 -48.17
N LEU C 296 23.57 10.56 -48.82
CA LEU C 296 23.69 9.97 -50.11
C LEU C 296 23.80 8.52 -49.87
N GLU C 297 25.04 8.03 -50.02
CA GLU C 297 25.42 6.67 -49.85
C GLU C 297 25.53 6.41 -48.38
N THR C 298 25.40 5.12 -48.02
CA THR C 298 25.56 4.72 -46.65
C THR C 298 26.98 4.32 -46.45
N CYS C 299 27.67 5.02 -45.52
CA CYS C 299 29.04 4.71 -45.22
C CYS C 299 28.97 3.83 -44.00
N SER C 300 29.71 2.71 -44.01
CA SER C 300 29.59 1.82 -42.90
C SER C 300 30.87 1.83 -42.15
N ILE C 301 30.79 1.59 -40.82
CA ILE C 301 31.96 1.59 -40.01
C ILE C 301 31.93 0.34 -39.22
N ALA C 302 33.10 -0.30 -39.07
CA ALA C 302 33.15 -1.52 -38.33
C ALA C 302 33.52 -1.19 -36.93
N LEU C 303 32.54 -1.32 -36.02
CA LEU C 303 32.80 -1.17 -34.63
C LEU C 303 33.34 -2.50 -34.21
N VAL C 304 34.61 -2.52 -33.76
CA VAL C 304 35.21 -3.77 -33.41
C VAL C 304 35.42 -3.74 -31.93
N GLY C 305 34.90 -4.73 -31.20
CA GLY C 305 35.16 -4.67 -29.80
C GLY C 305 34.51 -5.81 -29.06
N LYS C 306 34.41 -5.63 -27.73
CA LYS C 306 33.93 -6.58 -26.78
C LYS C 306 32.47 -6.35 -26.53
N TYR C 307 32.21 -5.14 -25.99
CA TYR C 307 31.02 -4.59 -25.40
C TYR C 307 30.21 -4.07 -26.51
N THR C 308 30.84 -4.15 -27.68
CA THR C 308 30.35 -4.03 -28.99
C THR C 308 29.18 -4.86 -29.24
N LYS C 309 29.02 -6.01 -28.55
CA LYS C 309 27.74 -6.64 -28.70
C LYS C 309 26.83 -5.53 -28.41
N PHE C 310 25.88 -5.39 -29.34
CA PHE C 310 24.93 -4.34 -29.31
C PHE C 310 24.39 -4.10 -28.00
N SER C 311 24.54 -2.82 -27.71
CA SER C 311 24.16 -2.24 -26.51
C SER C 311 24.18 -0.82 -26.90
N ASP C 312 23.87 0.06 -25.95
CA ASP C 312 23.98 1.45 -26.19
C ASP C 312 25.27 1.92 -25.59
N SER C 313 26.24 1.00 -25.38
CA SER C 313 27.48 1.36 -24.75
C SER C 313 28.16 2.45 -25.53
N TYR C 314 27.86 2.52 -26.82
CA TYR C 314 28.42 3.42 -27.77
C TYR C 314 27.49 4.46 -28.28
N ALA C 315 26.39 4.75 -27.57
CA ALA C 315 25.44 5.74 -27.97
C ALA C 315 26.04 7.10 -28.22
N SER C 316 27.00 7.60 -27.41
CA SER C 316 27.49 8.92 -27.71
C SER C 316 28.52 8.85 -28.79
N VAL C 317 29.17 7.67 -28.95
CA VAL C 317 30.13 7.47 -29.99
C VAL C 317 29.46 7.46 -31.32
N ILE C 318 28.37 6.68 -31.45
CA ILE C 318 27.62 6.69 -32.67
C ILE C 318 27.06 8.05 -32.91
N LYS C 319 26.58 8.72 -31.84
CA LYS C 319 26.03 10.04 -32.01
C LYS C 319 27.08 10.97 -32.55
N ALA C 320 28.34 10.82 -32.10
CA ALA C 320 29.38 11.65 -32.60
C ALA C 320 29.50 11.41 -34.08
N LEU C 321 29.40 10.13 -34.49
CA LEU C 321 29.51 9.78 -35.88
C LEU C 321 28.37 10.40 -36.63
N GLU C 322 27.19 10.49 -35.98
CA GLU C 322 26.03 11.05 -36.61
C GLU C 322 26.26 12.49 -36.86
N HIS C 323 26.98 13.16 -35.94
CA HIS C 323 27.26 14.55 -36.14
C HIS C 323 28.01 14.70 -37.43
N SER C 324 28.98 13.81 -37.68
CA SER C 324 29.77 13.91 -38.88
C SER C 324 28.93 13.55 -40.07
N ALA C 325 28.07 12.53 -39.94
CA ALA C 325 27.23 12.09 -41.02
C ALA C 325 26.35 13.22 -41.45
N LEU C 326 25.83 14.01 -40.48
CA LEU C 326 24.99 15.12 -40.84
C LEU C 326 25.80 16.16 -41.55
N ALA C 327 27.05 16.42 -41.09
CA ALA C 327 27.79 17.48 -41.70
C ALA C 327 27.97 17.18 -43.15
N ILE C 328 28.38 15.93 -43.45
CA ILE C 328 28.71 15.50 -44.78
C ILE C 328 27.45 15.16 -45.52
N ASN C 329 26.36 14.93 -44.78
CA ASN C 329 25.07 14.63 -45.34
C ASN C 329 25.08 13.27 -45.98
N HIS C 330 25.69 12.27 -45.32
CA HIS C 330 25.63 10.94 -45.86
C HIS C 330 24.94 10.08 -44.86
N LYS C 331 24.71 8.80 -45.23
CA LYS C 331 24.00 7.89 -44.37
C LYS C 331 25.04 7.07 -43.66
N LEU C 332 24.65 6.40 -42.55
CA LEU C 332 25.64 5.80 -41.71
C LEU C 332 25.17 4.45 -41.26
N GLU C 333 26.02 3.43 -41.44
CA GLU C 333 25.70 2.12 -40.98
C GLU C 333 26.67 1.82 -39.88
N ILE C 334 26.17 1.35 -38.70
CA ILE C 334 27.07 0.89 -37.68
C ILE C 334 27.12 -0.61 -37.70
N LYS C 335 28.29 -1.17 -38.02
CA LYS C 335 28.41 -2.58 -37.95
C LYS C 335 28.89 -2.88 -36.59
N TYR C 336 28.36 -3.97 -36.06
CA TYR C 336 28.71 -4.38 -34.76
C TYR C 336 29.44 -5.69 -34.88
N ILE C 337 30.80 -5.64 -34.86
CA ILE C 337 31.55 -6.85 -34.97
C ILE C 337 32.22 -7.19 -33.68
N ASP C 338 31.80 -8.32 -33.08
CA ASP C 338 32.44 -8.80 -31.90
C ASP C 338 33.82 -9.14 -32.35
N SER C 339 34.84 -8.51 -31.75
CA SER C 339 36.20 -8.74 -32.13
C SER C 339 36.52 -10.19 -31.97
N ALA C 340 35.83 -10.87 -31.06
CA ALA C 340 36.05 -12.27 -30.79
C ALA C 340 35.76 -13.08 -32.02
N ASP C 341 34.80 -12.62 -32.84
CA ASP C 341 34.41 -13.34 -34.03
C ASP C 341 35.47 -13.28 -35.07
N LEU C 342 36.45 -12.37 -34.91
CA LEU C 342 37.56 -12.23 -35.82
C LEU C 342 38.66 -13.19 -35.50
N GLU C 343 38.57 -13.92 -34.36
CA GLU C 343 39.60 -14.82 -33.90
C GLU C 343 39.36 -16.23 -34.38
N PRO C 344 40.48 -16.91 -34.55
CA PRO C 344 40.53 -18.30 -34.98
C PRO C 344 39.88 -19.22 -34.00
N ILE C 345 39.62 -18.78 -32.77
CA ILE C 345 38.86 -19.56 -31.84
C ILE C 345 37.49 -19.72 -32.41
N THR C 346 36.92 -18.61 -32.90
CA THR C 346 35.63 -18.57 -33.53
C THR C 346 35.67 -19.40 -34.78
N SER C 347 36.75 -19.30 -35.56
CA SER C 347 36.84 -20.14 -36.72
C SER C 347 36.63 -21.56 -36.29
N GLN C 348 37.28 -21.96 -35.18
CA GLN C 348 37.11 -23.31 -34.72
C GLN C 348 35.70 -23.55 -34.27
N GLU C 349 35.10 -22.58 -33.55
CA GLU C 349 33.77 -22.78 -33.03
C GLU C 349 32.72 -22.68 -34.10
N GLU C 350 32.50 -21.47 -34.64
CA GLU C 350 31.56 -21.34 -35.72
C GLU C 350 32.19 -20.49 -36.78
N PRO C 351 32.72 -21.14 -37.77
CA PRO C 351 33.40 -20.45 -38.83
C PRO C 351 32.47 -19.64 -39.67
N VAL C 352 31.14 -19.88 -39.56
CA VAL C 352 30.22 -19.04 -40.26
C VAL C 352 30.38 -17.64 -39.73
N ARG C 353 30.35 -17.50 -38.39
CA ARG C 353 30.46 -16.21 -37.80
C ARG C 353 31.81 -15.64 -38.04
N TYR C 354 32.84 -16.51 -38.02
CA TYR C 354 34.19 -16.08 -38.22
C TYR C 354 34.30 -15.38 -39.52
N HIS C 355 33.92 -16.04 -40.62
CA HIS C 355 34.11 -15.50 -41.93
C HIS C 355 33.15 -14.38 -42.17
N GLU C 356 31.94 -14.48 -41.57
CA GLU C 356 30.98 -13.41 -41.71
C GLU C 356 31.55 -12.16 -41.13
N ALA C 357 32.22 -12.24 -39.96
CA ALA C 357 32.70 -11.06 -39.31
C ALA C 357 33.73 -10.40 -40.19
N TRP C 358 34.68 -11.18 -40.72
CA TRP C 358 35.70 -10.65 -41.58
C TRP C 358 35.13 -10.16 -42.87
N GLN C 359 34.09 -10.82 -43.40
CA GLN C 359 33.46 -10.32 -44.59
C GLN C 359 32.94 -8.95 -44.29
N LYS C 360 32.25 -8.78 -43.15
CA LYS C 360 31.66 -7.50 -42.81
C LYS C 360 32.77 -6.50 -42.66
N LEU C 361 33.87 -6.90 -42.00
CA LEU C 361 34.95 -5.98 -41.75
C LEU C 361 35.43 -5.41 -43.05
N CYS C 362 35.63 -6.26 -44.07
CA CYS C 362 36.14 -5.77 -45.33
C CYS C 362 35.14 -4.86 -45.99
N SER C 363 33.85 -5.21 -45.92
CA SER C 363 32.80 -4.42 -46.49
C SER C 363 32.68 -3.07 -45.84
N ALA C 364 33.16 -2.91 -44.59
CA ALA C 364 33.17 -1.60 -43.98
C ALA C 364 34.09 -0.66 -44.66
N HIS C 365 33.68 0.62 -44.62
CA HIS C 365 34.35 1.74 -45.21
C HIS C 365 35.46 2.20 -44.31
N GLY C 366 35.22 2.21 -42.98
CA GLY C 366 36.27 2.52 -42.05
C GLY C 366 36.11 1.60 -40.86
N VAL C 367 37.07 1.63 -39.92
CA VAL C 367 37.01 0.78 -38.77
C VAL C 367 37.26 1.60 -37.54
N LEU C 368 36.67 1.16 -36.39
CA LEU C 368 36.88 1.85 -35.15
C LEU C 368 37.18 0.85 -34.10
N VAL C 369 38.34 0.98 -33.43
CA VAL C 369 38.63 0.14 -32.31
C VAL C 369 38.71 1.07 -31.14
N PRO C 370 37.63 1.15 -30.43
CA PRO C 370 37.56 2.03 -29.29
C PRO C 370 38.20 1.44 -28.10
N GLY C 371 38.16 2.15 -26.96
CA GLY C 371 38.70 1.63 -25.75
C GLY C 371 37.75 0.58 -25.29
N GLY C 372 38.14 -0.14 -24.23
CA GLY C 372 37.30 -1.19 -23.74
C GLY C 372 37.99 -1.76 -22.55
N PHE C 373 37.41 -2.82 -21.98
CA PHE C 373 38.01 -3.37 -20.80
C PHE C 373 38.02 -4.85 -20.98
N GLY C 374 39.07 -5.52 -20.46
CA GLY C 374 39.13 -6.95 -20.54
C GLY C 374 40.02 -7.37 -21.66
N VAL C 375 40.71 -8.50 -21.43
CA VAL C 375 41.64 -9.15 -22.33
C VAL C 375 40.88 -9.75 -23.47
N ARG C 376 39.58 -10.00 -23.28
CA ARG C 376 38.78 -10.62 -24.30
C ARG C 376 38.80 -9.89 -25.60
N GLY C 377 39.05 -10.66 -26.69
CA GLY C 377 39.03 -10.22 -28.05
C GLY C 377 40.27 -9.47 -28.42
N THR C 378 41.26 -9.39 -27.53
CA THR C 378 42.41 -8.58 -27.84
C THR C 378 43.02 -9.03 -29.13
N GLU C 379 43.09 -10.36 -29.33
CA GLU C 379 43.66 -10.90 -30.54
C GLU C 379 42.89 -10.41 -31.73
N GLY C 380 41.55 -10.58 -31.72
CA GLY C 380 40.79 -10.20 -32.87
C GLY C 380 40.94 -8.72 -33.09
N LYS C 381 41.04 -7.96 -32.00
CA LYS C 381 41.17 -6.54 -32.10
C LYS C 381 42.44 -6.20 -32.82
N ILE C 382 43.56 -6.85 -32.43
CA ILE C 382 44.83 -6.54 -33.02
C ILE C 382 44.82 -6.99 -34.45
N GLN C 383 44.19 -8.15 -34.72
CA GLN C 383 44.15 -8.64 -36.07
C GLN C 383 43.44 -7.64 -36.93
N ALA C 384 42.36 -7.03 -36.42
CA ALA C 384 41.62 -6.07 -37.19
C ALA C 384 42.50 -4.88 -37.46
N ILE C 385 43.29 -4.48 -36.44
CA ILE C 385 44.16 -3.35 -36.57
C ILE C 385 45.16 -3.59 -37.65
N ALA C 386 45.84 -4.75 -37.61
CA ALA C 386 46.85 -5.05 -38.59
C ALA C 386 46.21 -5.11 -39.94
N TRP C 387 44.98 -5.65 -40.01
CA TRP C 387 44.30 -5.77 -41.26
C TRP C 387 44.11 -4.40 -41.83
N ALA C 388 43.58 -3.46 -41.02
CA ALA C 388 43.32 -2.14 -41.51
C ALA C 388 44.59 -1.46 -41.90
N ARG C 389 45.68 -1.65 -41.13
CA ARG C 389 46.92 -1.03 -41.49
C ARG C 389 47.44 -1.54 -42.80
N ASN C 390 47.32 -2.86 -43.04
CA ASN C 390 47.89 -3.44 -44.24
C ASN C 390 47.08 -3.02 -45.42
N GLN C 391 45.75 -2.94 -45.24
CA GLN C 391 44.78 -2.68 -46.28
C GLN C 391 44.59 -1.20 -46.42
N LYS C 392 45.23 -0.40 -45.56
CA LYS C 392 45.19 1.03 -45.68
C LYS C 392 43.76 1.47 -45.59
N LYS C 393 43.03 0.94 -44.59
CA LYS C 393 41.66 1.26 -44.35
C LYS C 393 41.67 2.30 -43.26
N PRO C 394 40.74 3.22 -43.31
CA PRO C 394 40.71 4.29 -42.35
C PRO C 394 40.64 3.69 -40.99
N PHE C 395 41.61 4.00 -40.10
CA PHE C 395 41.59 3.40 -38.81
C PHE C 395 41.63 4.45 -37.75
N LEU C 396 40.70 4.34 -36.77
CA LEU C 396 40.72 5.19 -35.63
C LEU C 396 40.74 4.30 -34.43
N GLY C 397 41.74 4.47 -33.55
CA GLY C 397 41.75 3.68 -32.35
C GLY C 397 41.58 4.63 -31.22
N VAL C 398 40.87 4.20 -30.16
CA VAL C 398 40.71 5.07 -29.04
C VAL C 398 41.13 4.33 -27.81
N CYS C 399 41.98 4.99 -27.00
CA CYS C 399 42.46 4.43 -25.76
C CYS C 399 43.07 3.10 -26.01
N LEU C 400 42.33 2.03 -25.64
CA LEU C 400 42.83 0.69 -25.70
C LEU C 400 43.21 0.46 -27.13
N GLY C 401 42.36 0.92 -28.06
CA GLY C 401 42.59 0.67 -29.46
C GLY C 401 43.90 1.27 -29.85
N MET C 402 44.17 2.52 -29.43
CA MET C 402 45.43 3.13 -29.74
C MET C 402 46.56 2.34 -29.16
N GLN C 403 46.38 1.86 -27.91
CA GLN C 403 47.41 1.16 -27.20
C GLN C 403 47.75 -0.10 -27.94
N LEU C 404 46.72 -0.82 -28.41
CA LEU C 404 46.92 -2.07 -29.07
C LEU C 404 47.54 -1.81 -30.41
N ALA C 405 47.19 -0.67 -31.02
CA ALA C 405 47.72 -0.37 -32.33
C ALA C 405 49.20 -0.25 -32.24
N VAL C 406 49.69 0.40 -31.17
CA VAL C 406 51.11 0.58 -31.01
C VAL C 406 51.76 -0.75 -30.83
N VAL C 407 51.13 -1.65 -30.04
CA VAL C 407 51.68 -2.96 -29.85
C VAL C 407 51.74 -3.68 -31.16
N GLU C 408 50.66 -3.59 -31.96
CA GLU C 408 50.61 -4.27 -33.22
C GLU C 408 51.74 -3.81 -34.07
N PHE C 409 51.99 -2.49 -34.09
CA PHE C 409 53.03 -1.92 -34.89
C PHE C 409 54.33 -2.54 -34.49
N SER C 410 54.61 -2.57 -33.18
CA SER C 410 55.86 -3.10 -32.71
C SER C 410 55.99 -4.52 -33.16
N ARG C 411 54.90 -5.31 -33.06
CA ARG C 411 55.02 -6.71 -33.35
C ARG C 411 55.30 -6.93 -34.80
N ASN C 412 54.53 -6.26 -35.70
CA ASN C 412 54.64 -6.59 -37.08
C ASN C 412 55.51 -5.66 -37.87
N VAL C 413 56.11 -4.65 -37.19
CA VAL C 413 57.09 -3.83 -37.84
C VAL C 413 58.47 -3.98 -37.24
N LEU C 414 58.56 -3.91 -35.90
CA LEU C 414 59.80 -4.05 -35.19
C LEU C 414 60.08 -5.49 -34.96
N GLY C 415 59.08 -6.35 -35.20
CA GLY C 415 59.35 -7.75 -35.10
C GLY C 415 59.25 -8.14 -33.67
N TRP C 416 58.72 -7.24 -32.81
CA TRP C 416 58.73 -7.58 -31.43
C TRP C 416 57.41 -8.25 -31.19
N GLN C 417 57.33 -9.51 -31.63
CA GLN C 417 56.12 -10.28 -31.54
C GLN C 417 55.74 -10.54 -30.13
N ASP C 418 56.71 -10.48 -29.20
CA ASP C 418 56.29 -10.63 -27.82
C ASP C 418 56.01 -9.30 -27.21
N ALA C 419 55.85 -8.24 -28.02
CA ALA C 419 55.57 -6.98 -27.41
C ALA C 419 54.20 -7.12 -26.84
N ASN C 420 53.89 -6.45 -25.71
CA ASN C 420 52.57 -6.69 -25.21
C ASN C 420 52.18 -5.55 -24.30
N SER C 421 50.95 -5.64 -23.75
CA SER C 421 50.44 -4.71 -22.79
C SER C 421 50.62 -5.37 -21.46
N THR C 422 51.15 -4.62 -20.48
CA THR C 422 51.36 -5.10 -19.15
C THR C 422 50.03 -5.16 -18.47
N GLU C 423 49.01 -4.55 -19.08
CA GLU C 423 47.68 -4.64 -18.56
C GLU C 423 47.28 -6.08 -18.54
N PHE C 424 47.76 -6.90 -19.50
CA PHE C 424 47.27 -8.24 -19.51
C PHE C 424 48.37 -9.24 -19.39
N ASP C 425 49.63 -8.81 -19.61
CA ASP C 425 50.71 -9.75 -19.50
C ASP C 425 51.84 -9.09 -18.76
N PRO C 426 51.99 -9.50 -17.53
CA PRO C 426 53.00 -8.90 -16.71
C PRO C 426 54.35 -9.39 -17.12
N THR C 427 54.40 -10.51 -17.88
CA THR C 427 55.66 -11.03 -18.28
C THR C 427 55.86 -10.65 -19.72
N THR C 428 56.19 -9.38 -19.96
CA THR C 428 56.26 -8.94 -21.32
C THR C 428 57.68 -8.60 -21.59
N SER C 429 58.19 -9.06 -22.74
CA SER C 429 59.56 -8.82 -23.06
C SER C 429 59.71 -7.40 -23.50
N HIS C 430 58.68 -6.83 -24.17
CA HIS C 430 58.75 -5.44 -24.50
C HIS C 430 57.54 -4.76 -23.99
N PRO C 431 57.54 -4.36 -22.74
CA PRO C 431 56.41 -3.71 -22.16
C PRO C 431 56.07 -2.47 -22.94
N VAL C 432 55.15 -2.55 -23.91
CA VAL C 432 54.80 -1.37 -24.65
C VAL C 432 53.84 -0.56 -23.83
N VAL C 433 52.75 -1.20 -23.34
CA VAL C 433 51.71 -0.50 -22.65
C VAL C 433 51.95 -0.67 -21.19
N VAL C 434 52.22 0.44 -20.46
CA VAL C 434 52.57 0.32 -19.09
C VAL C 434 51.66 1.15 -18.25
N ASP C 435 51.44 0.70 -17.01
CA ASP C 435 50.56 1.34 -16.08
C ASP C 435 51.22 2.62 -15.63
N MET C 436 50.60 3.78 -15.94
CA MET C 436 51.22 5.04 -15.56
C MET C 436 50.16 5.91 -14.96
N PRO C 437 49.83 5.68 -13.73
CA PRO C 437 48.73 6.41 -13.13
C PRO C 437 49.18 7.73 -12.60
N GLU C 438 48.24 8.60 -12.18
CA GLU C 438 48.63 9.87 -11.64
C GLU C 438 48.75 9.71 -10.16
N HIS C 439 49.70 10.43 -9.54
CA HIS C 439 49.93 10.29 -8.14
C HIS C 439 49.80 11.66 -7.57
N ASN C 440 48.56 12.06 -7.26
CA ASN C 440 48.30 13.34 -6.69
C ASN C 440 48.39 13.22 -5.21
N PRO C 441 48.73 14.31 -4.58
CA PRO C 441 48.89 14.28 -3.16
C PRO C 441 47.55 14.10 -2.52
N GLY C 442 47.49 13.35 -1.40
CA GLY C 442 46.23 13.09 -0.76
C GLY C 442 45.65 11.83 -1.30
N GLN C 443 46.25 11.26 -2.36
CA GLN C 443 45.72 10.04 -2.88
C GLN C 443 46.59 8.92 -2.42
N MET C 444 45.98 7.75 -2.15
CA MET C 444 46.76 6.61 -1.80
C MET C 444 46.81 5.75 -3.03
N GLY C 445 48.03 5.57 -3.59
CA GLY C 445 48.16 4.86 -4.83
C GLY C 445 47.99 5.84 -5.94
N GLY C 446 47.92 5.31 -7.18
CA GLY C 446 47.79 6.17 -8.33
C GLY C 446 46.34 6.29 -8.65
N THR C 447 46.02 7.08 -9.70
CA THR C 447 44.65 7.22 -10.10
C THR C 447 44.62 7.30 -11.60
N MET C 448 43.45 6.98 -12.18
CA MET C 448 43.29 7.02 -13.61
C MET C 448 43.29 8.46 -14.01
N ARG C 449 43.88 8.75 -15.19
CA ARG C 449 43.88 10.09 -15.70
C ARG C 449 42.49 10.35 -16.20
N LEU C 450 41.83 11.40 -15.65
CA LEU C 450 40.46 11.65 -15.97
C LEU C 450 40.16 13.12 -15.89
N GLY C 451 39.31 13.60 -16.81
CA GLY C 451 38.91 14.98 -16.77
C GLY C 451 39.32 15.66 -18.02
N LYS C 452 38.92 16.95 -18.13
CA LYS C 452 39.28 17.76 -19.24
C LYS C 452 40.69 18.21 -19.03
N ARG C 453 41.61 17.73 -19.89
CA ARG C 453 43.01 18.04 -19.69
C ARG C 453 43.50 18.68 -20.95
N ARG C 454 44.68 19.34 -20.86
CA ARG C 454 45.23 19.98 -22.02
C ARG C 454 46.22 19.04 -22.64
N THR C 455 46.18 18.95 -23.99
CA THR C 455 47.09 18.11 -24.72
C THR C 455 47.85 19.06 -25.60
N LEU C 456 49.17 18.84 -25.77
CA LEU C 456 49.91 19.77 -26.58
C LEU C 456 50.30 19.09 -27.85
N PHE C 457 50.34 19.84 -28.97
CA PHE C 457 50.81 19.27 -30.19
C PHE C 457 52.30 19.28 -30.16
N GLN C 458 52.92 18.18 -30.62
CA GLN C 458 54.34 18.08 -30.71
C GLN C 458 54.83 18.62 -32.01
N THR C 459 53.93 18.80 -33.00
CA THR C 459 54.37 19.29 -34.27
C THR C 459 53.24 20.00 -34.96
N LYS C 460 53.61 20.84 -35.95
CA LYS C 460 52.69 21.49 -36.83
C LYS C 460 52.25 20.56 -37.91
N ASN C 461 53.14 19.64 -38.33
CA ASN C 461 52.79 18.77 -39.41
C ASN C 461 51.97 17.66 -38.84
N SER C 462 50.65 17.91 -38.65
CA SER C 462 49.79 16.92 -38.07
C SER C 462 48.48 17.07 -38.76
N VAL C 463 47.89 15.95 -39.22
CA VAL C 463 46.64 16.02 -39.92
C VAL C 463 45.59 16.47 -38.95
N MET C 464 45.61 15.92 -37.72
CA MET C 464 44.64 16.25 -36.73
C MET C 464 44.77 17.69 -36.38
N ARG C 465 46.00 18.20 -36.25
CA ARG C 465 46.15 19.58 -35.90
C ARG C 465 45.44 20.38 -36.94
N LYS C 466 45.62 20.04 -38.23
CA LYS C 466 45.00 20.77 -39.31
C LYS C 466 43.51 20.70 -39.17
N LEU C 467 42.98 19.54 -38.76
CA LEU C 467 41.56 19.36 -38.65
C LEU C 467 41.06 20.22 -37.55
N TYR C 468 41.84 20.34 -36.46
CA TYR C 468 41.49 21.20 -35.35
C TYR C 468 41.61 22.63 -35.75
N GLY C 469 42.54 23.00 -36.64
CA GLY C 469 42.51 24.37 -37.05
C GLY C 469 43.80 25.02 -36.69
N ASP C 470 44.89 24.23 -36.76
CA ASP C 470 46.20 24.71 -36.46
C ASP C 470 46.33 25.19 -35.05
N ALA C 471 45.72 24.48 -34.09
CA ALA C 471 45.75 24.98 -32.74
C ALA C 471 47.05 24.51 -32.16
N ASP C 472 47.68 25.32 -31.27
CA ASP C 472 48.88 24.93 -30.59
C ASP C 472 48.56 23.86 -29.59
N TYR C 473 47.33 23.86 -29.04
CA TYR C 473 46.99 22.87 -28.06
C TYR C 473 45.53 22.58 -28.18
N LEU C 474 45.05 21.51 -27.50
CA LEU C 474 43.65 21.19 -27.53
C LEU C 474 43.33 20.70 -26.14
N GLU C 475 42.05 20.78 -25.72
CA GLU C 475 41.67 20.27 -24.44
C GLU C 475 40.54 19.31 -24.69
N GLU C 476 40.62 18.10 -24.09
CA GLU C 476 39.77 17.01 -24.47
C GLU C 476 39.38 16.30 -23.21
N ARG C 477 38.43 15.34 -23.30
CA ARG C 477 38.13 14.52 -22.17
C ARG C 477 39.15 13.44 -22.03
N HIS C 478 39.58 13.17 -20.78
CA HIS C 478 40.48 12.07 -20.55
C HIS C 478 39.87 11.04 -19.63
N ARG C 479 40.23 9.75 -19.85
CA ARG C 479 39.81 8.67 -19.01
C ARG C 479 40.71 7.51 -19.36
N HIS C 480 41.92 7.41 -18.76
CA HIS C 480 42.76 6.29 -19.12
C HIS C 480 43.96 6.22 -18.22
N ARG C 481 44.49 4.99 -18.00
CA ARG C 481 45.52 4.71 -17.03
C ARG C 481 46.85 4.26 -17.58
N PHE C 482 46.86 3.50 -18.71
CA PHE C 482 48.10 2.97 -19.23
C PHE C 482 48.63 3.84 -20.33
N GLU C 483 49.97 3.89 -20.47
CA GLU C 483 50.57 4.86 -21.34
C GLU C 483 51.67 4.18 -22.12
N VAL C 484 52.31 4.94 -23.03
CA VAL C 484 53.31 4.37 -23.89
C VAL C 484 54.55 4.29 -23.07
N ASN C 485 55.26 3.14 -23.13
CA ASN C 485 56.53 3.04 -22.48
C ASN C 485 57.52 3.81 -23.29
N PRO C 486 58.10 4.81 -22.68
CA PRO C 486 59.01 5.68 -23.38
C PRO C 486 60.26 4.97 -23.73
N VAL C 487 60.55 3.86 -23.03
CA VAL C 487 61.69 3.05 -23.33
C VAL C 487 61.59 2.58 -24.74
N TRP C 488 60.36 2.42 -25.27
CA TRP C 488 60.26 1.93 -26.61
C TRP C 488 59.83 3.02 -27.54
N LYS C 489 59.18 4.08 -27.01
CA LYS C 489 58.89 5.24 -27.80
C LYS C 489 60.10 5.67 -28.58
N LYS C 490 61.25 5.75 -27.90
CA LYS C 490 62.50 6.16 -28.50
C LYS C 490 62.91 5.21 -29.59
N CYS C 491 62.39 3.97 -29.58
CA CYS C 491 62.69 3.05 -30.62
C CYS C 491 61.68 3.18 -31.73
N LEU C 492 60.52 3.81 -31.43
CA LEU C 492 59.52 4.21 -32.38
C LEU C 492 59.72 5.58 -33.00
N GLU C 493 60.64 6.42 -32.48
CA GLU C 493 60.90 7.70 -33.09
C GLU C 493 61.57 7.63 -34.43
N GLU C 494 62.51 6.71 -34.68
CA GLU C 494 63.03 6.56 -36.01
C GLU C 494 62.06 5.89 -36.94
N GLN C 495 60.93 5.38 -36.41
CA GLN C 495 59.89 4.74 -37.19
C GLN C 495 58.86 5.70 -37.70
N GLY C 496 58.01 5.23 -38.65
CA GLY C 496 56.99 6.06 -39.23
C GLY C 496 55.73 6.11 -38.40
N LEU C 497 55.83 5.74 -37.11
CA LEU C 497 54.72 5.78 -36.20
C LEU C 497 55.02 7.00 -35.42
N LYS C 498 54.35 8.13 -35.72
CA LYS C 498 54.78 9.35 -35.10
C LYS C 498 53.82 9.74 -34.03
N PHE C 499 54.38 10.19 -32.87
CA PHE C 499 53.53 10.59 -31.79
C PHE C 499 53.42 12.08 -31.88
N VAL C 500 52.17 12.55 -31.98
CA VAL C 500 51.84 13.93 -32.19
C VAL C 500 51.37 14.62 -30.95
N GLY C 501 50.58 13.93 -30.08
CA GLY C 501 50.03 14.64 -28.96
C GLY C 501 50.63 14.15 -27.68
N GLN C 502 50.83 15.09 -26.72
CA GLN C 502 51.43 14.76 -25.46
C GLN C 502 50.73 15.56 -24.41
N ASP C 503 50.85 15.08 -23.16
CA ASP C 503 50.31 15.80 -22.04
C ASP C 503 51.22 16.96 -21.84
N VAL C 504 50.86 17.85 -20.90
CA VAL C 504 51.60 19.08 -20.70
C VAL C 504 52.99 18.75 -20.24
N GLU C 505 53.15 17.69 -19.44
CA GLU C 505 54.45 17.33 -18.93
C GLU C 505 55.30 16.83 -20.06
N GLY C 506 54.67 16.45 -21.18
CA GLY C 506 55.44 15.96 -22.29
C GLY C 506 55.74 14.50 -22.10
N GLU C 507 55.07 13.86 -21.13
CA GLU C 507 55.31 12.48 -20.83
C GLU C 507 54.30 11.56 -21.46
N ARG C 508 53.01 11.66 -21.08
CA ARG C 508 52.01 10.77 -21.60
C ARG C 508 51.69 11.11 -23.03
N MET C 509 51.51 10.08 -23.88
CA MET C 509 51.23 10.30 -25.28
C MET C 509 49.74 10.25 -25.43
N GLU C 510 49.19 11.24 -26.17
CA GLU C 510 47.79 11.28 -26.47
C GLU C 510 47.43 11.11 -27.93
N ILE C 511 48.28 11.54 -28.88
CA ILE C 511 47.90 11.37 -30.26
C ILE C 511 49.01 10.69 -31.01
N VAL C 512 48.63 9.71 -31.87
CA VAL C 512 49.60 9.10 -32.73
C VAL C 512 49.06 9.07 -34.12
N GLU C 513 49.93 9.39 -35.10
CA GLU C 513 49.52 9.39 -36.47
C GLU C 513 50.51 8.58 -37.23
N LEU C 514 50.03 7.50 -37.88
CA LEU C 514 50.90 6.63 -38.63
C LEU C 514 51.15 7.33 -39.92
N GLU C 515 52.43 7.45 -40.32
CA GLU C 515 52.74 8.11 -41.56
C GLU C 515 52.55 7.15 -42.69
N ASP C 516 52.32 7.71 -43.89
CA ASP C 516 52.19 6.94 -45.09
C ASP C 516 51.01 6.02 -44.97
N HIS C 517 49.85 6.57 -44.55
CA HIS C 517 48.66 5.80 -44.42
C HIS C 517 47.55 6.79 -44.62
N PRO C 518 46.57 6.47 -45.44
CA PRO C 518 45.50 7.37 -45.70
C PRO C 518 44.89 7.88 -44.43
N PHE C 519 44.75 7.02 -43.41
CA PHE C 519 44.16 7.47 -42.19
C PHE C 519 44.33 6.36 -41.19
N PHE C 520 45.25 6.55 -40.22
CA PHE C 520 45.49 5.55 -39.23
C PHE C 520 45.92 6.36 -38.04
N VAL C 521 44.97 6.71 -37.15
CA VAL C 521 45.38 7.50 -36.03
C VAL C 521 44.81 6.90 -34.78
N GLY C 522 45.39 7.29 -33.64
CA GLY C 522 44.92 6.78 -32.37
C GLY C 522 44.93 7.93 -31.41
N VAL C 523 43.92 7.97 -30.52
CA VAL C 523 43.89 8.96 -29.48
C VAL C 523 43.57 8.27 -28.18
N GLN C 524 44.06 8.82 -27.05
CA GLN C 524 43.73 8.34 -25.73
C GLN C 524 42.52 9.05 -25.21
N TYR C 525 42.45 10.37 -25.46
CA TYR C 525 41.40 11.22 -24.97
C TYR C 525 40.12 10.84 -25.66
N HIS C 526 38.97 11.39 -25.19
CA HIS C 526 37.69 10.92 -25.67
C HIS C 526 36.88 12.10 -26.17
N PRO C 527 36.95 12.31 -27.46
CA PRO C 527 36.43 13.49 -28.10
C PRO C 527 34.94 13.41 -28.29
N GLU C 528 34.37 12.19 -28.19
CA GLU C 528 32.98 12.00 -28.47
C GLU C 528 32.18 12.67 -27.41
N PHE C 529 32.84 13.02 -26.29
CA PHE C 529 32.13 13.68 -25.24
C PHE C 529 31.91 15.13 -25.57
N LEU C 530 32.74 15.70 -26.45
CA LEU C 530 32.73 17.10 -26.74
C LEU C 530 32.15 17.39 -28.10
N SER C 531 32.07 16.36 -28.97
CA SER C 531 31.45 16.51 -30.26
C SER C 531 30.02 16.91 -30.15
N ARG C 532 29.63 17.85 -31.04
CA ARG C 532 28.30 18.38 -31.05
C ARG C 532 27.86 18.43 -32.48
N PRO C 533 26.58 18.41 -32.68
CA PRO C 533 26.01 18.48 -34.00
C PRO C 533 26.51 19.67 -34.74
N ILE C 534 26.71 20.80 -34.03
CA ILE C 534 27.18 21.98 -34.70
C ILE C 534 28.66 21.87 -34.93
N LYS C 535 29.43 21.45 -33.90
CA LYS C 535 30.86 21.36 -33.96
C LYS C 535 31.23 19.92 -33.76
N PRO C 536 31.21 19.13 -34.80
CA PRO C 536 31.63 17.76 -34.64
C PRO C 536 33.10 17.63 -34.40
N SER C 537 33.51 16.61 -33.62
CA SER C 537 34.90 16.47 -33.31
C SER C 537 35.56 15.94 -34.53
N PRO C 538 36.82 16.22 -34.70
CA PRO C 538 37.43 15.99 -35.97
C PRO C 538 37.95 14.61 -36.22
N PRO C 539 38.17 13.78 -35.22
CA PRO C 539 38.73 12.48 -35.52
C PRO C 539 37.69 11.57 -36.09
N TYR C 540 36.40 11.86 -35.82
CA TYR C 540 35.31 11.09 -36.35
C TYR C 540 34.93 11.64 -37.67
N PHE C 541 34.97 12.98 -37.81
CA PHE C 541 34.65 13.62 -39.05
C PHE C 541 35.70 13.26 -40.04
N GLY C 542 36.98 13.35 -39.64
CA GLY C 542 38.08 13.02 -40.49
C GLY C 542 38.01 11.57 -40.85
N LEU C 543 37.77 10.68 -39.88
CA LEU C 543 37.58 9.29 -40.20
C LEU C 543 36.52 9.11 -41.24
N LEU C 544 35.42 9.88 -41.15
CA LEU C 544 34.32 9.71 -42.07
C LEU C 544 34.80 10.05 -43.44
N LEU C 545 35.48 11.21 -43.52
CA LEU C 545 36.02 11.74 -44.73
C LEU C 545 36.93 10.74 -45.36
N ALA C 546 37.79 10.04 -44.59
CA ALA C 546 38.64 8.99 -45.11
C ALA C 546 37.86 7.80 -45.57
N SER C 547 36.85 7.41 -44.79
CA SER C 547 35.96 6.33 -45.15
C SER C 547 35.30 6.54 -46.48
N VAL C 548 34.88 7.79 -46.74
CA VAL C 548 34.43 8.29 -48.03
C VAL C 548 35.45 8.50 -49.14
N GLY C 549 36.65 9.04 -48.86
CA GLY C 549 37.73 9.24 -49.79
C GLY C 549 37.52 10.54 -50.54
N ARG C 550 37.20 11.55 -49.72
CA ARG C 550 36.89 12.96 -49.59
C ARG C 550 37.82 13.90 -48.82
N LEU C 551 38.40 13.41 -47.71
CA LEU C 551 39.39 13.99 -46.84
C LEU C 551 40.46 14.77 -47.51
N SER C 552 41.05 14.25 -48.61
CA SER C 552 42.15 14.97 -49.19
C SER C 552 41.59 16.16 -49.90
N HIS C 553 40.45 15.98 -50.58
CA HIS C 553 39.78 17.06 -51.23
C HIS C 553 39.37 18.09 -50.22
N TYR C 554 38.80 17.64 -49.08
CA TYR C 554 38.35 18.48 -48.00
C TYR C 554 39.43 19.43 -47.58
N LEU C 555 40.62 18.89 -47.29
CA LEU C 555 41.69 19.70 -46.77
C LEU C 555 42.15 20.61 -47.86
N GLN C 556 42.19 20.08 -49.09
CA GLN C 556 42.67 20.74 -50.26
C GLN C 556 41.73 21.87 -50.56
N LYS C 557 40.42 21.61 -50.42
CA LYS C 557 39.36 22.55 -50.65
C LYS C 557 39.49 23.68 -49.68
N GLY C 558 40.00 23.43 -48.45
CA GLY C 558 40.16 24.54 -47.56
C GLY C 558 39.90 24.16 -46.14
N CYS C 559 39.67 22.86 -45.83
CA CYS C 559 39.42 22.43 -44.48
C CYS C 559 38.22 23.12 -43.91
N MET D 1 -9.73 -32.31 -4.37
CA MET D 1 -9.73 -31.34 -5.48
C MET D 1 -8.47 -30.52 -5.44
N LYS D 2 -7.76 -30.47 -6.59
CA LYS D 2 -6.59 -29.66 -6.70
C LYS D 2 -7.10 -28.32 -7.11
N TYR D 3 -6.60 -27.24 -6.50
CA TYR D 3 -7.09 -25.94 -6.88
C TYR D 3 -5.99 -25.14 -7.50
N ILE D 4 -5.93 -25.14 -8.84
CA ILE D 4 -4.91 -24.45 -9.57
C ILE D 4 -5.49 -23.09 -9.83
N LEU D 5 -4.95 -22.06 -9.14
CA LEU D 5 -5.48 -20.74 -9.31
C LEU D 5 -4.65 -20.03 -10.33
N VAL D 6 -5.31 -19.49 -11.37
CA VAL D 6 -4.57 -18.77 -12.37
C VAL D 6 -4.74 -17.31 -12.10
N THR D 7 -3.64 -16.65 -11.72
CA THR D 7 -3.66 -15.22 -11.50
C THR D 7 -2.79 -14.61 -12.55
N GLY D 8 -2.74 -13.27 -12.60
CA GLY D 8 -1.86 -12.62 -13.53
C GLY D 8 -1.83 -11.15 -13.25
N GLY D 9 -0.81 -10.45 -13.77
CA GLY D 9 -0.77 -9.03 -13.56
C GLY D 9 -0.38 -8.33 -14.81
N VAL D 10 -0.10 -7.01 -14.66
CA VAL D 10 0.44 -6.11 -15.63
C VAL D 10 -0.59 -5.68 -16.63
N ILE D 11 -1.26 -6.61 -17.32
CA ILE D 11 -2.20 -6.17 -18.31
C ILE D 11 -3.12 -7.29 -18.63
N SER D 12 -4.38 -6.95 -18.99
CA SER D 12 -5.34 -7.95 -19.36
C SER D 12 -4.94 -8.39 -20.74
N GLY D 13 -5.36 -9.60 -21.15
CA GLY D 13 -5.08 -10.04 -22.49
C GLY D 13 -3.74 -10.70 -22.48
N ILE D 14 -3.24 -10.99 -21.28
CA ILE D 14 -1.95 -11.59 -21.08
C ILE D 14 -2.00 -13.03 -21.49
N GLY D 15 -3.17 -13.68 -21.35
CA GLY D 15 -3.29 -14.99 -21.91
C GLY D 15 -3.54 -16.00 -20.84
N LYS D 16 -4.24 -15.58 -19.77
CA LYS D 16 -4.51 -16.46 -18.66
C LYS D 16 -5.39 -17.58 -19.13
N GLY D 17 -6.48 -17.26 -19.86
CA GLY D 17 -7.37 -18.29 -20.33
C GLY D 17 -6.67 -19.17 -21.32
N ILE D 18 -5.67 -18.63 -22.05
CA ILE D 18 -4.98 -19.43 -23.02
C ILE D 18 -4.21 -20.49 -22.31
N ILE D 19 -3.50 -20.12 -21.23
CA ILE D 19 -2.70 -21.06 -20.51
C ILE D 19 -3.62 -22.01 -19.79
N ALA D 20 -4.73 -21.48 -19.26
CA ALA D 20 -5.61 -22.31 -18.49
C ALA D 20 -6.10 -23.42 -19.37
N SER D 21 -6.50 -23.09 -20.62
CA SER D 21 -7.05 -24.07 -21.51
C SER D 21 -5.99 -25.05 -21.91
N SER D 22 -4.74 -24.57 -22.06
CA SER D 22 -3.67 -25.44 -22.46
C SER D 22 -3.40 -26.42 -21.37
N VAL D 23 -3.38 -25.96 -20.11
CA VAL D 23 -3.04 -26.84 -19.02
C VAL D 23 -4.20 -27.76 -18.83
N GLY D 24 -5.42 -27.22 -19.02
CA GLY D 24 -6.57 -27.99 -18.72
C GLY D 24 -6.55 -29.23 -19.55
N THR D 25 -6.31 -29.10 -20.87
CA THR D 25 -6.38 -30.21 -21.77
C THR D 25 -5.25 -31.13 -21.49
N ILE D 26 -4.13 -30.57 -21.02
CA ILE D 26 -3.02 -31.39 -20.63
C ILE D 26 -3.42 -32.26 -19.49
N LEU D 27 -4.10 -31.68 -18.48
CA LEU D 27 -4.46 -32.42 -17.31
C LEU D 27 -5.45 -33.49 -17.66
N LYS D 28 -6.32 -33.22 -18.65
CA LYS D 28 -7.27 -34.20 -19.12
C LYS D 28 -6.51 -35.30 -19.79
N SER D 29 -5.47 -34.96 -20.57
CA SER D 29 -4.68 -35.97 -21.22
C SER D 29 -4.04 -36.84 -20.17
N CYS D 30 -3.57 -36.23 -19.08
CA CYS D 30 -2.96 -36.93 -18.00
C CYS D 30 -3.96 -37.91 -17.47
N GLY D 31 -5.26 -37.54 -17.46
CA GLY D 31 -6.28 -38.50 -17.14
C GLY D 31 -7.08 -38.01 -15.98
N LEU D 32 -7.03 -36.69 -15.72
CA LEU D 32 -7.74 -36.11 -14.61
C LEU D 32 -9.09 -35.65 -15.07
N HIS D 33 -10.08 -35.69 -14.16
CA HIS D 33 -11.36 -35.09 -14.37
C HIS D 33 -11.16 -33.62 -14.14
N VAL D 34 -11.05 -32.84 -15.23
CA VAL D 34 -10.71 -31.46 -15.09
C VAL D 34 -11.96 -30.64 -15.14
N THR D 35 -12.05 -29.64 -14.24
CA THR D 35 -13.15 -28.71 -14.28
C THR D 35 -12.55 -27.34 -14.15
N SER D 36 -13.37 -26.27 -14.15
CA SER D 36 -12.78 -24.96 -14.05
C SER D 36 -13.80 -23.98 -13.59
N ILE D 37 -13.32 -22.84 -13.01
CA ILE D 37 -14.18 -21.77 -12.60
C ILE D 37 -13.58 -20.50 -13.12
N LYS D 38 -14.40 -19.66 -13.78
CA LYS D 38 -13.97 -18.37 -14.25
C LYS D 38 -14.54 -17.34 -13.33
N ILE D 39 -13.67 -16.63 -12.60
CA ILE D 39 -14.17 -15.63 -11.70
C ILE D 39 -13.94 -14.29 -12.33
N ASP D 40 -15.05 -13.57 -12.64
CA ASP D 40 -14.95 -12.30 -13.27
C ASP D 40 -15.25 -11.27 -12.23
N PRO D 41 -14.32 -10.37 -12.03
CA PRO D 41 -14.43 -9.39 -10.99
C PRO D 41 -15.65 -8.57 -11.22
N TYR D 42 -16.12 -8.51 -12.48
CA TYR D 42 -17.28 -7.80 -12.93
C TYR D 42 -18.33 -7.58 -11.91
N ILE D 43 -18.72 -6.30 -11.82
CA ILE D 43 -19.74 -5.78 -10.97
C ILE D 43 -21.06 -6.18 -11.53
N ASN D 44 -21.11 -6.41 -12.86
CA ASN D 44 -22.33 -6.72 -13.54
C ASN D 44 -22.51 -8.19 -13.54
N ILE D 45 -23.65 -8.63 -14.11
CA ILE D 45 -23.92 -10.03 -14.15
C ILE D 45 -24.43 -10.19 -15.55
N ASP D 46 -24.14 -11.35 -16.15
CA ASP D 46 -24.66 -11.70 -17.42
C ASP D 46 -23.88 -10.95 -18.47
N ALA D 47 -22.96 -11.70 -19.12
CA ALA D 47 -22.07 -11.26 -20.17
C ALA D 47 -22.86 -11.01 -21.40
N GLY D 48 -24.10 -11.55 -21.44
CA GLY D 48 -24.91 -11.48 -22.62
C GLY D 48 -25.32 -10.06 -22.88
N THR D 49 -25.22 -9.17 -21.87
CA THR D 49 -25.57 -7.78 -22.04
C THR D 49 -24.42 -6.96 -22.55
N PHE D 50 -23.21 -7.55 -22.64
CA PHE D 50 -22.01 -6.86 -23.03
C PHE D 50 -21.91 -6.83 -24.53
N SER D 51 -21.12 -5.86 -25.07
CA SER D 51 -20.99 -5.68 -26.49
C SER D 51 -19.98 -6.67 -27.01
N PRO D 52 -20.28 -7.26 -28.14
CA PRO D 52 -19.34 -8.09 -28.82
C PRO D 52 -18.16 -7.37 -29.40
N TYR D 53 -18.23 -6.03 -29.51
CA TYR D 53 -17.07 -5.34 -30.03
C TYR D 53 -16.25 -5.02 -28.82
N GLU D 54 -16.94 -4.66 -27.73
CA GLU D 54 -16.24 -4.34 -26.53
C GLU D 54 -15.39 -5.49 -26.05
N HIS D 55 -15.94 -6.72 -26.12
CA HIS D 55 -15.27 -7.87 -25.59
C HIS D 55 -15.19 -9.01 -26.55
N GLY D 56 -16.34 -9.37 -27.14
CA GLY D 56 -16.30 -10.45 -28.06
C GLY D 56 -17.51 -11.28 -27.80
N GLU D 57 -17.46 -12.52 -28.31
CA GLU D 57 -18.58 -13.41 -28.29
C GLU D 57 -18.99 -13.68 -26.89
N VAL D 58 -20.32 -13.89 -26.73
CA VAL D 58 -20.84 -14.36 -25.48
C VAL D 58 -21.12 -15.80 -25.75
N PHE D 59 -20.36 -16.68 -25.10
CA PHE D 59 -20.50 -18.06 -25.38
C PHE D 59 -21.77 -18.50 -24.74
N VAL D 60 -22.56 -19.32 -25.45
CA VAL D 60 -23.82 -19.74 -24.91
C VAL D 60 -23.57 -21.11 -24.38
N LEU D 61 -24.01 -21.34 -23.15
CA LEU D 61 -23.75 -22.61 -22.54
C LEU D 61 -24.95 -23.46 -22.80
N ASP D 62 -24.86 -24.75 -22.42
CA ASP D 62 -25.94 -25.66 -22.65
C ASP D 62 -27.17 -25.14 -21.96
N ASP D 63 -26.99 -24.49 -20.80
CA ASP D 63 -28.12 -24.09 -20.02
C ASP D 63 -28.51 -22.70 -20.39
N GLY D 64 -28.01 -22.20 -21.54
CA GLY D 64 -28.37 -20.88 -21.96
C GLY D 64 -27.56 -19.88 -21.22
N GLY D 65 -26.48 -20.34 -20.58
CA GLY D 65 -25.62 -19.41 -19.89
C GLY D 65 -25.07 -18.44 -20.88
N GLU D 66 -24.91 -17.17 -20.47
CA GLU D 66 -24.41 -16.17 -21.35
C GLU D 66 -23.09 -15.80 -20.78
N VAL D 67 -22.00 -16.41 -21.29
CA VAL D 67 -20.78 -16.26 -20.56
C VAL D 67 -19.68 -15.87 -21.50
N ASP D 68 -18.45 -15.73 -20.96
CA ASP D 68 -17.27 -15.36 -21.65
C ASP D 68 -16.85 -16.53 -22.49
N LEU D 69 -16.28 -16.22 -23.67
CA LEU D 69 -15.86 -17.13 -24.68
C LEU D 69 -14.79 -18.05 -24.17
N ASP D 70 -14.02 -17.63 -23.15
CA ASP D 70 -12.92 -18.43 -22.69
C ASP D 70 -13.45 -19.74 -22.21
N LEU D 71 -14.73 -19.76 -21.77
CA LEU D 71 -15.29 -20.98 -21.29
C LEU D 71 -15.62 -21.85 -22.45
N GLY D 72 -15.92 -21.24 -23.60
CA GLY D 72 -16.11 -21.99 -24.81
C GLY D 72 -14.77 -22.51 -25.24
N ASN D 73 -13.69 -21.76 -24.99
CA ASN D 73 -12.38 -22.21 -25.36
C ASN D 73 -12.10 -23.42 -24.55
N TYR D 74 -12.54 -23.41 -23.28
CA TYR D 74 -12.30 -24.53 -22.44
C TYR D 74 -13.04 -25.71 -22.98
N GLU D 75 -14.24 -25.47 -23.52
CA GLU D 75 -15.01 -26.54 -24.10
C GLU D 75 -14.48 -26.95 -25.43
N ARG D 76 -13.61 -26.14 -26.07
CA ARG D 76 -12.94 -26.64 -27.24
C ARG D 76 -11.84 -27.57 -26.87
N PHE D 77 -11.01 -27.17 -25.89
CA PHE D 77 -9.90 -27.94 -25.37
C PHE D 77 -10.30 -29.15 -24.56
N LEU D 78 -11.45 -29.10 -23.86
CA LEU D 78 -11.93 -30.20 -23.05
C LEU D 78 -13.37 -30.44 -23.43
N ASP D 79 -13.83 -31.71 -23.34
CA ASP D 79 -15.13 -32.11 -23.79
C ASP D 79 -16.14 -31.69 -22.77
N ILE D 80 -15.65 -31.45 -21.55
CA ILE D 80 -16.38 -31.02 -20.39
C ILE D 80 -17.46 -30.06 -20.79
N ARG D 81 -18.55 -30.06 -20.02
CA ARG D 81 -19.66 -29.18 -20.28
C ARG D 81 -19.72 -28.22 -19.12
N LEU D 82 -19.86 -26.92 -19.42
CA LEU D 82 -19.89 -25.97 -18.35
C LEU D 82 -21.27 -25.41 -18.24
N THR D 83 -21.62 -24.89 -17.04
CA THR D 83 -22.91 -24.35 -16.76
C THR D 83 -22.69 -22.97 -16.20
N LYS D 84 -23.78 -22.24 -15.92
CA LYS D 84 -23.67 -20.89 -15.42
C LYS D 84 -22.97 -20.91 -14.11
N ASP D 85 -22.97 -22.08 -13.44
CA ASP D 85 -22.39 -22.13 -12.13
C ASP D 85 -20.91 -21.88 -12.26
N ASN D 86 -20.34 -22.23 -13.42
CA ASN D 86 -18.95 -22.08 -13.65
C ASN D 86 -18.51 -20.66 -13.91
N ASN D 87 -19.40 -19.67 -13.89
CA ASN D 87 -18.96 -18.31 -14.09
C ASN D 87 -19.61 -17.40 -13.09
N LEU D 88 -18.79 -16.77 -12.23
CA LEU D 88 -19.32 -15.99 -11.15
C LEU D 88 -18.90 -14.57 -11.35
N THR D 89 -19.77 -13.62 -10.97
CA THR D 89 -19.39 -12.24 -10.93
C THR D 89 -19.71 -11.72 -9.56
N THR D 90 -19.19 -10.53 -9.25
CA THR D 90 -19.36 -9.92 -7.97
C THR D 90 -20.74 -9.35 -7.88
N GLY D 91 -21.31 -8.99 -9.04
CA GLY D 91 -22.68 -8.59 -9.11
C GLY D 91 -23.52 -9.74 -8.65
N LYS D 92 -23.19 -10.96 -9.15
CA LYS D 92 -23.92 -12.12 -8.75
C LYS D 92 -23.81 -12.26 -7.26
N ILE D 93 -22.57 -12.20 -6.73
CA ILE D 93 -22.36 -12.38 -5.31
C ILE D 93 -23.11 -11.36 -4.52
N TYR D 94 -23.08 -10.08 -4.97
CA TYR D 94 -23.78 -9.05 -4.26
C TYR D 94 -25.19 -9.47 -4.03
N GLN D 95 -25.95 -9.75 -5.10
CA GLN D 95 -27.35 -9.98 -4.95
C GLN D 95 -27.53 -11.17 -4.06
N TYR D 96 -26.69 -12.20 -4.25
CA TYR D 96 -26.82 -13.41 -3.49
C TYR D 96 -26.75 -13.09 -2.03
N VAL D 97 -25.69 -12.39 -1.59
CA VAL D 97 -25.49 -12.13 -0.19
C VAL D 97 -26.55 -11.20 0.29
N ILE D 98 -26.88 -10.17 -0.51
CA ILE D 98 -27.85 -9.21 -0.10
C ILE D 98 -29.13 -9.90 0.21
N ASN D 99 -29.50 -10.91 -0.61
CA ASN D 99 -30.69 -11.65 -0.37
C ASN D 99 -30.60 -12.28 0.98
N LYS D 100 -29.46 -12.90 1.29
CA LYS D 100 -29.34 -13.60 2.53
C LYS D 100 -29.37 -12.61 3.66
N GLU D 101 -28.89 -11.38 3.39
CA GLU D 101 -28.94 -10.36 4.40
C GLU D 101 -30.38 -10.07 4.72
N ARG D 102 -31.23 -9.98 3.69
CA ARG D 102 -32.61 -9.64 3.89
C ARG D 102 -33.26 -10.77 4.62
N LYS D 103 -32.81 -12.01 4.34
CA LYS D 103 -33.33 -13.20 4.96
C LYS D 103 -32.97 -13.22 6.42
N GLY D 104 -32.00 -12.39 6.87
CA GLY D 104 -31.63 -12.45 8.25
C GLY D 104 -30.72 -13.62 8.50
N ASP D 105 -30.04 -14.11 7.46
CA ASP D 105 -29.25 -15.29 7.59
C ASP D 105 -28.03 -14.92 8.40
N TYR D 106 -27.76 -13.61 8.51
CA TYR D 106 -26.66 -13.07 9.25
C TYR D 106 -27.13 -12.46 10.53
N LEU D 107 -28.36 -12.80 10.97
CA LEU D 107 -28.87 -12.28 12.21
C LEU D 107 -29.09 -10.80 12.12
N GLY D 108 -29.19 -10.27 10.89
CA GLY D 108 -29.42 -8.86 10.75
C GLY D 108 -28.16 -8.10 11.01
N LYS D 109 -27.02 -8.80 11.14
CA LYS D 109 -25.84 -8.09 11.53
C LYS D 109 -25.14 -7.72 10.25
N THR D 110 -24.26 -6.70 10.32
CA THR D 110 -23.57 -6.31 9.13
C THR D 110 -22.70 -7.44 8.72
N VAL D 111 -22.52 -7.63 7.41
CA VAL D 111 -21.57 -8.60 6.93
C VAL D 111 -20.41 -7.82 6.41
N GLN D 112 -19.22 -8.45 6.42
CA GLN D 112 -18.06 -7.77 5.92
C GLN D 112 -17.36 -8.63 4.94
N VAL D 113 -16.47 -8.03 4.13
CA VAL D 113 -15.71 -8.78 3.17
C VAL D 113 -15.11 -9.92 3.92
N VAL D 114 -14.45 -9.61 5.04
CA VAL D 114 -13.89 -10.64 5.85
C VAL D 114 -14.65 -10.60 7.13
N PRO D 115 -15.19 -11.69 7.60
CA PRO D 115 -15.04 -12.98 6.99
C PRO D 115 -16.10 -13.32 5.97
N HIS D 116 -17.20 -12.57 5.90
CA HIS D 116 -18.42 -13.10 5.33
C HIS D 116 -18.32 -13.32 3.85
N ILE D 117 -17.73 -12.37 3.10
CA ILE D 117 -17.74 -12.48 1.67
C ILE D 117 -16.73 -13.51 1.25
N THR D 118 -15.56 -13.49 1.90
CA THR D 118 -14.51 -14.40 1.58
C THR D 118 -14.94 -15.80 1.89
N ASP D 119 -15.80 -15.97 2.90
CA ASP D 119 -16.36 -17.26 3.18
C ASP D 119 -17.29 -17.65 2.07
N ALA D 120 -18.15 -16.72 1.63
CA ALA D 120 -19.07 -17.02 0.57
C ALA D 120 -18.29 -17.44 -0.62
N ILE D 121 -17.18 -16.74 -0.91
CA ILE D 121 -16.36 -17.06 -2.05
C ILE D 121 -15.90 -18.47 -1.95
N GLN D 122 -15.38 -18.87 -0.77
CA GLN D 122 -14.86 -20.20 -0.59
C GLN D 122 -15.97 -21.18 -0.76
N GLU D 123 -17.19 -20.81 -0.32
CA GLU D 123 -18.32 -21.67 -0.48
C GLU D 123 -18.55 -21.91 -1.94
N TRP D 124 -18.54 -20.83 -2.74
CA TRP D 124 -18.77 -20.93 -4.15
C TRP D 124 -17.79 -21.89 -4.75
N VAL D 125 -16.52 -21.80 -4.34
CA VAL D 125 -15.51 -22.68 -4.83
C VAL D 125 -15.97 -24.10 -4.66
N MET D 126 -16.47 -24.45 -3.47
CA MET D 126 -16.91 -25.78 -3.23
C MET D 126 -18.17 -26.06 -3.98
N ARG D 127 -19.04 -25.04 -4.17
CA ARG D 127 -20.30 -25.30 -4.80
C ARG D 127 -20.08 -25.84 -6.17
N GLN D 128 -19.04 -25.33 -6.85
CA GLN D 128 -18.71 -25.73 -8.19
C GLN D 128 -17.70 -26.83 -8.17
N ALA D 129 -16.90 -26.91 -7.09
CA ALA D 129 -15.91 -27.94 -7.01
C ALA D 129 -16.61 -29.26 -7.04
N LEU D 130 -17.78 -29.32 -6.39
CA LEU D 130 -18.55 -30.53 -6.25
C LEU D 130 -19.31 -30.89 -7.49
N ILE D 131 -19.25 -30.07 -8.56
CA ILE D 131 -20.04 -30.35 -9.74
C ILE D 131 -19.18 -30.98 -10.80
N PRO D 132 -19.54 -32.18 -11.16
CA PRO D 132 -18.84 -32.80 -12.25
C PRO D 132 -19.15 -32.18 -13.56
N VAL D 133 -18.20 -32.20 -14.50
CA VAL D 133 -18.48 -31.51 -15.71
C VAL D 133 -18.14 -32.48 -16.81
N ASP D 134 -18.56 -33.74 -16.62
CA ASP D 134 -18.28 -34.83 -17.52
C ASP D 134 -19.41 -35.78 -17.38
N GLU D 135 -19.39 -36.84 -18.22
CA GLU D 135 -20.42 -37.81 -18.15
C GLU D 135 -20.21 -38.53 -16.85
N ASP D 136 -18.92 -38.60 -16.41
CA ASP D 136 -18.54 -39.18 -15.15
C ASP D 136 -19.08 -38.30 -14.09
N GLY D 137 -20.12 -38.73 -13.35
CA GLY D 137 -20.64 -37.82 -12.36
C GLY D 137 -19.82 -37.93 -11.12
N LEU D 138 -18.54 -37.52 -11.21
CA LEU D 138 -17.66 -37.63 -10.07
C LEU D 138 -17.02 -36.30 -9.87
N GLU D 139 -16.91 -35.86 -8.60
CA GLU D 139 -16.22 -34.63 -8.29
C GLU D 139 -14.93 -34.62 -9.04
N PRO D 140 -14.75 -33.57 -9.81
CA PRO D 140 -13.57 -33.45 -10.63
C PRO D 140 -12.35 -33.51 -9.77
N GLN D 141 -11.21 -33.91 -10.34
CA GLN D 141 -10.01 -34.10 -9.58
C GLN D 141 -9.21 -32.83 -9.52
N VAL D 142 -9.41 -31.93 -10.50
CA VAL D 142 -8.66 -30.71 -10.48
C VAL D 142 -9.51 -29.60 -11.02
N CYS D 143 -9.47 -28.43 -10.35
CA CYS D 143 -10.23 -27.30 -10.82
C CYS D 143 -9.26 -26.22 -11.14
N VAL D 144 -9.29 -25.70 -12.38
CA VAL D 144 -8.44 -24.59 -12.71
C VAL D 144 -9.30 -23.37 -12.62
N ILE D 145 -8.83 -22.35 -11.88
CA ILE D 145 -9.66 -21.21 -11.66
C ILE D 145 -9.06 -20.05 -12.37
N GLU D 146 -9.77 -19.50 -13.36
CA GLU D 146 -9.30 -18.33 -14.01
C GLU D 146 -9.78 -17.16 -13.22
N LEU D 147 -8.86 -16.52 -12.47
CA LEU D 147 -9.23 -15.36 -11.71
C LEU D 147 -8.97 -14.18 -12.59
N GLY D 148 -10.03 -13.46 -12.96
CA GLY D 148 -9.89 -12.36 -13.87
C GLY D 148 -9.36 -11.20 -13.10
N GLY D 149 -9.09 -10.08 -13.81
CA GLY D 149 -8.53 -8.92 -13.18
C GLY D 149 -7.05 -9.06 -13.20
N THR D 150 -6.35 -8.03 -12.68
CA THR D 150 -4.93 -8.11 -12.57
C THR D 150 -4.60 -7.83 -11.13
N VAL D 151 -3.38 -8.22 -10.71
CA VAL D 151 -3.00 -7.97 -9.36
C VAL D 151 -2.97 -6.49 -9.17
N GLY D 152 -3.69 -5.99 -8.16
CA GLY D 152 -3.70 -4.60 -7.86
C GLY D 152 -5.10 -4.08 -8.03
N ASP D 153 -5.97 -4.86 -8.70
CA ASP D 153 -7.30 -4.39 -8.91
C ASP D 153 -8.09 -4.68 -7.68
N ILE D 154 -8.76 -3.63 -7.16
CA ILE D 154 -9.59 -3.73 -6.00
C ILE D 154 -10.70 -4.70 -6.26
N GLU D 155 -11.09 -4.86 -7.54
CA GLU D 155 -12.19 -5.70 -7.90
C GLU D 155 -11.95 -7.12 -7.50
N SER D 156 -10.67 -7.52 -7.42
CA SER D 156 -10.27 -8.88 -7.16
C SER D 156 -9.76 -9.09 -5.76
N MET D 157 -9.61 -8.03 -4.96
CA MET D 157 -8.94 -8.17 -3.69
C MET D 157 -9.69 -9.09 -2.78
N PRO D 158 -10.99 -9.02 -2.72
CA PRO D 158 -11.70 -9.94 -1.89
C PRO D 158 -11.34 -11.37 -2.16
N PHE D 159 -10.99 -11.72 -3.41
CA PHE D 159 -10.69 -13.08 -3.73
C PHE D 159 -9.28 -13.40 -3.36
N ILE D 160 -8.40 -12.39 -3.38
CA ILE D 160 -7.03 -12.60 -2.96
C ILE D 160 -7.05 -13.10 -1.56
N GLU D 161 -7.88 -12.47 -0.70
CA GLU D 161 -7.95 -12.86 0.68
C GLU D 161 -8.58 -14.21 0.77
N ALA D 162 -9.69 -14.43 0.05
CA ALA D 162 -10.38 -15.68 0.16
C ALA D 162 -9.41 -16.78 -0.10
N PHE D 163 -8.63 -16.68 -1.20
CA PHE D 163 -7.72 -17.71 -1.61
C PHE D 163 -6.55 -17.78 -0.69
N ARG D 164 -6.11 -16.63 -0.14
CA ARG D 164 -4.94 -16.63 0.69
C ARG D 164 -5.17 -17.59 1.81
N GLN D 165 -6.34 -17.50 2.46
CA GLN D 165 -6.68 -18.33 3.59
C GLN D 165 -7.05 -19.71 3.12
N PHE D 166 -7.78 -19.80 2.00
CA PHE D 166 -8.31 -21.01 1.44
C PHE D 166 -7.22 -22.00 1.21
N GLN D 167 -6.08 -21.54 0.68
CA GLN D 167 -5.02 -22.43 0.30
C GLN D 167 -4.50 -23.11 1.52
N PHE D 168 -4.78 -22.54 2.71
CA PHE D 168 -4.36 -23.16 3.94
C PHE D 168 -5.44 -24.02 4.51
N LYS D 169 -6.71 -23.79 4.14
CA LYS D 169 -7.74 -24.70 4.57
C LYS D 169 -7.62 -25.97 3.80
N VAL D 170 -7.09 -25.89 2.56
CA VAL D 170 -6.84 -27.09 1.82
C VAL D 170 -5.40 -27.38 2.02
N LYS D 171 -4.91 -28.52 1.53
CA LYS D 171 -3.53 -28.82 1.80
C LYS D 171 -2.70 -28.14 0.78
N ARG D 172 -1.40 -28.00 1.07
CA ARG D 172 -0.46 -27.35 0.22
C ARG D 172 -0.55 -27.96 -1.14
N GLU D 173 -0.53 -29.30 -1.18
CA GLU D 173 -0.46 -30.02 -2.42
C GLU D 173 -1.79 -29.94 -3.11
N ASN D 174 -2.81 -29.36 -2.46
CA ASN D 174 -4.10 -29.28 -3.09
C ASN D 174 -4.33 -27.91 -3.65
N PHE D 175 -3.28 -27.08 -3.78
CA PHE D 175 -3.50 -25.74 -4.24
C PHE D 175 -2.26 -25.35 -4.98
N CYS D 176 -2.42 -24.71 -6.15
CA CYS D 176 -1.28 -24.33 -6.92
C CYS D 176 -1.48 -22.90 -7.32
N ASN D 177 -0.43 -22.07 -7.20
CA ASN D 177 -0.55 -20.69 -7.55
C ASN D 177 0.14 -20.49 -8.86
N ILE D 178 -0.64 -20.21 -9.93
CA ILE D 178 -0.07 -19.90 -11.20
C ILE D 178 -0.15 -18.41 -11.35
N HIS D 179 0.97 -17.76 -11.70
CA HIS D 179 0.91 -16.34 -11.90
C HIS D 179 1.42 -16.07 -13.29
N VAL D 180 0.58 -15.38 -14.10
CA VAL D 180 1.00 -15.08 -15.44
C VAL D 180 1.47 -13.66 -15.42
N SER D 181 2.63 -13.39 -16.05
CA SER D 181 3.10 -12.04 -16.07
C SER D 181 3.54 -11.70 -17.47
N LEU D 182 4.26 -10.58 -17.61
CA LEU D 182 4.59 -10.07 -18.92
C LEU D 182 6.03 -9.70 -18.97
N VAL D 183 6.71 -10.13 -20.05
CA VAL D 183 8.05 -9.67 -20.28
C VAL D 183 7.95 -8.82 -21.51
N PRO D 184 7.82 -7.54 -21.31
CA PRO D 184 7.75 -6.64 -22.43
C PRO D 184 9.09 -6.44 -23.07
N GLN D 185 9.11 -5.99 -24.33
CA GLN D 185 10.37 -5.83 -25.01
C GLN D 185 10.22 -4.69 -25.96
N PRO D 186 10.82 -3.58 -25.65
CA PRO D 186 10.69 -2.46 -26.54
C PRO D 186 11.33 -2.79 -27.85
N SER D 187 10.82 -2.19 -28.95
CA SER D 187 11.43 -2.39 -30.23
C SER D 187 12.57 -1.45 -30.39
N SER D 188 12.60 -0.41 -29.55
CA SER D 188 13.63 0.59 -29.67
C SER D 188 14.89 0.08 -29.06
N THR D 189 14.78 -0.85 -28.09
CA THR D 189 15.94 -1.37 -27.43
C THR D 189 16.06 -2.83 -27.69
N GLY D 190 14.94 -3.56 -27.64
CA GLY D 190 15.00 -4.99 -27.80
C GLY D 190 15.36 -5.61 -26.49
N GLU D 191 15.35 -4.82 -25.40
CA GLU D 191 15.74 -5.39 -24.13
C GLU D 191 14.53 -5.97 -23.48
N GLN D 192 14.65 -7.24 -23.04
CA GLN D 192 13.59 -7.91 -22.36
C GLN D 192 13.54 -7.39 -20.96
N LYS D 193 12.37 -6.87 -20.54
CA LYS D 193 12.28 -6.28 -19.24
C LYS D 193 11.54 -7.20 -18.31
N THR D 194 12.08 -7.33 -17.08
CA THR D 194 11.62 -8.18 -16.02
C THR D 194 10.99 -7.41 -14.91
N LYS D 195 11.33 -6.12 -14.78
CA LYS D 195 10.85 -5.28 -13.72
C LYS D 195 9.35 -5.31 -13.61
N PRO D 196 8.60 -5.22 -14.66
CA PRO D 196 7.17 -5.27 -14.50
C PRO D 196 6.74 -6.51 -13.79
N THR D 197 7.39 -7.65 -14.08
CA THR D 197 7.06 -8.89 -13.44
C THR D 197 7.45 -8.79 -12.01
N GLN D 198 8.65 -8.22 -11.75
CA GLN D 198 9.13 -8.11 -10.40
C GLN D 198 8.13 -7.33 -9.62
N ASN D 199 7.51 -6.32 -10.26
CA ASN D 199 6.57 -5.49 -9.56
C ASN D 199 5.36 -6.28 -9.23
N SER D 200 4.82 -7.02 -10.23
CA SER D 200 3.60 -7.74 -10.03
C SER D 200 3.80 -8.78 -8.96
N VAL D 201 4.89 -9.55 -9.07
CA VAL D 201 5.09 -10.68 -8.19
C VAL D 201 5.31 -10.16 -6.80
N ARG D 202 6.11 -9.07 -6.68
CA ARG D 202 6.41 -8.51 -5.40
C ARG D 202 5.12 -8.13 -4.75
N GLU D 203 4.22 -7.46 -5.50
CA GLU D 203 2.97 -7.04 -4.96
C GLU D 203 2.18 -8.23 -4.56
N LEU D 204 2.19 -9.29 -5.37
CA LEU D 204 1.42 -10.46 -5.10
C LEU D 204 1.91 -11.07 -3.82
N ARG D 205 3.24 -11.17 -3.65
CA ARG D 205 3.77 -11.78 -2.46
C ARG D 205 3.52 -10.87 -1.30
N GLY D 206 3.36 -9.56 -1.55
CA GLY D 206 2.98 -8.65 -0.51
C GLY D 206 1.62 -9.04 -0.05
N LEU D 207 0.70 -9.25 -1.01
CA LEU D 207 -0.66 -9.61 -0.76
C LEU D 207 -0.68 -10.89 0.04
N GLY D 208 0.33 -11.75 -0.16
CA GLY D 208 0.36 -12.95 0.64
C GLY D 208 0.31 -14.17 -0.23
N LEU D 209 0.42 -14.02 -1.55
CA LEU D 209 0.34 -15.19 -2.38
C LEU D 209 1.66 -15.36 -3.07
N SER D 210 2.10 -16.62 -3.26
CA SER D 210 3.40 -16.85 -3.83
C SER D 210 3.21 -17.89 -4.89
N PRO D 211 3.50 -17.51 -6.11
CA PRO D 211 3.41 -18.38 -7.24
C PRO D 211 4.20 -19.64 -7.11
N ASP D 212 3.64 -20.77 -7.56
CA ASP D 212 4.37 -22.00 -7.65
C ASP D 212 5.02 -22.04 -8.99
N LEU D 213 4.35 -21.47 -10.02
CA LEU D 213 4.95 -21.33 -11.31
C LEU D 213 4.62 -19.96 -11.81
N VAL D 214 5.56 -19.35 -12.54
CA VAL D 214 5.29 -18.04 -13.07
C VAL D 214 5.33 -18.16 -14.55
N VAL D 215 4.19 -17.88 -15.22
CA VAL D 215 4.19 -17.96 -16.65
C VAL D 215 4.64 -16.62 -17.11
N CYS D 216 5.60 -16.60 -18.05
CA CYS D 216 6.07 -15.33 -18.50
C CYS D 216 5.66 -15.16 -19.93
N ARG D 217 4.80 -14.16 -20.19
CA ARG D 217 4.43 -13.89 -21.54
C ARG D 217 5.62 -13.20 -22.12
N CYS D 218 6.32 -13.89 -23.06
CA CYS D 218 7.52 -13.37 -23.61
C CYS D 218 7.24 -13.12 -25.07
N SER D 219 8.04 -12.27 -25.73
CA SER D 219 7.88 -12.11 -27.15
C SER D 219 8.63 -13.23 -27.79
N ASN D 220 9.97 -13.14 -27.77
CA ASN D 220 10.85 -14.20 -28.18
C ASN D 220 11.23 -14.90 -26.92
N PRO D 221 11.86 -16.04 -27.01
CA PRO D 221 12.23 -16.71 -25.81
C PRO D 221 13.17 -15.88 -25.00
N LEU D 222 13.19 -16.09 -23.66
CA LEU D 222 14.13 -15.43 -22.81
C LEU D 222 15.45 -16.10 -22.92
N ASP D 223 16.53 -15.35 -22.64
CA ASP D 223 17.83 -15.95 -22.61
C ASP D 223 18.07 -16.37 -21.21
N THR D 224 19.23 -16.98 -20.95
CA THR D 224 19.46 -17.62 -19.68
C THR D 224 19.56 -16.56 -18.63
N SER D 225 20.35 -15.51 -18.93
CA SER D 225 20.68 -14.53 -17.92
C SER D 225 19.43 -13.88 -17.42
N VAL D 226 18.43 -13.71 -18.30
CA VAL D 226 17.20 -13.09 -17.91
C VAL D 226 16.50 -13.98 -16.91
N LYS D 227 16.43 -15.27 -17.23
CA LYS D 227 15.77 -16.27 -16.45
C LYS D 227 16.42 -16.33 -15.10
N GLU D 228 17.76 -16.16 -15.08
CA GLU D 228 18.52 -16.29 -13.87
C GLU D 228 18.24 -15.10 -13.00
N LYS D 229 18.11 -13.92 -13.61
CA LYS D 229 17.77 -12.71 -12.91
C LYS D 229 16.42 -12.86 -12.29
N ILE D 230 15.46 -13.40 -13.05
CA ILE D 230 14.11 -13.52 -12.57
C ILE D 230 14.14 -14.44 -11.40
N SER D 231 14.83 -15.58 -11.57
CA SER D 231 14.99 -16.56 -10.55
C SER D 231 15.41 -15.89 -9.28
N MET D 232 16.44 -15.03 -9.34
CA MET D 232 16.88 -14.38 -8.15
C MET D 232 15.82 -13.44 -7.63
N PHE D 233 15.27 -12.57 -8.49
CA PHE D 233 14.34 -11.57 -8.06
C PHE D 233 13.13 -12.15 -7.38
N CYS D 234 12.59 -13.27 -7.91
CA CYS D 234 11.44 -13.97 -7.42
C CYS D 234 11.79 -15.06 -6.45
N HIS D 235 13.07 -15.48 -6.39
CA HIS D 235 13.46 -16.53 -5.49
C HIS D 235 12.76 -17.80 -5.85
N VAL D 236 12.74 -18.12 -7.16
CA VAL D 236 12.05 -19.26 -7.69
C VAL D 236 13.06 -19.98 -8.53
N GLU D 237 12.80 -21.23 -8.91
CA GLU D 237 13.74 -21.96 -9.71
C GLU D 237 13.56 -21.50 -11.12
N PRO D 238 14.61 -21.57 -11.91
CA PRO D 238 14.48 -21.27 -13.31
C PRO D 238 13.56 -22.22 -14.00
N GLU D 239 13.28 -23.38 -13.39
CA GLU D 239 12.25 -24.24 -13.89
C GLU D 239 10.95 -23.51 -13.77
N GLN D 240 10.71 -22.91 -12.59
CA GLN D 240 9.53 -22.17 -12.27
C GLN D 240 9.43 -20.92 -13.09
N VAL D 241 10.57 -20.42 -13.61
CA VAL D 241 10.49 -19.35 -14.57
C VAL D 241 10.12 -19.94 -15.88
N ILE D 242 8.83 -19.81 -16.27
CA ILE D 242 8.35 -20.43 -17.46
C ILE D 242 8.29 -19.37 -18.52
N CYS D 243 9.09 -19.48 -19.59
CA CYS D 243 8.94 -18.53 -20.64
C CYS D 243 8.01 -19.10 -21.67
N VAL D 244 6.89 -18.40 -21.90
CA VAL D 244 6.00 -18.80 -22.95
C VAL D 244 6.08 -17.69 -23.95
N HIS D 245 6.91 -17.88 -24.99
CA HIS D 245 7.08 -16.88 -26.01
C HIS D 245 5.87 -16.87 -26.88
N ASP D 246 5.71 -15.79 -27.67
CA ASP D 246 4.55 -15.64 -28.48
C ASP D 246 4.63 -16.69 -29.54
N VAL D 247 3.47 -17.33 -29.83
CA VAL D 247 3.45 -18.37 -30.82
C VAL D 247 2.55 -17.91 -31.91
N SER D 248 2.77 -18.46 -33.12
CA SER D 248 1.98 -18.11 -34.26
C SER D 248 0.59 -18.60 -34.04
N SER D 249 0.41 -19.70 -33.28
CA SER D 249 -0.92 -20.16 -33.01
C SER D 249 -0.95 -20.93 -31.72
N ILE D 250 -2.12 -20.87 -31.05
CA ILE D 250 -2.32 -21.19 -29.67
C ILE D 250 -1.94 -22.63 -29.46
N TYR D 251 -2.18 -23.45 -30.49
CA TYR D 251 -2.00 -24.86 -30.48
C TYR D 251 -0.57 -25.22 -30.15
N ARG D 252 0.36 -24.26 -30.29
CA ARG D 252 1.75 -24.51 -30.03
C ARG D 252 2.05 -24.46 -28.55
N VAL D 253 1.15 -23.89 -27.74
CA VAL D 253 1.41 -23.64 -26.35
C VAL D 253 1.41 -24.92 -25.56
N PRO D 254 0.46 -25.80 -25.72
CA PRO D 254 0.52 -27.03 -25.00
C PRO D 254 1.83 -27.71 -25.26
N LEU D 255 2.36 -27.59 -26.49
CA LEU D 255 3.58 -28.26 -26.83
C LEU D 255 4.71 -27.57 -26.13
N LEU D 256 4.67 -26.22 -26.10
CA LEU D 256 5.65 -25.46 -25.39
C LEU D 256 5.68 -25.90 -23.96
N LEU D 257 4.49 -26.03 -23.34
CA LEU D 257 4.46 -26.39 -21.94
C LEU D 257 5.08 -27.74 -21.75
N GLU D 258 4.89 -28.65 -22.72
CA GLU D 258 5.52 -29.93 -22.68
C GLU D 258 7.01 -29.79 -22.70
N GLU D 259 7.52 -28.87 -23.55
CA GLU D 259 8.93 -28.70 -23.65
C GLU D 259 9.43 -28.26 -22.31
N GLN D 260 8.64 -27.41 -21.63
CA GLN D 260 8.97 -26.89 -20.35
C GLN D 260 8.85 -27.96 -19.30
N GLY D 261 7.97 -28.96 -19.47
CA GLY D 261 7.96 -30.04 -18.51
C GLY D 261 7.22 -29.60 -17.28
N VAL D 262 6.24 -28.69 -17.47
CA VAL D 262 5.50 -28.14 -16.39
C VAL D 262 4.66 -29.22 -15.77
N VAL D 263 4.33 -30.26 -16.55
CA VAL D 263 3.49 -31.33 -16.09
C VAL D 263 4.20 -32.06 -15.01
N ASP D 264 5.48 -32.36 -15.25
CA ASP D 264 6.26 -33.10 -14.31
C ASP D 264 6.33 -32.33 -13.04
N TYR D 265 6.46 -31.00 -13.15
CA TYR D 265 6.45 -30.17 -11.98
C TYR D 265 5.15 -30.38 -11.25
N PHE D 266 4.02 -30.36 -11.96
CA PHE D 266 2.76 -30.51 -11.29
C PHE D 266 2.70 -31.83 -10.60
N LEU D 267 3.26 -32.87 -11.23
CA LEU D 267 3.20 -34.18 -10.66
C LEU D 267 3.93 -34.15 -9.35
N ARG D 268 5.05 -33.42 -9.28
CA ARG D 268 5.80 -33.39 -8.07
C ARG D 268 5.17 -32.45 -7.08
N ARG D 269 4.52 -31.38 -7.58
CA ARG D 269 4.07 -30.31 -6.74
C ARG D 269 2.77 -30.68 -6.09
N LEU D 270 1.84 -31.23 -6.89
CA LEU D 270 0.53 -31.63 -6.47
C LEU D 270 0.53 -33.06 -6.02
N ASP D 271 1.68 -33.74 -6.16
CA ASP D 271 1.81 -35.11 -5.71
C ASP D 271 0.75 -35.92 -6.40
N LEU D 272 0.86 -35.99 -7.74
CA LEU D 272 -0.09 -36.69 -8.56
C LEU D 272 0.64 -37.77 -9.28
N PRO D 273 0.10 -38.96 -9.23
CA PRO D 273 0.62 -40.02 -10.07
C PRO D 273 0.24 -39.81 -11.49
N ILE D 274 0.92 -40.50 -12.43
CA ILE D 274 0.58 -40.40 -13.82
C ILE D 274 1.00 -41.69 -14.46
N GLU D 275 0.09 -42.32 -15.22
CA GLU D 275 0.50 -43.39 -16.09
C GLU D 275 0.67 -42.79 -17.44
N ARG D 276 1.67 -43.28 -18.21
CA ARG D 276 1.89 -42.58 -19.43
C ARG D 276 2.44 -43.48 -20.49
N GLN D 277 2.56 -42.90 -21.70
CA GLN D 277 3.12 -43.43 -22.91
C GLN D 277 3.93 -42.22 -23.27
N PRO D 278 3.71 -41.49 -24.34
CA PRO D 278 4.52 -40.32 -24.37
C PRO D 278 3.79 -39.69 -23.23
N ARG D 279 4.43 -38.75 -22.53
CA ARG D 279 3.82 -38.21 -21.36
C ARG D 279 2.39 -37.93 -21.62
N LYS D 280 2.10 -37.17 -22.69
CA LYS D 280 0.75 -36.79 -22.95
C LYS D 280 0.56 -36.79 -24.41
N MET D 281 -0.65 -36.46 -24.88
CA MET D 281 -0.85 -36.47 -26.29
C MET D 281 -0.17 -35.24 -26.79
N LEU D 282 0.42 -37.80 -27.48
CA LEU D 282 1.18 -36.75 -28.11
C LEU D 282 0.70 -36.47 -29.49
N MET D 283 0.37 -37.51 -30.28
CA MET D 283 0.01 -37.35 -31.66
C MET D 283 -1.17 -36.42 -31.82
N LYS D 284 -1.99 -36.21 -30.77
CA LYS D 284 -3.09 -35.29 -30.95
C LYS D 284 -2.57 -33.96 -31.41
N TRP D 285 -1.71 -33.32 -30.59
CA TRP D 285 -1.33 -31.95 -30.82
C TRP D 285 -0.20 -31.96 -31.79
N LYS D 286 0.57 -33.05 -31.81
CA LYS D 286 1.71 -33.21 -32.66
C LYS D 286 1.25 -33.32 -34.08
N GLU D 287 0.28 -34.21 -34.36
CA GLU D 287 -0.21 -34.33 -35.70
C GLU D 287 -0.79 -33.02 -36.13
N MET D 288 -1.61 -32.40 -35.26
CA MET D 288 -2.21 -31.18 -35.71
C MET D 288 -1.14 -30.20 -36.01
N ALA D 289 -0.10 -30.15 -35.17
CA ALA D 289 0.95 -29.20 -35.39
C ALA D 289 1.59 -29.47 -36.71
N ASP D 290 1.72 -30.76 -37.07
CA ASP D 290 2.38 -31.09 -38.31
C ASP D 290 1.52 -30.60 -39.42
N ARG D 291 0.20 -30.67 -39.25
CA ARG D 291 -0.71 -30.31 -40.29
C ARG D 291 -0.73 -28.83 -40.41
N TYR D 292 -0.63 -28.14 -39.26
CA TYR D 292 -0.65 -26.70 -39.27
C TYR D 292 0.58 -26.22 -39.96
N ASP D 293 1.72 -26.91 -39.77
CA ASP D 293 2.92 -26.56 -40.45
C ASP D 293 2.84 -26.98 -41.89
N ARG D 294 2.13 -28.09 -42.18
CA ARG D 294 2.10 -28.50 -43.55
C ARG D 294 0.75 -28.24 -44.14
N LEU D 295 0.56 -27.02 -44.69
CA LEU D 295 -0.73 -26.70 -45.21
C LEU D 295 -0.55 -26.77 -46.68
N LEU D 296 -2.77 -25.63 -48.83
CA LEU D 296 -2.33 -25.45 -50.18
C LEU D 296 -2.45 -24.00 -50.42
N GLU D 297 -3.48 -23.65 -51.20
CA GLU D 297 -3.82 -22.32 -51.58
C GLU D 297 -4.49 -21.65 -50.43
N THR D 298 -4.43 -20.32 -50.43
CA THR D 298 -5.09 -19.55 -49.42
C THR D 298 -6.46 -19.20 -49.92
N CYS D 299 -7.49 -19.65 -49.20
CA CYS D 299 -8.85 -19.33 -49.56
C CYS D 299 -9.22 -18.15 -48.72
N SER D 300 -9.83 -17.12 -49.35
CA SER D 300 -10.10 -15.94 -48.59
C SER D 300 -11.58 -15.83 -48.45
N ILE D 301 -12.01 -15.20 -47.34
CA ILE D 301 -13.40 -15.04 -47.09
C ILE D 301 -13.62 -13.60 -46.75
N ALA D 302 -14.72 -13.02 -47.28
CA ALA D 302 -14.97 -11.64 -47.01
C ALA D 302 -15.89 -11.58 -45.83
N LEU D 303 -15.34 -11.14 -44.68
CA LEU D 303 -16.14 -10.90 -43.54
C LEU D 303 -16.72 -9.54 -43.77
N VAL D 304 -18.06 -9.47 -43.89
CA VAL D 304 -18.68 -8.20 -44.19
C VAL D 304 -19.46 -7.83 -42.97
N GLY D 305 -19.21 -6.63 -42.41
CA GLY D 305 -20.01 -6.29 -41.28
C GLY D 305 -19.64 -4.96 -40.71
N LYS D 306 -20.09 -4.74 -39.46
CA LYS D 306 -19.97 -3.53 -38.71
C LYS D 306 -18.75 -3.59 -37.85
N TYR D 307 -18.80 -4.57 -36.92
CA TYR D 307 -17.98 -4.85 -35.77
C TYR D 307 -16.83 -5.62 -36.27
N THR D 308 -16.94 -5.93 -37.56
CA THR D 308 -15.97 -6.39 -38.48
C THR D 308 -14.75 -5.59 -38.47
N LYS D 309 -14.80 -4.28 -38.13
CA LYS D 309 -13.54 -3.64 -37.94
C LYS D 309 -12.89 -4.56 -37.00
N PHE D 310 -11.66 -4.91 -37.39
CA PHE D 310 -10.87 -5.85 -36.68
C PHE D 310 -10.91 -5.67 -35.26
N SER D 311 -11.24 -6.81 -34.70
CA SER D 311 -11.41 -6.99 -33.33
C SER D 311 -11.35 -8.47 -33.27
N ASP D 312 -11.50 -9.01 -32.07
CA ASP D 312 -11.59 -10.42 -31.92
C ASP D 312 -13.04 -10.77 -31.78
N SER D 313 -13.95 -9.89 -32.24
CA SER D 313 -15.37 -10.14 -32.09
C SER D 313 -15.75 -11.44 -32.72
N TYR D 314 -14.95 -11.86 -33.71
CA TYR D 314 -15.15 -13.02 -34.50
C TYR D 314 -14.16 -14.12 -34.27
N ALA D 315 -13.46 -14.12 -33.13
CA ALA D 315 -12.48 -15.13 -32.81
C ALA D 315 -13.03 -16.54 -32.88
N SER D 316 -14.25 -16.84 -32.42
CA SER D 316 -14.67 -18.21 -32.48
C SER D 316 -15.17 -18.52 -33.85
N VAL D 317 -15.62 -17.48 -34.59
CA VAL D 317 -16.09 -17.65 -35.94
C VAL D 317 -14.93 -17.98 -36.83
N ILE D 318 -13.84 -17.21 -36.74
CA ILE D 318 -12.66 -17.52 -37.50
C ILE D 318 -12.14 -18.86 -37.08
N LYS D 319 -12.17 -19.17 -35.78
CA LYS D 319 -11.69 -20.44 -35.33
C LYS D 319 -12.49 -21.54 -35.94
N ALA D 320 -13.81 -21.34 -36.09
CA ALA D 320 -14.62 -22.36 -36.71
C ALA D 320 -14.12 -22.55 -38.10
N LEU D 321 -13.80 -21.44 -38.80
CA LEU D 321 -13.30 -21.52 -40.16
C LEU D 321 -12.00 -22.26 -40.17
N GLU D 322 -11.19 -22.08 -39.11
CA GLU D 322 -9.92 -22.73 -39.04
C GLU D 322 -10.12 -24.20 -38.93
N HIS D 323 -11.17 -24.61 -38.22
CA HIS D 323 -11.44 -26.01 -38.10
C HIS D 323 -11.62 -26.57 -39.47
N SER D 324 -12.36 -25.86 -40.35
CA SER D 324 -12.61 -26.35 -41.67
C SER D 324 -11.34 -26.30 -42.48
N ALA D 325 -10.54 -25.22 -42.32
CA ALA D 325 -9.32 -25.08 -43.06
C ALA D 325 -8.41 -26.22 -42.74
N LEU D 326 -8.37 -26.66 -41.47
CA LEU D 326 -7.53 -27.77 -41.14
C LEU D 326 -8.06 -29.02 -41.78
N ALA D 327 -9.39 -29.21 -41.79
CA ALA D 327 -9.90 -30.46 -42.31
C ALA D 327 -9.47 -30.59 -43.74
N ILE D 328 -9.65 -29.52 -44.52
CA ILE D 328 -9.40 -29.51 -45.94
C ILE D 328 -7.93 -29.31 -46.17
N ASN D 329 -7.21 -28.81 -45.16
CA ASN D 329 -5.79 -28.60 -45.23
C ASN D 329 -5.45 -27.49 -46.17
N HIS D 330 -6.20 -26.38 -46.12
CA HIS D 330 -5.87 -25.28 -46.97
C HIS D 330 -5.57 -24.11 -46.07
N LYS D 331 -5.13 -22.98 -46.67
CA LYS D 331 -4.78 -21.83 -45.89
C LYS D 331 -5.96 -20.91 -45.92
N LEU D 332 -5.99 -19.92 -45.01
CA LEU D 332 -7.20 -19.16 -44.83
C LEU D 332 -6.86 -17.72 -44.66
N GLU D 333 -7.51 -16.85 -45.43
CA GLU D 333 -7.32 -15.43 -45.29
C GLU D 333 -8.63 -14.90 -44.80
N ILE D 334 -8.61 -14.08 -43.72
CA ILE D 334 -9.82 -13.39 -43.32
C ILE D 334 -9.76 -11.96 -43.78
N LYS D 335 -10.67 -11.60 -44.69
CA LYS D 335 -10.72 -10.24 -45.08
C LYS D 335 -11.68 -9.59 -44.18
N TYR D 336 -11.34 -8.36 -43.82
CA TYR D 336 -12.15 -7.61 -42.95
C TYR D 336 -12.70 -6.45 -43.73
N ILE D 337 -13.95 -6.57 -44.22
CA ILE D 337 -14.52 -5.49 -44.98
C ILE D 337 -15.62 -4.84 -44.22
N ASP D 338 -15.40 -3.56 -43.85
CA ASP D 338 -16.43 -2.79 -43.22
C ASP D 338 -17.49 -2.68 -44.27
N SER D 339 -18.71 -3.18 -43.96
CA SER D 339 -19.79 -3.14 -44.90
C SER D 339 -20.06 -1.74 -45.31
N ALA D 340 -19.74 -0.77 -44.43
CA ALA D 340 -19.97 0.62 -44.69
C ALA D 340 -19.16 1.05 -45.87
N ASP D 341 -17.98 0.45 -46.09
CA ASP D 341 -17.10 0.80 -47.16
C ASP D 341 -17.67 0.38 -48.48
N LEU D 342 -18.69 -0.50 -48.47
CA LEU D 342 -19.34 -0.96 -49.66
C LEU D 342 -20.43 -0.01 -50.10
N GLU D 343 -20.74 1.01 -49.28
CA GLU D 343 -21.81 1.94 -49.55
C GLU D 343 -21.32 3.17 -50.28
N PRO D 344 -22.23 3.71 -51.07
CA PRO D 344 -22.02 4.89 -51.86
C PRO D 344 -21.75 6.10 -51.02
N ILE D 345 -22.03 6.05 -49.71
CA ILE D 345 -21.67 7.11 -48.83
C ILE D 345 -20.17 7.18 -48.82
N THR D 346 -19.53 6.01 -48.71
CA THR D 346 -18.10 5.88 -48.73
C THR D 346 -17.58 6.31 -50.06
N SER D 347 -18.27 5.92 -51.15
CA SER D 347 -17.84 6.38 -52.43
C SER D 347 -17.74 7.87 -52.38
N GLN D 348 -18.75 8.53 -51.79
CA GLN D 348 -18.69 9.96 -51.73
C GLN D 348 -17.56 10.42 -50.84
N GLU D 349 -17.35 9.73 -49.69
CA GLU D 349 -16.34 10.15 -48.76
C GLU D 349 -14.96 9.81 -49.26
N GLU D 350 -14.61 8.51 -49.29
CA GLU D 350 -13.33 8.14 -49.81
C GLU D 350 -13.54 6.99 -50.73
N PRO D 351 -13.59 7.28 -52.00
CA PRO D 351 -13.84 6.28 -52.99
C PRO D 351 -12.69 5.33 -53.13
N VAL D 352 -11.51 5.66 -52.58
CA VAL D 352 -10.44 4.71 -52.56
C VAL D 352 -10.87 3.52 -51.77
N ARG D 353 -11.39 3.77 -50.55
CA ARG D 353 -11.80 2.70 -49.70
C ARG D 353 -12.99 2.01 -50.29
N TYR D 354 -13.89 2.78 -50.93
CA TYR D 354 -15.08 2.24 -51.51
C TYR D 354 -14.70 1.17 -52.50
N HIS D 355 -13.86 1.51 -53.49
CA HIS D 355 -13.56 0.60 -54.55
C HIS D 355 -12.64 -0.47 -54.05
N GLU D 356 -11.77 -0.13 -53.08
CA GLU D 356 -10.91 -1.12 -52.51
C GLU D 356 -11.73 -2.20 -51.86
N ALA D 357 -12.80 -1.82 -51.14
CA ALA D 357 -13.58 -2.80 -50.44
C ALA D 357 -14.21 -3.73 -51.41
N TRP D 358 -14.83 -3.20 -52.48
CA TRP D 358 -15.44 -4.01 -53.48
C TRP D 358 -14.45 -4.82 -54.24
N GLN D 359 -13.23 -4.28 -54.47
CA GLN D 359 -12.23 -5.07 -55.11
C GLN D 359 -11.95 -6.27 -54.25
N LYS D 360 -11.78 -6.05 -52.93
CA LYS D 360 -11.46 -7.13 -52.05
C LYS D 360 -12.59 -8.12 -52.05
N LEU D 361 -13.83 -7.62 -52.03
CA LEU D 361 -14.97 -8.48 -51.98
C LEU D 361 -14.94 -9.44 -53.13
N CYS D 362 -14.65 -8.94 -54.35
CA CYS D 362 -14.65 -9.79 -55.51
C CYS D 362 -13.54 -10.79 -55.42
N SER D 363 -12.37 -10.36 -54.95
CA SER D 363 -11.22 -11.22 -54.80
C SER D 363 -11.45 -12.31 -53.80
N ALA D 364 -12.40 -12.13 -52.85
CA ALA D 364 -12.74 -13.20 -51.95
C ALA D 364 -13.37 -14.35 -52.63
N HIS D 365 -13.08 -15.55 -52.06
CA HIS D 365 -13.53 -16.82 -52.53
C HIS D 365 -14.93 -17.08 -52.04
N GLY D 366 -15.25 -16.69 -50.79
CA GLY D 366 -16.60 -16.78 -50.31
C GLY D 366 -16.87 -15.54 -49.48
N VAL D 367 -18.13 -15.37 -49.04
CA VAL D 367 -18.47 -14.21 -48.25
C VAL D 367 -19.23 -14.66 -47.05
N LEU D 368 -19.14 -13.88 -45.95
CA LEU D 368 -19.85 -14.19 -44.75
C LEU D 368 -20.49 -12.94 -44.23
N VAL D 369 -21.82 -12.94 -44.08
CA VAL D 369 -22.48 -11.82 -43.46
C VAL D 369 -23.09 -12.38 -42.21
N PRO D 370 -22.39 -12.19 -41.13
CA PRO D 370 -22.82 -12.70 -39.86
C PRO D 370 -23.86 -11.83 -39.25
N GLY D 371 -24.31 -12.19 -38.04
CA GLY D 371 -25.25 -11.37 -37.34
C GLY D 371 -24.50 -10.17 -36.88
N GLY D 372 -25.23 -9.20 -36.31
CA GLY D 372 -24.60 -8.01 -35.85
C GLY D 372 -25.66 -7.17 -35.26
N PHE D 373 -25.30 -5.95 -34.82
CA PHE D 373 -26.28 -5.12 -34.20
C PHE D 373 -26.13 -3.76 -34.79
N GLY D 374 -27.26 -3.03 -34.95
CA GLY D 374 -27.19 -1.70 -35.45
C GLY D 374 -27.52 -1.67 -36.91
N VAL D 375 -28.19 -0.57 -37.31
CA VAL D 375 -28.63 -0.26 -38.65
C VAL D 375 -27.45 0.03 -39.52
N ARG D 376 -26.32 0.41 -38.90
CA ARG D 376 -25.14 0.75 -39.65
C ARG D 376 -24.70 -0.33 -40.58
N GLY D 377 -24.44 0.09 -41.85
CA GLY D 377 -23.91 -0.73 -42.90
C GLY D 377 -24.94 -1.63 -43.50
N THR D 378 -26.20 -1.51 -43.10
CA THR D 378 -27.19 -2.43 -43.59
C THR D 378 -27.20 -2.42 -45.08
N GLU D 379 -27.11 -1.21 -45.67
CA GLU D 379 -27.11 -1.09 -47.11
C GLU D 379 -25.96 -1.84 -47.70
N GLY D 380 -24.73 -1.61 -47.21
CA GLY D 380 -23.59 -2.24 -47.81
C GLY D 380 -23.73 -3.72 -47.62
N LYS D 381 -24.32 -4.15 -46.49
CA LYS D 381 -24.49 -5.55 -46.21
C LYS D 381 -25.38 -6.15 -47.25
N ILE D 382 -26.52 -5.49 -47.54
CA ILE D 382 -27.46 -6.03 -48.48
C ILE D 382 -26.85 -6.01 -49.84
N GLN D 383 -26.10 -4.95 -50.16
CA GLN D 383 -25.49 -4.87 -51.46
C GLN D 383 -24.57 -6.03 -51.65
N ALA D 384 -23.82 -6.40 -50.59
CA ALA D 384 -22.90 -7.49 -50.69
C ALA D 384 -23.67 -8.75 -50.93
N ILE D 385 -24.83 -8.89 -50.26
CA ILE D 385 -25.63 -10.07 -50.37
C ILE D 385 -26.10 -10.21 -51.79
N ALA D 386 -26.68 -9.13 -52.36
CA ALA D 386 -27.19 -9.20 -53.70
C ALA D 386 -26.06 -9.48 -54.64
N TRP D 387 -24.88 -8.91 -54.37
CA TRP D 387 -23.75 -9.13 -55.21
C TRP D 387 -23.44 -10.58 -55.24
N ALA D 388 -23.33 -11.21 -54.07
CA ALA D 388 -22.97 -12.60 -53.99
C ALA D 388 -24.03 -13.44 -54.66
N ARG D 389 -25.32 -13.09 -54.46
CA ARG D 389 -26.35 -13.87 -55.08
C ARG D 389 -26.27 -13.79 -56.58
N ASN D 390 -25.98 -12.59 -57.13
CA ASN D 390 -25.98 -12.42 -58.56
C ASN D 390 -24.81 -13.11 -59.15
N GLN D 391 -23.67 -13.06 -58.44
CA GLN D 391 -22.38 -13.55 -58.88
C GLN D 391 -22.24 -14.99 -58.50
N LYS D 392 -23.22 -15.55 -57.78
CA LYS D 392 -23.22 -16.95 -57.46
C LYS D 392 -21.98 -17.25 -56.68
N LYS D 393 -21.67 -16.41 -55.67
CA LYS D 393 -20.53 -16.58 -54.81
C LYS D 393 -21.04 -17.24 -53.58
N PRO D 394 -20.23 -18.08 -52.99
CA PRO D 394 -20.65 -18.82 -51.82
C PRO D 394 -21.09 -17.85 -50.79
N PHE D 395 -22.35 -17.96 -50.32
CA PHE D 395 -22.81 -17.00 -49.35
C PHE D 395 -23.33 -17.70 -48.14
N LEU D 396 -22.87 -17.26 -46.96
CA LEU D 396 -23.39 -17.75 -45.72
C LEU D 396 -23.83 -16.54 -44.95
N GLY D 397 -25.10 -16.52 -44.53
CA GLY D 397 -25.55 -15.42 -43.71
C GLY D 397 -25.90 -16.00 -42.39
N VAL D 398 -25.65 -15.22 -41.32
CA VAL D 398 -25.99 -15.73 -40.02
C VAL D 398 -26.82 -14.69 -39.32
N CYS D 399 -27.97 -15.13 -38.77
CA CYS D 399 -28.86 -14.28 -38.04
C CYS D 399 -29.24 -13.10 -38.88
N LEU D 400 -28.64 -11.94 -38.57
CA LEU D 400 -28.99 -10.71 -39.22
C LEU D 400 -28.76 -10.92 -40.68
N GLY D 401 -27.63 -11.57 -41.03
CA GLY D 401 -27.28 -11.76 -42.39
C GLY D 401 -28.35 -12.53 -43.09
N MET D 402 -28.85 -13.61 -42.46
CA MET D 402 -29.91 -14.37 -43.07
C MET D 402 -31.13 -13.52 -43.23
N GLN D 403 -31.43 -12.68 -42.23
CA GLN D 403 -32.62 -11.87 -42.21
C GLN D 403 -32.56 -10.91 -43.36
N LEU D 404 -31.38 -10.29 -43.56
CA LEU D 404 -31.23 -9.29 -44.58
C LEU D 404 -31.27 -9.97 -45.91
N ALA D 405 -30.78 -11.21 -45.98
CA ALA D 405 -30.76 -11.90 -47.24
C ALA D 405 -32.17 -12.09 -47.72
N VAL D 406 -33.08 -12.42 -46.79
CA VAL D 406 -34.45 -12.64 -47.18
C VAL D 406 -35.03 -11.35 -47.66
N VAL D 407 -34.72 -10.23 -46.97
CA VAL D 407 -35.22 -8.96 -47.41
C VAL D 407 -34.71 -8.66 -48.79
N GLU D 408 -33.41 -8.90 -49.02
CA GLU D 408 -32.80 -8.61 -50.29
C GLU D 408 -33.54 -9.37 -51.35
N PHE D 409 -33.84 -10.66 -51.09
CA PHE D 409 -34.51 -11.49 -52.03
C PHE D 409 -35.83 -10.86 -52.39
N SER D 410 -36.60 -10.47 -51.36
CA SER D 410 -37.89 -9.91 -51.61
C SER D 410 -37.75 -8.69 -52.46
N ARG D 411 -36.75 -7.84 -52.16
CA ARG D 411 -36.65 -6.59 -52.87
C ARG D 411 -36.32 -6.82 -54.31
N ASN D 412 -35.31 -7.67 -54.59
CA ASN D 412 -34.83 -7.76 -55.94
C ASN D 412 -35.37 -8.93 -56.69
N VAL D 413 -36.25 -9.73 -56.05
CA VAL D 413 -36.94 -10.77 -56.78
C VAL D 413 -38.42 -10.54 -56.83
N LEU D 414 -39.04 -10.21 -55.68
CA LEU D 414 -40.46 -9.96 -55.60
C LEU D 414 -40.71 -8.53 -55.93
N GLY D 415 -39.66 -7.72 -56.00
CA GLY D 415 -39.86 -6.37 -56.42
C GLY D 415 -40.31 -5.58 -55.24
N TRP D 416 -40.22 -6.16 -54.03
CA TRP D 416 -40.76 -5.44 -52.92
C TRP D 416 -39.61 -4.65 -52.38
N GLN D 417 -39.27 -3.56 -53.10
CA GLN D 417 -38.16 -2.73 -52.77
C GLN D 417 -38.36 -2.05 -51.45
N ASP D 418 -39.61 -1.89 -51.01
CA ASP D 418 -39.78 -1.32 -49.70
C ASP D 418 -39.84 -2.40 -48.66
N ALA D 419 -39.44 -3.64 -49.01
CA ALA D 419 -39.50 -4.65 -48.00
C ALA D 419 -38.47 -4.26 -47.00
N ASN D 420 -38.67 -4.56 -45.69
CA ASN D 420 -37.65 -4.12 -44.80
C ASN D 420 -37.73 -4.91 -43.53
N SER D 421 -36.82 -4.59 -42.58
CA SER D 421 -36.79 -5.16 -41.27
C SER D 421 -37.43 -4.16 -40.37
N THR D 422 -38.35 -4.64 -39.52
CA THR D 422 -39.05 -3.81 -38.58
C THR D 422 -38.10 -3.47 -37.48
N GLU D 423 -36.96 -4.18 -37.44
CA GLU D 423 -35.94 -3.86 -36.47
C GLU D 423 -35.50 -2.44 -36.72
N PHE D 424 -35.51 -1.97 -37.97
CA PHE D 424 -34.96 -0.66 -38.17
C PHE D 424 -35.97 0.26 -38.80
N ASP D 425 -37.05 -0.29 -39.36
CA ASP D 425 -38.04 0.57 -39.97
C ASP D 425 -39.40 0.10 -39.59
N PRO D 426 -40.00 0.82 -38.69
CA PRO D 426 -41.29 0.42 -38.21
C PRO D 426 -42.33 0.71 -39.24
N THR D 427 -42.00 1.55 -40.25
CA THR D 427 -42.97 1.85 -41.25
C THR D 427 -42.59 1.07 -42.47
N THR D 428 -42.89 -0.24 -42.45
CA THR D 428 -42.44 -1.06 -43.53
C THR D 428 -43.64 -1.55 -44.24
N SER D 429 -43.63 -1.48 -45.57
CA SER D 429 -44.77 -1.88 -46.33
C SER D 429 -44.82 -3.38 -46.36
N HIS D 430 -43.65 -4.05 -46.38
CA HIS D 430 -43.67 -5.48 -46.28
C HIS D 430 -42.79 -5.90 -45.15
N PRO D 431 -43.33 -5.92 -43.96
CA PRO D 431 -42.56 -6.32 -42.81
C PRO D 431 -42.02 -7.69 -42.99
N VAL D 432 -40.78 -7.84 -43.50
CA VAL D 432 -40.24 -9.16 -43.66
C VAL D 432 -39.74 -9.65 -42.33
N VAL D 433 -38.90 -8.83 -41.66
CA VAL D 433 -38.26 -9.24 -40.45
C VAL D 433 -39.06 -8.66 -39.31
N VAL D 434 -39.65 -9.53 -38.47
CA VAL D 434 -40.52 -9.04 -37.45
C VAL D 434 -40.06 -9.54 -36.12
N ASP D 435 -40.34 -8.73 -35.07
CA ASP D 435 -39.94 -9.03 -33.73
C ASP D 435 -40.81 -10.15 -33.23
N MET D 436 -40.19 -11.31 -32.92
CA MET D 436 -40.98 -12.44 -32.48
C MET D 436 -40.30 -13.04 -31.29
N PRO D 437 -40.48 -12.45 -30.13
CA PRO D 437 -39.76 -12.91 -28.98
C PRO D 437 -40.47 -14.04 -28.30
N GLU D 438 -39.82 -14.69 -27.32
CA GLU D 438 -40.46 -15.77 -26.63
C GLU D 438 -41.16 -15.19 -25.44
N HIS D 439 -42.33 -15.76 -25.08
CA HIS D 439 -43.08 -15.23 -23.99
C HIS D 439 -43.27 -16.37 -23.05
N ASN D 440 -42.28 -16.59 -22.16
CA ASN D 440 -42.36 -17.64 -21.20
C ASN D 440 -43.01 -17.10 -19.98
N PRO D 441 -43.65 -17.99 -19.25
CA PRO D 441 -44.35 -17.55 -18.08
C PRO D 441 -43.37 -17.12 -17.04
N GLY D 442 -43.72 -16.07 -16.26
CA GLY D 442 -42.80 -15.56 -15.28
C GLY D 442 -41.98 -14.47 -15.88
N GLN D 443 -42.08 -14.27 -17.21
CA GLN D 443 -41.29 -13.23 -17.80
C GLN D 443 -42.21 -12.08 -18.07
N MET D 444 -41.69 -10.84 -17.92
CA MET D 444 -42.48 -9.70 -18.27
C MET D 444 -41.98 -9.25 -19.61
N GLY D 445 -42.86 -9.30 -20.62
CA GLY D 445 -42.43 -8.98 -21.96
C GLY D 445 -41.91 -10.24 -22.58
N GLY D 446 -41.31 -10.09 -23.78
CA GLY D 446 -40.79 -11.22 -24.49
C GLY D 446 -39.34 -11.34 -24.16
N THR D 447 -38.68 -12.38 -24.72
CA THR D 447 -37.28 -12.55 -24.49
C THR D 447 -36.66 -13.05 -25.74
N MET D 448 -35.33 -12.85 -25.89
CA MET D 448 -34.63 -13.29 -27.04
C MET D 448 -34.56 -14.78 -26.98
N ARG D 449 -34.65 -15.44 -28.15
CA ARG D 449 -34.51 -16.86 -28.22
C ARG D 449 -33.06 -17.17 -28.01
N LEU D 450 -32.75 -17.98 -26.98
CA LEU D 450 -31.37 -18.23 -26.64
C LEU D 450 -31.23 -19.58 -26.03
N GLY D 451 -30.12 -20.25 -26.35
CA GLY D 451 -29.85 -21.54 -25.76
C GLY D 451 -29.76 -22.59 -26.82
N LYS D 452 -29.44 -23.82 -26.37
CA LYS D 452 -29.37 -24.94 -27.26
C LYS D 452 -30.77 -25.39 -27.51
N ARG D 453 -31.25 -25.24 -28.76
CA ARG D 453 -32.61 -25.56 -29.04
C ARG D 453 -32.62 -26.56 -30.16
N ARG D 454 -33.76 -27.25 -30.36
CA ARG D 454 -33.84 -28.21 -31.40
C ARG D 454 -34.44 -27.56 -32.61
N THR D 455 -33.88 -27.87 -33.79
CA THR D 455 -34.35 -27.33 -35.03
C THR D 455 -34.76 -28.53 -35.83
N LEU D 456 -35.88 -28.45 -36.57
CA LEU D 456 -36.30 -29.62 -37.30
C LEU D 456 -36.11 -29.36 -38.75
N PHE D 457 -35.76 -30.41 -39.53
CA PHE D 457 -35.66 -30.24 -40.94
C PHE D 457 -37.04 -30.33 -41.51
N GLN D 458 -37.35 -29.45 -42.47
CA GLN D 458 -38.62 -29.47 -43.15
C GLN D 458 -38.58 -30.40 -44.32
N THR D 459 -37.36 -30.80 -44.76
CA THR D 459 -37.28 -31.66 -45.91
C THR D 459 -36.03 -32.47 -45.85
N LYS D 460 -36.03 -33.58 -46.62
CA LYS D 460 -34.87 -34.40 -46.83
C LYS D 460 -33.99 -33.80 -47.87
N ASN D 461 -34.57 -33.09 -48.85
CA ASN D 461 -33.76 -32.55 -49.90
C ASN D 461 -33.17 -31.27 -49.40
N SER D 462 -32.07 -31.38 -48.64
CA SER D 462 -31.45 -30.22 -48.08
C SER D 462 -29.97 -30.47 -48.11
N VAL D 463 -29.20 -29.50 -48.59
CA VAL D 463 -27.77 -29.69 -48.69
C VAL D 463 -27.23 -29.78 -47.30
N MET D 464 -27.70 -28.90 -46.40
CA MET D 464 -27.23 -28.87 -45.05
C MET D 464 -27.57 -30.15 -44.37
N ARG D 465 -28.78 -30.68 -44.61
CA ARG D 465 -29.14 -31.90 -43.97
C ARG D 465 -28.12 -32.93 -44.36
N LYS D 466 -27.76 -32.99 -45.66
CA LYS D 466 -26.81 -33.95 -46.13
C LYS D 466 -25.49 -33.75 -45.44
N LEU D 467 -25.09 -32.49 -45.21
CA LEU D 467 -23.83 -32.20 -44.60
C LEU D 467 -23.86 -32.69 -43.19
N TYR D 468 -25.01 -32.54 -42.52
CA TYR D 468 -25.19 -33.01 -41.17
C TYR D 468 -25.22 -34.50 -41.14
N GLY D 469 -25.75 -35.16 -42.19
CA GLY D 469 -25.64 -36.59 -42.14
C GLY D 469 -27.01 -37.18 -42.16
N ASP D 470 -27.93 -36.52 -42.88
CA ASP D 470 -29.28 -36.98 -43.00
C ASP D 470 -29.99 -37.03 -41.68
N ALA D 471 -29.76 -36.04 -40.81
CA ALA D 471 -30.37 -36.12 -39.50
C ALA D 471 -31.76 -35.59 -39.65
N ASP D 472 -32.74 -36.15 -38.89
CA ASP D 472 -34.08 -35.65 -38.89
C ASP D 472 -34.12 -34.32 -38.19
N TYR D 473 -33.21 -34.09 -37.23
CA TYR D 473 -33.23 -32.83 -36.53
C TYR D 473 -31.82 -32.50 -36.13
N LEU D 474 -31.60 -31.26 -35.66
CA LEU D 474 -30.29 -30.87 -35.22
C LEU D 474 -30.51 -29.98 -34.02
N GLU D 475 -29.51 -29.87 -33.12
CA GLU D 475 -29.64 -28.97 -32.01
C GLU D 475 -28.45 -28.06 -32.05
N GLU D 476 -28.69 -26.74 -31.91
CA GLU D 476 -27.68 -25.76 -32.22
C GLU D 476 -27.78 -24.70 -31.17
N ARG D 477 -26.83 -23.75 -31.15
CA ARG D 477 -26.94 -22.61 -30.27
C ARG D 477 -27.88 -21.61 -30.88
N HIS D 478 -28.75 -21.00 -30.03
CA HIS D 478 -29.59 -19.94 -30.51
C HIS D 478 -29.34 -18.66 -29.77
N ARG D 479 -29.51 -17.53 -30.48
CA ARG D 479 -29.39 -16.22 -29.89
C ARG D 479 -29.99 -15.26 -30.89
N HIS D 480 -31.34 -15.07 -30.88
CA HIS D 480 -31.89 -14.16 -31.84
C HIS D 480 -33.35 -13.90 -31.56
N ARG D 481 -33.84 -12.70 -31.93
CA ARG D 481 -35.16 -12.22 -31.57
C ARG D 481 -36.13 -12.03 -32.72
N PHE D 482 -35.64 -11.62 -33.92
CA PHE D 482 -36.53 -11.35 -35.03
C PHE D 482 -36.64 -12.53 -35.93
N GLU D 483 -37.81 -12.69 -36.58
CA GLU D 483 -38.07 -13.90 -37.31
C GLU D 483 -38.73 -13.55 -38.61
N VAL D 484 -38.99 -14.57 -39.44
CA VAL D 484 -39.53 -14.34 -40.75
C VAL D 484 -40.99 -14.10 -40.55
N ASN D 485 -41.54 -13.07 -41.22
CA ASN D 485 -42.96 -12.86 -41.20
C ASN D 485 -43.59 -13.89 -42.07
N PRO D 486 -44.43 -14.71 -41.47
CA PRO D 486 -45.03 -15.80 -42.20
C PRO D 486 -46.00 -15.29 -43.22
N VAL D 487 -46.47 -14.04 -43.03
CA VAL D 487 -47.34 -13.43 -43.99
C VAL D 487 -46.67 -13.38 -45.31
N TRP D 488 -45.32 -13.32 -45.32
CA TRP D 488 -44.67 -13.21 -46.59
C TRP D 488 -43.96 -14.50 -46.91
N LYS D 489 -43.65 -15.32 -45.89
CA LYS D 489 -43.14 -16.65 -46.13
C LYS D 489 -43.96 -17.36 -47.16
N LYS D 490 -45.29 -17.30 -47.01
CA LYS D 490 -46.23 -17.94 -47.91
C LYS D 490 -46.11 -17.38 -49.30
N CYS D 491 -45.56 -16.16 -49.43
CA CYS D 491 -45.36 -15.59 -50.74
C CYS D 491 -44.00 -15.98 -51.26
N LEU D 492 -43.10 -16.42 -50.36
CA LEU D 492 -41.83 -17.02 -50.65
C LEU D 492 -41.85 -18.51 -50.88
N GLU D 493 -42.94 -19.22 -50.56
CA GLU D 493 -43.02 -20.63 -50.83
C GLU D 493 -43.11 -21.01 -52.27
N GLU D 494 -43.81 -20.26 -53.13
CA GLU D 494 -43.75 -20.53 -54.54
C GLU D 494 -42.44 -20.09 -55.17
N GLN D 495 -41.59 -19.38 -54.40
CA GLN D 495 -40.28 -18.94 -54.85
C GLN D 495 -39.19 -19.95 -54.60
N GLY D 496 -38.01 -19.72 -55.24
CA GLY D 496 -36.90 -20.61 -55.08
C GLY D 496 -36.08 -20.34 -53.85
N LEU D 497 -36.66 -19.63 -52.87
CA LEU D 497 -36.01 -19.33 -51.63
C LEU D 497 -36.67 -20.29 -50.71
N LYS D 498 -36.01 -21.41 -50.38
CA LYS D 498 -36.72 -22.43 -49.66
C LYS D 498 -36.30 -22.44 -48.24
N PHE D 499 -37.29 -22.56 -47.32
CA PHE D 499 -36.97 -22.58 -45.92
C PHE D 499 -36.93 -24.02 -45.53
N VAL D 500 -35.77 -24.42 -44.98
CA VAL D 500 -35.48 -25.78 -44.64
C VAL D 500 -35.57 -26.05 -43.17
N GLY D 501 -35.17 -25.10 -42.30
CA GLY D 501 -35.15 -25.42 -40.89
C GLY D 501 -36.18 -24.62 -40.16
N GLN D 502 -36.80 -25.25 -39.14
CA GLN D 502 -37.82 -24.61 -38.37
C GLN D 502 -37.66 -25.02 -36.95
N ASP D 503 -38.23 -24.21 -36.05
CA ASP D 503 -38.23 -24.54 -34.65
C ASP D 503 -39.21 -25.66 -34.50
N VAL D 504 -39.31 -26.21 -33.28
CA VAL D 504 -40.14 -27.36 -33.05
C VAL D 504 -41.58 -27.02 -33.30
N GLU D 505 -41.98 -25.77 -32.97
CA GLU D 505 -43.35 -25.37 -33.14
C GLU D 505 -43.65 -25.26 -34.61
N GLY D 506 -42.60 -25.18 -35.45
CA GLY D 506 -42.84 -25.08 -36.86
C GLY D 506 -43.10 -23.66 -37.23
N GLU D 507 -42.82 -22.72 -36.32
CA GLU D 507 -43.09 -21.33 -36.55
C GLU D 507 -41.85 -20.57 -36.96
N ARG D 508 -40.83 -20.47 -36.07
CA ARG D 508 -39.65 -19.71 -36.39
C ARG D 508 -38.82 -20.43 -37.41
N MET D 509 -38.25 -19.68 -38.39
CA MET D 509 -37.44 -20.27 -39.42
C MET D 509 -36.01 -20.19 -38.98
N GLU D 510 -35.28 -21.30 -39.12
CA GLU D 510 -33.88 -21.36 -38.81
C GLU D 510 -32.96 -21.59 -39.99
N ILE D 511 -33.38 -22.33 -41.03
CA ILE D 511 -32.48 -22.54 -42.12
C ILE D 511 -33.15 -22.17 -43.41
N VAL D 512 -32.42 -21.46 -44.29
CA VAL D 512 -32.91 -21.18 -45.61
C VAL D 512 -31.86 -21.54 -46.60
N GLU D 513 -32.28 -22.17 -47.72
CA GLU D 513 -31.37 -22.54 -48.75
C GLU D 513 -31.92 -22.05 -50.04
N LEU D 514 -31.16 -21.17 -50.72
CA LEU D 514 -31.60 -20.61 -51.97
C LEU D 514 -31.36 -21.67 -53.00
N GLU D 515 -32.38 -21.97 -53.82
CA GLU D 515 -32.21 -22.98 -54.83
C GLU D 515 -31.53 -22.38 -56.01
N ASP D 516 -30.87 -23.25 -56.81
CA ASP D 516 -30.23 -22.85 -58.03
C ASP D 516 -29.13 -21.87 -57.72
N HIS D 517 -28.28 -22.20 -56.73
CA HIS D 517 -27.19 -21.35 -56.36
C HIS D 517 -26.16 -22.29 -55.81
N PRO D 518 -24.93 -22.16 -56.23
CA PRO D 518 -23.88 -23.03 -55.77
C PRO D 518 -23.86 -23.10 -54.28
N PHE D 519 -24.09 -21.98 -53.58
CA PHE D 519 -24.07 -22.01 -52.14
C PHE D 519 -24.55 -20.69 -51.67
N PHE D 520 -25.79 -20.64 -51.14
CA PHE D 520 -26.35 -19.42 -50.65
C PHE D 520 -27.25 -19.89 -49.56
N VAL D 521 -26.77 -19.91 -48.31
CA VAL D 521 -27.63 -20.35 -47.26
C VAL D 521 -27.57 -19.38 -46.13
N GLY D 522 -28.59 -19.46 -45.24
CA GLY D 522 -28.64 -18.58 -44.11
C GLY D 522 -29.10 -19.40 -42.93
N VAL D 523 -28.53 -19.12 -41.74
CA VAL D 523 -28.98 -19.76 -40.54
C VAL D 523 -29.15 -18.71 -39.49
N GLN D 524 -30.08 -18.95 -38.54
CA GLN D 524 -30.27 -18.08 -37.40
C GLN D 524 -29.42 -18.53 -36.26
N TYR D 525 -29.33 -19.86 -36.07
CA TYR D 525 -28.63 -20.46 -34.97
C TYR D 525 -27.15 -20.23 -35.18
N HIS D 526 -26.32 -20.55 -34.15
CA HIS D 526 -24.94 -20.17 -34.19
C HIS D 526 -24.08 -21.37 -33.97
N PRO D 527 -23.62 -21.96 -35.06
CA PRO D 527 -22.97 -23.24 -35.07
C PRO D 527 -21.53 -23.12 -34.67
N GLU D 528 -20.98 -21.90 -34.69
CA GLU D 528 -19.57 -21.71 -34.45
C GLU D 528 -19.31 -21.99 -33.02
N PHE D 529 -20.37 -22.05 -32.20
CA PHE D 529 -20.18 -22.32 -30.81
C PHE D 529 -19.94 -23.79 -30.59
N LEU D 530 -20.39 -24.65 -31.52
CA LEU D 530 -20.35 -26.07 -31.36
C LEU D 530 -19.29 -26.70 -32.22
N SER D 531 -18.81 -25.97 -33.25
CA SER D 531 -17.74 -26.44 -34.10
C SER D 531 -16.50 -26.71 -33.31
N ARG D 532 -15.85 -27.84 -33.66
CA ARG D 532 -14.65 -28.27 -32.99
C ARG D 532 -13.70 -28.70 -34.04
N PRO D 533 -12.43 -28.66 -33.71
CA PRO D 533 -11.39 -29.07 -34.61
C PRO D 533 -11.64 -30.45 -35.11
N ILE D 534 -12.16 -31.34 -34.25
CA ILE D 534 -12.40 -32.68 -34.68
C ILE D 534 -13.66 -32.75 -35.50
N LYS D 535 -14.75 -32.09 -35.03
CA LYS D 535 -16.03 -32.11 -35.68
C LYS D 535 -16.35 -30.70 -36.07
N PRO D 536 -15.87 -30.25 -37.19
CA PRO D 536 -16.24 -28.92 -37.61
C PRO D 536 -17.67 -28.81 -38.04
N SER D 537 -18.30 -27.63 -37.81
CA SER D 537 -19.69 -27.49 -38.13
C SER D 537 -19.76 -27.39 -39.61
N PRO D 538 -20.87 -27.77 -40.17
CA PRO D 538 -20.90 -27.96 -41.59
C PRO D 538 -21.21 -26.74 -42.41
N PRO D 539 -21.75 -25.67 -41.88
CA PRO D 539 -22.06 -24.55 -42.74
C PRO D 539 -20.83 -23.79 -43.08
N TYR D 540 -19.78 -23.91 -42.25
CA TYR D 540 -18.53 -23.25 -42.49
C TYR D 540 -17.67 -24.15 -43.34
N PHE D 541 -17.75 -25.46 -43.09
CA PHE D 541 -16.98 -26.42 -43.85
C PHE D 541 -17.54 -26.42 -45.24
N GLY D 542 -18.88 -26.48 -45.36
CA GLY D 542 -19.52 -26.47 -46.65
C GLY D 542 -19.23 -25.18 -47.35
N LEU D 543 -19.33 -24.03 -46.65
CA LEU D 543 -18.95 -22.79 -47.27
C LEU D 543 -17.55 -22.86 -47.80
N LEU D 544 -16.62 -23.50 -47.07
CA LEU D 544 -15.25 -23.53 -47.49
C LEU D 544 -15.17 -24.29 -48.77
N LEU D 545 -15.82 -25.45 -48.77
CA LEU D 545 -15.87 -26.34 -49.89
C LEU D 545 -16.39 -25.62 -51.08
N ALA D 546 -17.44 -24.80 -50.96
CA ALA D 546 -17.94 -23.98 -52.04
C ALA D 546 -16.98 -22.93 -52.49
N SER D 547 -16.34 -22.27 -51.51
CA SER D 547 -15.32 -21.29 -51.79
C SER D 547 -14.19 -21.84 -52.63
N VAL D 548 -13.78 -23.09 -52.33
CA VAL D 548 -12.89 -23.91 -53.12
C VAL D 548 -13.39 -24.48 -54.44
N GLY D 549 -14.64 -25.00 -54.51
CA GLY D 549 -15.26 -25.52 -55.70
C GLY D 549 -14.85 -26.97 -55.88
N ARG D 550 -14.95 -27.68 -54.76
CA ARG D 550 -14.81 -28.96 -54.11
C ARG D 550 -16.02 -29.70 -53.54
N LEU D 551 -16.97 -28.94 -52.95
CA LEU D 551 -18.25 -29.31 -52.40
C LEU D 551 -19.01 -30.31 -53.21
N SER D 552 -19.08 -30.17 -54.55
CA SER D 552 -19.90 -31.09 -55.28
C SER D 552 -19.19 -32.40 -55.33
N HIS D 553 -17.86 -32.36 -55.52
CA HIS D 553 -17.05 -33.53 -55.51
C HIS D 553 -17.13 -34.20 -54.17
N TYR D 554 -17.05 -33.41 -53.07
CA TYR D 554 -17.11 -33.86 -51.72
C TYR D 554 -18.33 -34.71 -51.51
N LEU D 555 -19.51 -34.20 -51.88
CA LEU D 555 -20.74 -34.89 -51.63
C LEU D 555 -20.78 -36.10 -52.49
N GLN D 556 -20.29 -35.94 -53.74
CA GLN D 556 -20.30 -36.94 -54.76
C GLN D 556 -19.40 -38.06 -54.31
N LYS D 557 -18.24 -37.69 -53.74
CA LYS D 557 -17.24 -38.59 -53.25
C LYS D 557 -17.82 -39.40 -52.13
N GLY D 558 -18.75 -38.83 -51.34
CA GLY D 558 -19.33 -39.64 -50.31
C GLY D 558 -19.62 -38.85 -49.07
N CYS D 559 -19.45 -37.51 -49.10
CA CYS D 559 -19.75 -36.68 -47.94
C CYS D 559 -18.91 -37.11 -46.77
PG ATP E . 11.75 1.07 23.20
O1G ATP E . 11.70 1.85 24.54
O2G ATP E . 12.05 2.07 22.07
O3G ATP E . 12.74 -0.06 23.21
PB ATP E . 9.69 -1.20 23.43
O1B ATP E . 10.72 -2.29 23.30
O2B ATP E . 8.39 -1.64 22.71
O3B ATP E . 10.08 0.47 22.88
PA ATP E . 10.18 -0.80 26.26
O1A ATP E . 10.89 -2.07 26.62
O2A ATP E . 11.18 0.27 26.03
O3A ATP E . 9.32 -1.04 24.94
O5' ATP E . 9.06 -0.52 27.39
C5' ATP E . 8.17 0.61 27.30
C4' ATP E . 7.49 0.82 28.63
O4' ATP E . 6.37 -0.09 28.75
C3' ATP E . 8.35 0.63 29.88
O3' ATP E . 8.17 1.72 30.78
C2' ATP E . 7.86 -0.71 30.44
O2' ATP E . 7.96 -0.78 31.86
C1' ATP E . 6.40 -0.71 30.01
N9 ATP E . 5.79 -2.03 29.90
C8 ATP E . 5.91 -2.92 28.86
N7 ATP E . 5.18 -4.00 28.99
C5 ATP E . 4.55 -3.83 30.21
C6 ATP E . 3.67 -4.64 30.94
N6 ATP E . 3.25 -5.83 30.54
N1 ATP E . 3.23 -4.17 32.14
C2 ATP E . 3.69 -2.99 32.57
N3 ATP E . 4.52 -2.14 31.98
C4 ATP E . 4.92 -2.62 30.78
PA UTP F . 8.54 7.77 18.72
O1A UTP F . 9.04 8.72 19.81
O2A UTP F . 7.65 6.74 19.32
O3A UTP F . 7.74 8.60 17.63
O5' UTP F . 9.81 7.15 17.98
PB UTP F . 7.25 10.13 17.57
O1B UTP F . 7.03 10.52 16.15
O2B UTP F . 8.32 11.01 18.20
O3B UTP F . 5.91 10.24 18.42
PG UTP F . 5.45 9.62 19.81
O1G UTP F . 6.15 8.26 19.93
O2G UTP F . 5.81 10.54 20.91
O3G UTP F . 3.93 9.36 19.71
C5' UTP F . 9.81 5.99 17.11
C4' UTP F . 11.24 5.64 16.81
O4' UTP F . 11.70 4.63 17.73
C1' UTP F . 12.74 3.94 17.08
C2' UTP F . 12.31 3.81 15.63
O2' UTP F . 13.46 3.72 14.79
C3' UTP F . 11.53 5.11 15.40
O3' UTP F . 12.29 6.07 14.69
N1 UTP F . 12.95 2.64 17.77
C6 UTP F . 11.94 2.04 18.51
C2 UTP F . 14.22 2.10 17.73
O2 UTP F . 15.14 2.60 17.09
N3 UTP F . 14.40 0.97 18.49
C4 UTP F . 13.45 0.33 19.28
O4 UTP F . 13.78 -0.64 19.96
C5 UTP F . 12.15 0.93 19.25
PG ATP G . -20.07 4.96 15.83
O1G ATP G . -20.61 4.60 17.23
O2G ATP G . -19.96 3.65 15.01
O3G ATP G . -20.91 5.97 15.12
PB ATP G . -18.14 7.32 16.19
O1B ATP G . -18.96 8.27 15.35
O2B ATP G . -16.63 7.60 15.95
O3B ATP G . -18.38 5.54 16.03
PA ATP G . -19.74 7.72 18.58
O1A ATP G . -20.45 9.00 18.24
O2A ATP G . -20.63 6.57 18.29
O3A ATP G . -18.41 7.63 17.70
O5' ATP G . -19.20 7.86 20.08
C5' ATP G . -18.40 6.80 20.68
C4' ATP G . -18.32 7.02 22.18
O4' ATP G . -17.28 7.99 22.47
C3' ATP G . -19.59 7.51 22.87
O3' ATP G . -19.86 6.74 24.03
C2' ATP G . -19.28 8.98 23.17
O2' ATP G . -19.93 9.45 24.34
C1' ATP G . -17.78 8.94 23.37
N9 ATP G . -17.10 10.22 23.14
C8 ATP G . -16.74 10.76 21.94
N7 ATP G . -16.06 11.87 22.02
C5 ATP G . -15.98 12.10 23.39
C6 ATP G . -15.41 13.13 24.15
N6 ATP G . -14.80 14.19 23.62
N1 ATP G . -15.53 13.07 25.50
C2 ATP G . -16.17 12.04 26.04
N3 ATP G . -16.75 11.00 25.42
C4 ATP G . -16.62 11.09 24.09
PA UTP H . -15.76 -2.54 15.13
O1A UTP H . -16.71 -3.17 16.16
O2A UTP H . -15.12 -1.33 15.71
O3A UTP H . -14.64 -3.61 14.74
O5' UTP H . -16.60 -2.24 13.80
PB UTP H . -14.27 -5.05 15.32
O1B UTP H . -13.53 -5.82 14.29
O2B UTP H . -15.55 -5.78 15.71
O3B UTP H . -13.38 -4.83 16.63
PG UTP H . -13.48 -3.81 17.85
O1G UTP H . -14.09 -2.51 17.28
O2G UTP H . -14.31 -4.39 18.92
O3G UTP H . -12.03 -3.50 18.30
C5' UTP H . -16.18 -1.38 12.72
C4' UTP H . -17.35 -1.22 11.79
O4' UTP H . -18.07 -0.02 12.11
C1' UTP H . -18.72 0.40 10.94
C2' UTP H . -17.74 0.12 9.80
O2' UTP H . -18.45 -0.11 8.59
C3' UTP H . -17.02 -1.14 10.29
O3' UTP H . -17.49 -2.30 9.64
N1 UTP H . -19.11 1.82 11.08
C6 UTP H . -18.44 2.66 11.95
C2 UTP H . -20.22 2.24 10.38
O2 UTP H . -20.84 1.53 9.60
N3 UTP H . -20.62 3.53 10.65
C4 UTP H . -20.03 4.43 11.52
O4 UTP H . -20.53 5.54 11.70
C5 UTP H . -18.86 3.92 12.18
PG ATP I . 17.93 5.84 -17.96
O1G ATP I . 18.25 4.98 -16.72
O2G ATP I . 18.66 5.23 -19.18
O3G ATP I . 18.29 7.28 -17.74
PB ATP I . 15.31 7.02 -19.03
O1B ATP I . 13.77 6.80 -18.81
O2B ATP I . 15.65 8.44 -18.67
O3B ATP I . 16.17 5.65 -18.25
PA ATP I . 16.81 7.08 -21.51
O1A ATP I . 18.03 6.54 -20.88
O2A ATP I . 16.97 8.57 -21.71
O3A ATP I . 15.55 6.84 -20.56
O5' ATP I . 16.36 6.45 -22.92
C5' ATP I . 16.06 5.04 -23.04
C4' ATP I . 16.01 4.65 -24.49
O4' ATP I . 14.72 5.00 -25.03
C3' ATP I . 17.06 5.29 -25.40
O3' ATP I . 17.68 4.31 -26.22
C2' ATP I . 16.26 6.33 -26.20
O2' ATP I . 16.78 6.54 -27.51
C1' ATP I . 14.90 5.66 -26.27
N9 ATP I . 13.77 6.59 -26.46
C8 ATP I . 13.16 7.36 -25.51
N7 ATP I . 12.13 8.03 -25.96
C5 ATP I . 12.06 7.69 -27.31
C6 ATP I . 11.22 8.10 -28.35
N6 ATP I . 10.22 8.97 -28.20
N1 ATP I . 11.44 7.59 -29.57
C2 ATP I . 12.47 6.75 -29.75
N3 ATP I . 13.35 6.30 -28.85
C4 ATP I . 13.08 6.81 -27.63
PA UTP J . 16.64 -1.90 -14.28
O1A UTP J . 15.65 -1.31 -15.22
O2A UTP J . 17.83 -2.46 -15.08
O3A UTP J . 15.97 -3.08 -13.46
O5' UTP J . 17.20 -0.85 -13.22
PB UTP J . 16.19 -4.66 -13.44
O1B UTP J . 17.68 -4.95 -13.62
O2B UTP J . 15.71 -5.22 -12.15
O3B UTP J . 15.38 -5.28 -14.67
PG UTP J . 15.18 -4.81 -16.18
O1G UTP J . 16.25 -5.40 -17.03
O2G UTP J . 15.23 -3.29 -16.18
O3G UTP J . 13.76 -5.25 -16.60
C5' UTP J . 16.42 0.12 -12.50
C4' UTP J . 17.37 1.02 -11.77
O4' UTP J . 17.63 2.21 -12.56
C1' UTP J . 17.99 3.23 -11.67
C2' UTP J . 17.10 3.05 -10.44
O2' UTP J . 17.75 3.55 -9.28
C3' UTP J . 16.93 1.52 -10.39
O3' UTP J . 17.75 0.93 -9.40
N1 UTP J . 17.84 4.53 -12.34
C6 UTP J . 16.98 4.69 -13.41
C2 UTP J . 18.67 5.56 -11.93
O2 UTP J . 19.44 5.45 -10.99
N3 UTP J . 18.58 6.71 -12.68
C4 UTP J . 17.77 6.94 -13.77
O4 UTP J . 17.84 8.02 -14.38
C5 UTP J . 16.91 5.83 -14.13
PG ATP K . -9.60 -11.87 -21.08
O1G ATP K . -10.33 -10.72 -20.37
O2G ATP K . -9.76 -11.68 -22.61
O3G ATP K . -10.11 -13.21 -20.61
PB ATP K . -6.84 -13.15 -20.62
O1B ATP K . -5.53 -12.77 -19.89
O2B ATP K . -7.40 -14.42 -20.03
O3B ATP K . -7.86 -11.66 -20.69
PA ATP K . -7.24 -14.01 -23.36
O1A ATP K . -8.58 -13.38 -23.47
O2A ATP K . -7.40 -15.50 -23.18
O3A ATP K . -6.45 -13.42 -22.11
O5' ATP K . -6.23 -13.78 -24.59
C5' ATP K . -5.83 -12.45 -24.98
C4' ATP K . -5.17 -12.51 -26.34
O4' ATP K . -3.79 -12.92 -26.21
C3' ATP K . -5.82 -13.44 -27.37
O3' ATP K . -5.99 -12.77 -28.61
C2' ATP K . -4.83 -14.61 -27.45
O2' ATP K . -4.79 -15.23 -28.73
C1' ATP K . -3.51 -13.91 -27.15
N9 ATP K . -2.47 -14.78 -26.62
C8 ATP K . -2.31 -15.20 -25.32
N7 ATP K . -1.24 -15.92 -25.09
C5 ATP K . -0.63 -15.98 -26.34
C6 ATP K . 0.53 -16.62 -26.79
N6 ATP K . 1.34 -17.35 -26.01
N1 ATP K . 0.84 -16.50 -28.11
C2 ATP K . 0.03 -15.80 -28.91
N3 ATP K . -1.10 -15.17 -28.59
C4 ATP K . -1.38 -15.29 -27.29
PA UTP L . -9.41 -3.34 -19.59
O1A UTP L . -8.16 -4.10 -19.84
O2A UTP L . -10.14 -3.09 -20.93
O3A UTP L . -9.05 -1.92 -18.95
O5' UTP L . -10.41 -4.06 -18.59
PB UTP L . -9.17 -0.43 -19.48
O1B UTP L . -10.43 -0.28 -20.32
O2B UTP L . -9.20 0.51 -18.32
O3B UTP L . -7.90 -0.14 -20.41
PG UTP L . -7.14 -1.01 -21.51
O1G UTP L . -7.74 -0.76 -22.84
O2G UTP L . -7.29 -2.47 -21.09
O3G UTP L . -5.64 -0.64 -21.44
C5' UTP L . -10.04 -4.73 -17.37
C4' UTP L . -11.26 -5.45 -16.86
O4' UTP L . -11.25 -6.82 -17.31
C1' UTP L . -12.01 -7.56 -16.38
C2' UTP L . -11.66 -6.97 -15.02
O2' UTP L . -12.76 -7.16 -14.11
C3' UTP L . -11.43 -5.48 -15.33
O3' UTP L . -12.55 -4.70 -14.97
N1 UTP L . -11.68 -8.99 -16.54
C6 UTP L . -10.47 -9.40 -17.06
C2 UTP L . -12.66 -9.90 -16.20
O2 UTP L . -13.74 -9.58 -15.72
N3 UTP L . -12.36 -11.22 -16.48
C4 UTP L . -11.18 -11.70 -17.05
O4 UTP L . -11.08 -12.91 -17.30
C5 UTP L . -10.20 -10.69 -17.34
#